data_9BZ8
#
_entry.id   9BZ8
#
_cell.length_a   1.00
_cell.length_b   1.00
_cell.length_c   1.00
_cell.angle_alpha   90.00
_cell.angle_beta   90.00
_cell.angle_gamma   90.00
#
_symmetry.space_group_name_H-M   'P 1'
#
_entity_poly.entity_id   1
_entity_poly.type   'polypeptide(L)'
_entity_poly.pdbx_seq_one_letter_code
;AIAHIATEYVFSDFLLKDPPESKYKGLRLELAVDKLVSCIAVGLPLLLISLAFAQEITLGSQISCFAPTSFSWRQAAYVD
SFCWAAVQQKHLSQSDSGNVPLWLHKFFPYILLLVAVLLYLPNLFWRFTAAPHLSSDLKFVMEELDKCYNRDIKDIKAAN
NLNSSDKRDGLNSPVVSENLQQSLWEIPLSHYKYPIVEQYLKTKNNSYGLIIKYLICRVVTLIIVFTACIYLGYYISLFS
LTDEFTCNIRTGILRNDTALPPLVQCKLIAVGVFRLLSYINLIIYVLIMPFIIYAMLVPFRKTANVLKVYEVLPTFSVQQ
APSKTYDDHSLFLLFLEENVSELKSYKFLKVLENIKNTGENFDTIQYLTSLGTVK
;
_entity_poly.pdbx_strand_id   A,B,C,D,E,F,G
#
# COMPACT_ATOMS: atom_id res chain seq x y z
N ALA A 1 -6.21 -18.57 4.49
CA ALA A 1 -6.82 -18.37 3.18
C ALA A 1 -8.33 -18.21 3.31
N ILE A 2 -8.95 -19.12 4.05
CA ILE A 2 -10.39 -19.04 4.27
C ILE A 2 -10.75 -17.76 5.01
N ALA A 3 -10.01 -17.46 6.08
CA ALA A 3 -10.28 -16.26 6.86
C ALA A 3 -9.98 -14.99 6.06
N HIS A 4 -8.95 -15.01 5.21
CA HIS A 4 -8.69 -13.86 4.35
C HIS A 4 -9.84 -13.62 3.39
N ILE A 5 -10.38 -14.69 2.80
CA ILE A 5 -11.55 -14.57 1.93
C ILE A 5 -12.73 -14.00 2.68
N ALA A 6 -12.95 -14.48 3.91
CA ALA A 6 -14.04 -13.97 4.73
C ALA A 6 -13.88 -12.48 5.01
N THR A 7 -12.67 -12.06 5.38
CA THR A 7 -12.43 -10.66 5.67
C THR A 7 -12.64 -9.78 4.43
N GLU A 8 -12.16 -10.24 3.28
CA GLU A 8 -12.19 -9.41 2.09
C GLU A 8 -13.52 -9.47 1.34
N TYR A 9 -14.41 -10.42 1.66
CA TYR A 9 -15.67 -10.53 0.95
C TYR A 9 -16.90 -10.38 1.83
N VAL A 10 -16.76 -10.45 3.15
CA VAL A 10 -17.89 -10.34 4.07
C VAL A 10 -17.74 -9.15 5.01
N PHE A 11 -16.67 -9.13 5.81
CA PHE A 11 -16.50 -8.10 6.82
C PHE A 11 -16.06 -6.77 6.22
N SER A 12 -15.27 -6.79 5.15
CA SER A 12 -14.93 -5.56 4.45
C SER A 12 -16.06 -5.17 3.52
N ASP A 13 -16.29 -3.86 3.39
CA ASP A 13 -17.36 -3.37 2.53
C ASP A 13 -17.04 -3.67 1.07
N PHE A 14 -18.00 -4.29 0.38
CA PHE A 14 -17.81 -4.70 -1.01
C PHE A 14 -18.67 -3.86 -1.97
N LEU A 15 -19.98 -3.83 -1.75
CA LEU A 15 -20.87 -2.99 -2.54
C LEU A 15 -21.78 -2.14 -1.66
N LEU A 16 -21.50 -2.04 -0.36
CA LEU A 16 -22.36 -1.34 0.58
C LEU A 16 -21.95 0.12 0.77
N LYS A 17 -20.71 0.34 1.23
CA LYS A 17 -20.28 1.68 1.61
C LYS A 17 -19.04 2.13 0.85
N ASP A 18 -18.90 1.73 -0.41
CA ASP A 18 -17.81 2.22 -1.25
C ASP A 18 -18.35 3.31 -2.16
N PRO A 19 -17.98 4.57 -1.96
CA PRO A 19 -18.54 5.66 -2.77
C PRO A 19 -17.82 5.78 -4.10
N PRO A 20 -18.51 5.57 -5.21
CA PRO A 20 -17.86 5.68 -6.53
C PRO A 20 -17.48 7.11 -6.89
N GLU A 21 -18.43 8.03 -6.78
CA GLU A 21 -18.24 9.43 -7.17
C GLU A 21 -18.76 10.37 -6.09
N SER A 22 -18.36 10.11 -4.84
CA SER A 22 -18.71 11.02 -3.75
C SER A 22 -18.06 12.38 -3.96
N LYS A 23 -18.88 13.40 -4.22
CA LYS A 23 -18.42 14.75 -4.52
C LYS A 23 -17.47 14.72 -5.73
N TYR A 24 -18.02 14.30 -6.86
CA TYR A 24 -17.23 14.17 -8.09
C TYR A 24 -16.71 15.54 -8.53
N LYS A 25 -15.42 15.59 -8.86
CA LYS A 25 -14.76 16.82 -9.27
C LYS A 25 -14.47 16.80 -10.76
N GLY A 26 -13.93 17.91 -11.26
CA GLY A 26 -13.61 18.00 -12.66
C GLY A 26 -14.85 18.08 -13.53
N LEU A 27 -14.68 17.74 -14.80
CA LEU A 27 -15.75 17.75 -15.78
C LEU A 27 -15.84 16.40 -16.47
N ARG A 28 -17.03 16.07 -16.95
CA ARG A 28 -17.28 14.82 -17.66
C ARG A 28 -17.03 15.05 -19.14
N LEU A 29 -15.82 14.70 -19.60
CA LEU A 29 -15.42 14.91 -20.98
C LEU A 29 -15.83 13.77 -21.90
N GLU A 30 -16.44 12.72 -21.38
CA GLU A 30 -16.88 11.58 -22.18
C GLU A 30 -18.35 11.28 -21.88
N LEU A 31 -19.09 10.89 -22.91
CA LEU A 31 -20.49 10.53 -22.73
C LEU A 31 -20.61 9.21 -21.97
N ALA A 32 -21.75 9.04 -21.29
CA ALA A 32 -21.95 7.84 -20.48
C ALA A 32 -21.99 6.59 -21.34
N VAL A 33 -22.72 6.63 -22.46
CA VAL A 33 -22.79 5.47 -23.34
C VAL A 33 -21.43 5.16 -23.95
N ASP A 34 -20.72 6.19 -24.40
CA ASP A 34 -19.39 5.98 -24.97
C ASP A 34 -18.43 5.43 -23.93
N LYS A 35 -18.48 5.97 -22.71
CA LYS A 35 -17.61 5.48 -21.65
C LYS A 35 -17.89 4.01 -21.33
N LEU A 36 -19.17 3.66 -21.24
CA LEU A 36 -19.53 2.27 -20.95
C LEU A 36 -19.08 1.34 -22.07
N VAL A 37 -19.30 1.75 -23.32
CA VAL A 37 -18.92 0.91 -24.45
C VAL A 37 -17.41 0.71 -24.49
N SER A 38 -16.65 1.80 -24.31
CA SER A 38 -15.20 1.69 -24.31
C SER A 38 -14.71 0.82 -23.16
N CYS A 39 -15.28 0.99 -21.97
CA CYS A 39 -14.87 0.19 -20.82
C CYS A 39 -15.14 -1.29 -21.07
N ILE A 40 -16.31 -1.62 -21.63
CA ILE A 40 -16.63 -3.01 -21.91
C ILE A 40 -15.66 -3.57 -22.95
N ALA A 41 -15.47 -2.85 -24.06
CA ALA A 41 -14.62 -3.34 -25.14
C ALA A 41 -13.17 -3.48 -24.72
N VAL A 42 -12.73 -2.69 -23.74
CA VAL A 42 -11.34 -2.78 -23.30
C VAL A 42 -11.18 -3.88 -22.25
N GLY A 43 -12.04 -3.89 -21.23
CA GLY A 43 -11.91 -4.82 -20.13
C GLY A 43 -12.47 -6.20 -20.35
N LEU A 44 -13.15 -6.47 -21.47
CA LEU A 44 -13.62 -7.83 -21.71
C LEU A 44 -12.48 -8.76 -22.12
N PRO A 45 -11.66 -8.43 -23.13
CA PRO A 45 -10.55 -9.34 -23.46
C PRO A 45 -9.55 -9.52 -22.33
N LEU A 46 -9.30 -8.49 -21.52
CA LEU A 46 -8.40 -8.65 -20.39
C LEU A 46 -8.95 -9.62 -19.37
N LEU A 47 -10.24 -9.49 -19.04
CA LEU A 47 -10.88 -10.43 -18.13
C LEU A 47 -10.85 -11.85 -18.71
N LEU A 48 -11.05 -11.97 -20.02
CA LEU A 48 -11.07 -13.29 -20.63
C LEU A 48 -9.70 -13.95 -20.61
N ILE A 49 -8.64 -13.19 -20.90
CA ILE A 49 -7.31 -13.78 -20.86
C ILE A 49 -6.90 -14.07 -19.42
N SER A 50 -7.37 -13.28 -18.45
CA SER A 50 -7.11 -13.61 -17.05
C SER A 50 -7.82 -14.90 -16.66
N LEU A 51 -9.05 -15.11 -17.14
CA LEU A 51 -9.78 -16.32 -16.82
C LEU A 51 -9.21 -17.54 -17.52
N ALA A 52 -8.66 -17.36 -18.73
CA ALA A 52 -8.20 -18.50 -19.52
C ALA A 52 -7.06 -19.25 -18.85
N PHE A 53 -6.22 -18.55 -18.08
CA PHE A 53 -5.05 -19.15 -17.46
C PHE A 53 -5.15 -19.17 -15.93
N ALA A 54 -6.36 -19.08 -15.38
CA ALA A 54 -6.54 -19.17 -13.95
C ALA A 54 -6.20 -20.59 -13.47
N GLN A 55 -5.62 -20.68 -12.27
CA GLN A 55 -5.23 -21.97 -11.73
C GLN A 55 -6.42 -22.87 -11.45
N GLU A 56 -7.63 -22.31 -11.42
CA GLU A 56 -8.84 -23.11 -11.17
C GLU A 56 -9.24 -23.95 -12.37
N ILE A 57 -8.72 -23.65 -13.55
CA ILE A 57 -9.11 -24.37 -14.77
C ILE A 57 -7.93 -24.96 -15.51
N THR A 58 -6.70 -24.55 -15.22
CA THR A 58 -5.51 -25.11 -15.86
C THR A 58 -4.95 -26.23 -15.00
N LEU A 59 -4.77 -27.40 -15.61
CA LEU A 59 -4.28 -28.56 -14.89
C LEU A 59 -2.76 -28.66 -14.94
N GLY A 60 -2.19 -28.77 -16.15
CA GLY A 60 -0.76 -28.92 -16.29
C GLY A 60 -0.13 -27.90 -17.20
N SER A 61 0.53 -28.38 -18.25
CA SER A 61 1.25 -27.52 -19.17
C SER A 61 0.32 -27.06 -20.30
N GLN A 62 0.85 -26.18 -21.16
CA GLN A 62 0.09 -25.74 -22.33
C GLN A 62 -0.16 -26.90 -23.30
N ILE A 63 0.84 -27.75 -23.49
CA ILE A 63 0.72 -28.91 -24.36
C ILE A 63 1.17 -30.15 -23.58
N SER A 64 0.68 -31.31 -24.00
CA SER A 64 1.06 -32.57 -23.39
C SER A 64 1.45 -33.56 -24.49
N CYS A 65 2.67 -34.08 -24.43
CA CYS A 65 3.17 -35.00 -25.44
C CYS A 65 3.40 -36.37 -24.82
N PHE A 66 3.14 -37.41 -25.62
CA PHE A 66 3.28 -38.80 -25.17
C PHE A 66 4.64 -39.31 -25.62
N ALA A 67 5.65 -39.10 -24.77
CA ALA A 67 6.98 -39.59 -25.06
C ALA A 67 7.06 -41.10 -24.84
N PRO A 68 7.98 -41.79 -25.52
CA PRO A 68 8.13 -43.23 -25.29
C PRO A 68 8.59 -43.53 -23.87
N THR A 69 8.27 -44.75 -23.43
CA THR A 69 8.61 -45.15 -22.07
C THR A 69 10.11 -45.19 -21.82
N SER A 70 10.90 -45.48 -22.86
CA SER A 70 12.35 -45.54 -22.70
C SER A 70 12.95 -44.17 -22.42
N PHE A 71 12.26 -43.09 -22.76
CA PHE A 71 12.77 -41.75 -22.51
C PHE A 71 12.78 -41.46 -21.01
N SER A 72 13.80 -40.73 -20.57
CA SER A 72 13.88 -40.30 -19.18
C SER A 72 13.07 -39.02 -19.00
N TRP A 73 13.14 -38.45 -17.79
CA TRP A 73 12.41 -37.21 -17.51
C TRP A 73 12.93 -36.07 -18.38
N ARG A 74 14.26 -35.93 -18.48
CA ARG A 74 14.82 -34.81 -19.21
C ARG A 74 14.57 -34.94 -20.71
N GLN A 75 14.63 -36.16 -21.24
CA GLN A 75 14.34 -36.35 -22.66
C GLN A 75 12.89 -36.04 -22.97
N ALA A 76 11.96 -36.44 -22.09
CA ALA A 76 10.55 -36.12 -22.29
C ALA A 76 10.30 -34.62 -22.18
N ALA A 77 10.98 -33.96 -21.24
CA ALA A 77 10.85 -32.51 -21.13
C ALA A 77 11.39 -31.82 -22.38
N TYR A 78 12.51 -32.31 -22.92
CA TYR A 78 13.03 -31.79 -24.17
C TYR A 78 12.02 -32.00 -25.30
N VAL A 79 11.36 -33.16 -25.33
CA VAL A 79 10.35 -33.42 -26.35
C VAL A 79 9.22 -32.40 -26.23
N ASP A 80 8.74 -32.18 -25.01
CA ASP A 80 7.65 -31.23 -24.81
C ASP A 80 8.06 -29.83 -25.27
N SER A 81 9.24 -29.38 -24.86
CA SER A 81 9.70 -28.04 -25.23
C SER A 81 9.93 -27.94 -26.74
N PHE A 82 10.45 -29.00 -27.37
CA PHE A 82 10.67 -28.97 -28.81
C PHE A 82 9.36 -28.87 -29.58
N CYS A 83 8.36 -29.66 -29.16
CA CYS A 83 7.08 -29.62 -29.88
C CYS A 83 6.39 -28.28 -29.65
N TRP A 84 6.51 -27.72 -28.43
CA TRP A 84 6.01 -26.38 -28.15
C TRP A 84 6.73 -25.30 -28.95
N ALA A 85 8.02 -25.49 -29.24
CA ALA A 85 8.74 -24.52 -30.05
C ALA A 85 8.37 -24.63 -31.52
N ALA A 86 8.13 -25.87 -31.99
CA ALA A 86 7.73 -26.09 -33.37
C ALA A 86 6.26 -25.82 -33.61
N VAL A 87 5.45 -25.65 -32.55
CA VAL A 87 4.04 -25.34 -32.73
C VAL A 87 3.88 -23.99 -33.41
N GLN A 88 4.91 -23.16 -33.39
CA GLN A 88 4.85 -21.86 -34.06
C GLN A 88 5.18 -21.99 -35.54
N GLN A 89 6.39 -22.46 -35.85
CA GLN A 89 6.83 -22.53 -37.25
C GLN A 89 6.14 -23.65 -38.01
N LYS A 90 5.63 -24.67 -37.29
CA LYS A 90 4.94 -25.80 -37.90
C LYS A 90 5.78 -26.47 -39.00
N VAL A 100 -1.63 -23.06 -39.55
CA VAL A 100 -2.17 -21.84 -38.96
C VAL A 100 -2.86 -22.01 -37.58
N PRO A 101 -3.60 -23.10 -37.33
CA PRO A 101 -4.24 -23.22 -36.01
C PRO A 101 -3.26 -23.26 -34.85
N LEU A 102 -2.08 -23.85 -35.06
CA LEU A 102 -1.16 -24.10 -33.95
C LEU A 102 -0.61 -22.80 -33.37
N TRP A 103 -0.08 -21.93 -34.23
CA TRP A 103 0.44 -20.65 -33.75
C TRP A 103 -0.68 -19.76 -33.23
N LEU A 104 -1.88 -19.89 -33.80
CA LEU A 104 -3.02 -19.13 -33.28
C LEU A 104 -3.35 -19.57 -31.85
N HIS A 105 -3.33 -20.87 -31.59
CA HIS A 105 -3.55 -21.33 -30.22
C HIS A 105 -2.43 -20.86 -29.30
N LYS A 106 -1.20 -20.86 -29.79
CA LYS A 106 -0.08 -20.40 -28.97
C LYS A 106 -0.21 -18.94 -28.59
N PHE A 107 -0.64 -18.10 -29.54
CA PHE A 107 -0.64 -16.65 -29.37
C PHE A 107 -2.03 -16.04 -29.15
N PHE A 108 -3.03 -16.86 -28.86
CA PHE A 108 -4.36 -16.34 -28.53
C PHE A 108 -4.36 -15.25 -27.47
N PRO A 109 -3.70 -15.41 -26.32
CA PRO A 109 -3.65 -14.28 -25.36
C PRO A 109 -2.97 -13.05 -25.94
N TYR A 110 -1.94 -13.24 -26.76
CA TYR A 110 -1.27 -12.10 -27.40
C TYR A 110 -2.22 -11.37 -28.34
N ILE A 111 -3.00 -12.11 -29.12
CA ILE A 111 -3.93 -11.48 -30.05
C ILE A 111 -5.03 -10.73 -29.29
N LEU A 112 -5.54 -11.33 -28.21
CA LEU A 112 -6.56 -10.64 -27.43
C LEU A 112 -6.00 -9.38 -26.76
N LEU A 113 -4.74 -9.44 -26.29
CA LEU A 113 -4.11 -8.25 -25.74
C LEU A 113 -3.94 -7.17 -26.80
N LEU A 114 -3.54 -7.57 -28.02
CA LEU A 114 -3.42 -6.61 -29.10
C LEU A 114 -4.76 -5.96 -29.42
N VAL A 115 -5.84 -6.75 -29.42
CA VAL A 115 -7.18 -6.21 -29.64
C VAL A 115 -7.53 -5.21 -28.55
N ALA A 116 -7.25 -5.55 -27.29
CA ALA A 116 -7.56 -4.65 -26.18
C ALA A 116 -6.79 -3.34 -26.29
N VAL A 117 -5.50 -3.42 -26.63
CA VAL A 117 -4.68 -2.22 -26.77
C VAL A 117 -5.17 -1.35 -27.92
N LEU A 118 -5.51 -1.99 -29.06
CA LEU A 118 -6.02 -1.23 -30.20
C LEU A 118 -7.34 -0.55 -29.87
N LEU A 119 -8.20 -1.23 -29.08
CA LEU A 119 -9.45 -0.62 -28.68
C LEU A 119 -9.25 0.52 -27.68
N TYR A 120 -8.23 0.41 -26.83
CA TYR A 120 -7.93 1.48 -25.87
C TYR A 120 -7.27 2.68 -26.53
N LEU A 121 -6.61 2.49 -27.67
CA LEU A 121 -5.89 3.59 -28.31
C LEU A 121 -6.76 4.79 -28.68
N PRO A 122 -7.90 4.63 -29.37
CA PRO A 122 -8.64 5.83 -29.81
C PRO A 122 -9.16 6.69 -28.67
N ASN A 123 -9.57 6.08 -27.56
CA ASN A 123 -10.03 6.87 -26.42
C ASN A 123 -8.87 7.67 -25.82
N LEU A 124 -7.67 7.09 -25.77
CA LEU A 124 -6.51 7.84 -25.31
C LEU A 124 -6.19 8.99 -26.26
N PHE A 125 -6.32 8.74 -27.56
CA PHE A 125 -6.09 9.82 -28.54
C PHE A 125 -7.09 10.96 -28.34
N TRP A 126 -8.37 10.62 -28.15
CA TRP A 126 -9.38 11.64 -27.90
C TRP A 126 -9.10 12.40 -26.61
N ARG A 127 -8.68 11.68 -25.57
CA ARG A 127 -8.41 12.32 -24.29
C ARG A 127 -7.18 13.22 -24.34
N PHE A 128 -6.21 12.91 -25.20
CA PHE A 128 -4.98 13.70 -25.26
C PHE A 128 -5.04 14.82 -26.28
N THR A 129 -5.89 14.73 -27.31
CA THR A 129 -5.95 15.76 -28.33
C THR A 129 -7.30 16.47 -28.43
N ALA A 130 -8.28 16.12 -27.59
CA ALA A 130 -9.57 16.80 -27.60
C ALA A 130 -10.12 17.16 -26.23
N ALA A 131 -9.66 16.51 -25.16
CA ALA A 131 -10.23 16.78 -23.83
C ALA A 131 -9.97 18.20 -23.34
N PRO A 132 -8.75 18.74 -23.41
CA PRO A 132 -8.51 20.05 -22.77
C PRO A 132 -9.32 21.19 -23.39
N HIS A 133 -9.36 21.26 -24.73
CA HIS A 133 -10.10 22.33 -25.37
C HIS A 133 -11.59 22.26 -25.05
N LEU A 134 -12.16 21.07 -25.11
CA LEU A 134 -13.58 20.90 -24.79
C LEU A 134 -13.86 21.23 -23.33
N SER A 135 -12.96 20.82 -22.43
CA SER A 135 -13.14 21.12 -21.01
C SER A 135 -13.10 22.62 -20.76
N SER A 136 -12.15 23.31 -21.37
CA SER A 136 -12.06 24.76 -21.21
C SER A 136 -13.29 25.46 -21.77
N ASP A 137 -13.76 25.01 -22.95
CA ASP A 137 -14.96 25.60 -23.54
C ASP A 137 -16.18 25.39 -22.65
N LEU A 138 -16.32 24.18 -22.11
CA LEU A 138 -17.46 23.88 -21.23
C LEU A 138 -17.40 24.72 -19.96
N LYS A 139 -16.21 24.85 -19.36
CA LYS A 139 -16.07 25.66 -18.16
C LYS A 139 -16.42 27.12 -18.44
N PHE A 140 -15.93 27.66 -19.56
CA PHE A 140 -16.24 29.03 -19.92
C PHE A 140 -17.74 29.22 -20.13
N VAL A 141 -18.38 28.30 -20.84
CA VAL A 141 -19.80 28.42 -21.12
C VAL A 141 -20.60 28.37 -19.83
N MET A 142 -20.26 27.43 -18.94
CA MET A 142 -20.99 27.30 -17.68
C MET A 142 -20.82 28.52 -16.80
N GLU A 143 -19.59 29.04 -16.70
CA GLU A 143 -19.37 30.22 -15.86
C GLU A 143 -20.06 31.45 -16.44
N GLU A 144 -20.08 31.59 -17.77
CA GLU A 144 -20.78 32.72 -18.37
C GLU A 144 -22.29 32.61 -18.19
N LEU A 145 -22.83 31.39 -18.29
CA LEU A 145 -24.26 31.19 -18.04
C LEU A 145 -24.61 31.53 -16.60
N ASP A 146 -23.77 31.11 -15.65
CA ASP A 146 -24.02 31.44 -14.25
C ASP A 146 -23.96 32.94 -14.00
N LYS A 147 -22.96 33.61 -14.59
CA LYS A 147 -22.84 35.05 -14.43
C LYS A 147 -24.04 35.77 -15.04
N CYS A 148 -24.49 35.33 -16.22
CA CYS A 148 -25.64 35.94 -16.86
C CYS A 148 -26.90 35.76 -16.02
N TYR A 149 -27.09 34.56 -15.46
CA TYR A 149 -28.24 34.33 -14.59
C TYR A 149 -28.17 35.23 -13.37
N ASN A 150 -26.99 35.38 -12.77
CA ASN A 150 -26.84 36.21 -11.59
C ASN A 150 -27.17 37.66 -11.89
N ARG A 151 -26.62 38.20 -12.99
CA ARG A 151 -26.86 39.61 -13.30
C ARG A 151 -28.31 39.84 -13.70
N ASP A 152 -28.93 38.89 -14.39
CA ASP A 152 -30.34 39.02 -14.75
C ASP A 152 -31.22 39.00 -13.51
N ILE A 153 -30.91 38.11 -12.55
CA ILE A 153 -31.68 38.07 -11.31
C ILE A 153 -31.52 39.36 -10.54
N LYS A 154 -30.30 39.91 -10.51
CA LYS A 154 -30.08 41.19 -9.84
C LYS A 154 -30.86 42.31 -10.52
N ASP A 155 -30.91 42.31 -11.86
CA ASP A 155 -31.62 43.36 -12.57
C ASP A 155 -33.13 43.27 -12.37
N ILE A 156 -33.71 42.07 -12.47
CA ILE A 156 -35.14 41.89 -12.26
C ILE A 156 -35.52 41.99 -10.79
N LYS A 157 -34.56 41.86 -9.87
CA LYS A 157 -34.81 41.93 -8.44
C LYS A 157 -35.81 40.86 -7.99
N PRO A 195 -25.11 37.84 -24.35
CA PRO A 195 -24.86 38.04 -25.78
C PRO A 195 -23.59 37.34 -26.28
N ILE A 196 -22.63 37.14 -25.39
CA ILE A 196 -21.37 36.52 -25.78
C ILE A 196 -21.56 35.05 -26.10
N VAL A 197 -22.32 34.33 -25.26
CA VAL A 197 -22.45 32.89 -25.42
C VAL A 197 -23.25 32.55 -26.68
N GLU A 198 -24.29 33.34 -26.98
CA GLU A 198 -25.08 33.08 -28.18
C GLU A 198 -24.23 33.27 -29.43
N GLN A 199 -23.47 34.35 -29.48
CA GLN A 199 -22.60 34.60 -30.64
C GLN A 199 -21.52 33.54 -30.75
N TYR A 200 -20.94 33.12 -29.61
CA TYR A 200 -19.91 32.10 -29.64
C TYR A 200 -20.46 30.77 -30.16
N LEU A 201 -21.67 30.40 -29.73
CA LEU A 201 -22.30 29.21 -30.27
C LEU A 201 -22.62 29.36 -31.75
N LYS A 202 -22.95 30.58 -32.19
CA LYS A 202 -23.19 30.80 -33.60
C LYS A 202 -21.92 30.57 -34.42
N THR A 203 -20.77 31.04 -33.91
CA THR A 203 -19.51 30.76 -34.59
C THR A 203 -19.19 29.27 -34.57
N LYS A 204 -19.43 28.61 -33.43
CA LYS A 204 -19.18 27.17 -33.36
C LYS A 204 -20.11 26.38 -34.28
N ASN A 205 -21.26 26.94 -34.64
CA ASN A 205 -22.15 26.30 -35.60
C ASN A 205 -21.46 26.07 -36.93
N ASN A 206 -20.56 26.96 -37.33
CA ASN A 206 -19.85 26.87 -38.59
C ASN A 206 -18.52 26.12 -38.45
N SER A 207 -18.43 25.19 -37.50
CA SER A 207 -17.22 24.41 -37.27
C SER A 207 -17.53 22.93 -37.38
N TYR A 208 -16.49 22.14 -37.68
CA TYR A 208 -16.65 20.71 -37.83
C TYR A 208 -15.51 19.88 -37.25
N GLY A 209 -14.51 20.51 -36.60
CA GLY A 209 -13.37 19.75 -36.13
C GLY A 209 -13.72 18.75 -35.05
N LEU A 210 -14.50 19.18 -34.05
CA LEU A 210 -14.84 18.31 -32.93
C LEU A 210 -15.69 17.13 -33.39
N ILE A 211 -16.71 17.40 -34.20
CA ILE A 211 -17.57 16.32 -34.68
C ILE A 211 -16.79 15.38 -35.59
N ILE A 212 -15.85 15.91 -36.37
CA ILE A 212 -15.03 15.06 -37.23
C ILE A 212 -14.17 14.13 -36.38
N LYS A 213 -13.54 14.67 -35.34
CA LYS A 213 -12.70 13.84 -34.47
C LYS A 213 -13.54 12.78 -33.77
N TYR A 214 -14.73 13.16 -33.30
CA TYR A 214 -15.65 12.20 -32.69
C TYR A 214 -16.01 11.09 -33.68
N LEU A 215 -16.27 11.45 -34.93
CA LEU A 215 -16.65 10.46 -35.93
C LEU A 215 -15.49 9.52 -36.23
N ILE A 216 -14.27 10.04 -36.35
CA ILE A 216 -13.14 9.14 -36.62
C ILE A 216 -12.87 8.23 -35.43
N CYS A 217 -13.08 8.73 -34.21
CA CYS A 217 -12.91 7.87 -33.04
C CYS A 217 -13.94 6.74 -33.05
N ARG A 218 -15.21 7.07 -33.32
CA ARG A 218 -16.25 6.04 -33.37
C ARG A 218 -15.98 5.06 -34.50
N VAL A 219 -15.53 5.55 -35.66
CA VAL A 219 -15.26 4.67 -36.80
C VAL A 219 -14.09 3.73 -36.50
N VAL A 220 -13.04 4.25 -35.86
CA VAL A 220 -11.91 3.40 -35.49
C VAL A 220 -12.35 2.31 -34.52
N THR A 221 -13.13 2.69 -33.52
CA THR A 221 -13.62 1.70 -32.55
C THR A 221 -14.47 0.64 -33.24
N LEU A 222 -15.38 1.07 -34.12
CA LEU A 222 -16.25 0.12 -34.81
C LEU A 222 -15.45 -0.81 -35.71
N ILE A 223 -14.46 -0.27 -36.42
CA ILE A 223 -13.65 -1.08 -37.31
C ILE A 223 -12.85 -2.11 -36.52
N ILE A 224 -12.27 -1.70 -35.40
CA ILE A 224 -11.49 -2.64 -34.59
C ILE A 224 -12.39 -3.72 -34.01
N VAL A 225 -13.59 -3.35 -33.56
CA VAL A 225 -14.52 -4.34 -33.02
C VAL A 225 -14.95 -5.33 -34.11
N PHE A 226 -15.20 -4.82 -35.32
CA PHE A 226 -15.58 -5.70 -36.42
C PHE A 226 -14.45 -6.66 -36.79
N THR A 227 -13.22 -6.16 -36.82
CA THR A 227 -12.07 -7.01 -37.11
C THR A 227 -11.91 -8.09 -36.03
N ALA A 228 -12.10 -7.70 -34.77
CA ALA A 228 -12.03 -8.68 -33.69
C ALA A 228 -13.12 -9.74 -33.83
N CYS A 229 -14.33 -9.32 -34.21
CA CYS A 229 -15.41 -10.27 -34.44
C CYS A 229 -15.07 -11.25 -35.54
N ILE A 230 -14.52 -10.75 -36.65
CA ILE A 230 -14.15 -11.62 -37.77
C ILE A 230 -13.07 -12.60 -37.33
N TYR A 231 -12.06 -12.12 -36.60
CA TYR A 231 -10.98 -12.99 -36.14
C TYR A 231 -11.52 -14.07 -35.20
N LEU A 232 -12.41 -13.69 -34.28
CA LEU A 232 -12.96 -14.65 -33.34
C LEU A 232 -13.81 -15.70 -34.05
N GLY A 233 -14.61 -15.28 -35.03
CA GLY A 233 -15.36 -16.25 -35.81
C GLY A 233 -14.47 -17.21 -36.56
N TYR A 234 -13.39 -16.67 -37.16
CA TYR A 234 -12.44 -17.53 -37.86
C TYR A 234 -11.78 -18.52 -36.92
N TYR A 235 -11.38 -18.06 -35.73
CA TYR A 235 -10.75 -18.95 -34.76
C TYR A 235 -11.71 -20.04 -34.29
N ILE A 236 -12.97 -19.68 -34.06
CA ILE A 236 -13.96 -20.67 -33.66
C ILE A 236 -14.16 -21.70 -34.77
N SER A 237 -14.21 -21.24 -36.03
CA SER A 237 -14.40 -22.15 -37.14
C SER A 237 -13.21 -23.10 -37.31
N LEU A 238 -11.99 -22.58 -37.14
CA LEU A 238 -10.80 -23.37 -37.42
C LEU A 238 -10.35 -24.26 -36.26
N PHE A 239 -10.95 -24.12 -35.07
CA PHE A 239 -10.57 -24.94 -33.94
C PHE A 239 -11.71 -25.81 -33.41
N SER A 240 -12.71 -26.08 -34.24
CA SER A 240 -13.75 -27.04 -33.90
C SER A 240 -13.46 -28.42 -34.46
N LEU A 241 -12.35 -28.60 -35.17
CA LEU A 241 -12.03 -29.89 -35.78
C LEU A 241 -11.36 -30.84 -34.80
N THR A 242 -10.18 -30.46 -34.28
CA THR A 242 -9.48 -31.25 -33.28
C THR A 242 -8.37 -30.39 -32.70
N ASP A 243 -7.71 -30.92 -31.67
CA ASP A 243 -6.63 -30.23 -30.98
C ASP A 243 -5.48 -31.18 -30.70
N GLU A 244 -5.14 -32.02 -31.68
CA GLU A 244 -4.04 -32.95 -31.57
C GLU A 244 -3.12 -32.78 -32.77
N PHE A 245 -1.82 -32.67 -32.53
CA PHE A 245 -0.86 -32.48 -33.61
C PHE A 245 0.39 -33.32 -33.35
N THR A 246 1.03 -33.72 -34.44
CA THR A 246 2.24 -34.52 -34.36
C THR A 246 3.46 -33.64 -34.60
N CYS A 247 4.37 -33.62 -33.63
CA CYS A 247 5.65 -32.95 -33.74
C CYS A 247 6.73 -33.96 -34.12
N ASN A 248 7.67 -33.54 -34.96
CA ASN A 248 8.75 -34.39 -35.42
C ASN A 248 10.05 -33.95 -34.74
N ILE A 249 10.64 -34.83 -33.94
CA ILE A 249 11.80 -34.50 -33.13
C ILE A 249 13.09 -35.07 -33.71
N ARG A 250 13.03 -35.67 -34.90
CA ARG A 250 14.22 -36.21 -35.55
C ARG A 250 14.87 -35.15 -36.44
N THR A 251 15.32 -34.07 -35.81
CA THR A 251 15.97 -32.96 -36.50
C THR A 251 17.34 -32.73 -35.89
N GLY A 252 18.32 -32.47 -36.76
CA GLY A 252 19.67 -32.16 -36.30
C GLY A 252 20.59 -33.37 -36.28
N ILE A 253 21.44 -33.47 -35.25
CA ILE A 253 22.39 -34.56 -35.17
C ILE A 253 21.71 -35.88 -34.81
N LEU A 254 20.50 -35.84 -34.28
CA LEU A 254 19.74 -37.04 -33.98
C LEU A 254 18.70 -37.37 -35.04
N ARG A 255 18.80 -36.73 -36.22
CA ARG A 255 17.86 -37.01 -37.29
C ARG A 255 18.02 -38.44 -37.81
N ASN A 256 19.26 -38.92 -37.91
CA ASN A 256 19.53 -40.26 -38.41
C ASN A 256 19.45 -41.34 -37.34
N ASP A 257 19.24 -40.95 -36.08
CA ASP A 257 19.14 -41.94 -35.02
C ASP A 257 17.82 -42.69 -35.14
N THR A 258 17.88 -44.01 -34.93
CA THR A 258 16.70 -44.86 -35.08
C THR A 258 15.95 -45.11 -33.79
N ALA A 259 16.55 -44.80 -32.63
CA ALA A 259 15.87 -45.05 -31.37
C ALA A 259 14.69 -44.12 -31.17
N LEU A 260 14.79 -42.87 -31.63
CA LEU A 260 13.71 -41.92 -31.45
C LEU A 260 12.52 -42.27 -32.34
N PRO A 261 11.30 -42.02 -31.88
CA PRO A 261 10.13 -42.28 -32.72
C PRO A 261 10.08 -41.32 -33.89
N PRO A 262 9.57 -41.76 -35.04
CA PRO A 262 9.45 -40.85 -36.18
C PRO A 262 8.55 -39.66 -35.92
N LEU A 263 7.47 -39.85 -35.15
CA LEU A 263 6.55 -38.78 -34.82
C LEU A 263 6.14 -38.88 -33.36
N VAL A 264 5.82 -37.74 -32.75
CA VAL A 264 5.37 -37.68 -31.37
C VAL A 264 4.05 -36.94 -31.33
N GLN A 265 3.02 -37.60 -30.81
CA GLN A 265 1.70 -36.98 -30.71
C GLN A 265 1.63 -36.06 -29.50
N CYS A 266 0.99 -34.90 -29.68
CA CYS A 266 0.83 -33.92 -28.62
C CYS A 266 -0.58 -33.35 -28.66
N LYS A 267 -1.06 -32.97 -27.49
CA LYS A 267 -2.42 -32.49 -27.29
C LYS A 267 -2.37 -31.07 -26.73
N LEU A 268 -3.16 -30.18 -27.34
CA LEU A 268 -3.39 -28.85 -26.81
C LEU A 268 -4.42 -28.94 -25.69
N ILE A 269 -4.13 -28.30 -24.56
CA ILE A 269 -4.95 -28.50 -23.37
C ILE A 269 -6.07 -27.47 -23.29
N ALA A 270 -5.76 -26.20 -23.56
CA ALA A 270 -6.71 -25.11 -23.35
C ALA A 270 -7.48 -24.73 -24.60
N VAL A 271 -7.66 -25.65 -25.55
CA VAL A 271 -8.39 -25.32 -26.79
C VAL A 271 -9.86 -25.08 -26.49
N GLY A 272 -10.46 -25.93 -25.66
CA GLY A 272 -11.87 -25.79 -25.35
C GLY A 272 -12.18 -24.52 -24.59
N VAL A 273 -11.35 -24.20 -23.59
CA VAL A 273 -11.54 -22.97 -22.83
C VAL A 273 -11.37 -21.75 -23.73
N PHE A 274 -10.37 -21.79 -24.61
CA PHE A 274 -10.15 -20.70 -25.55
C PHE A 274 -11.35 -20.53 -26.47
N ARG A 275 -11.92 -21.64 -26.96
CA ARG A 275 -13.07 -21.58 -27.84
C ARG A 275 -14.28 -20.99 -27.13
N LEU A 276 -14.53 -21.42 -25.89
CA LEU A 276 -15.66 -20.91 -25.13
C LEU A 276 -15.51 -19.41 -24.86
N LEU A 277 -14.30 -19.00 -24.46
CA LEU A 277 -14.08 -17.58 -24.18
C LEU A 277 -14.16 -16.74 -25.44
N SER A 278 -13.68 -17.26 -26.57
CA SER A 278 -13.80 -16.54 -27.83
C SER A 278 -15.27 -16.40 -28.24
N TYR A 279 -16.07 -17.45 -28.00
CA TYR A 279 -17.50 -17.37 -28.28
C TYR A 279 -18.16 -16.30 -27.42
N ILE A 280 -17.79 -16.25 -26.13
CA ILE A 280 -18.35 -15.23 -25.23
C ILE A 280 -17.96 -13.84 -25.70
N ASN A 281 -16.69 -13.66 -26.08
CA ASN A 281 -16.21 -12.37 -26.55
C ASN A 281 -16.95 -11.94 -27.81
N LEU A 282 -17.14 -12.88 -28.74
CA LEU A 282 -17.86 -12.57 -29.97
C LEU A 282 -19.31 -12.18 -29.68
N ILE A 283 -19.94 -12.90 -28.74
CA ILE A 283 -21.32 -12.57 -28.38
C ILE A 283 -21.41 -11.16 -27.81
N ILE A 284 -20.48 -10.82 -26.90
CA ILE A 284 -20.51 -9.50 -26.27
C ILE A 284 -20.26 -8.41 -27.31
N TYR A 285 -19.30 -8.64 -28.21
CA TYR A 285 -19.01 -7.64 -29.23
C TYR A 285 -20.17 -7.46 -30.19
N VAL A 286 -20.85 -8.55 -30.55
CA VAL A 286 -22.04 -8.45 -31.40
C VAL A 286 -23.13 -7.67 -30.66
N LEU A 287 -23.29 -7.92 -29.37
CA LEU A 287 -24.27 -7.18 -28.58
C LEU A 287 -23.97 -5.69 -28.50
N ILE A 288 -22.70 -5.31 -28.38
CA ILE A 288 -22.32 -3.91 -28.26
C ILE A 288 -22.14 -3.25 -29.64
N MET A 289 -22.24 -4.03 -30.71
CA MET A 289 -22.15 -3.45 -32.06
C MET A 289 -23.16 -2.32 -32.30
N PRO A 290 -24.46 -2.49 -32.06
CA PRO A 290 -25.39 -1.39 -32.36
C PRO A 290 -25.19 -0.17 -31.47
N PHE A 291 -24.54 -0.33 -30.31
CA PHE A 291 -24.36 0.81 -29.41
C PHE A 291 -23.43 1.85 -30.01
N ILE A 292 -22.39 1.41 -30.73
CA ILE A 292 -21.51 2.37 -31.40
C ILE A 292 -22.26 3.11 -32.51
N ILE A 293 -23.11 2.39 -33.25
CA ILE A 293 -23.91 3.01 -34.30
C ILE A 293 -24.83 4.07 -33.71
N TYR A 294 -25.48 3.74 -32.59
CA TYR A 294 -26.28 4.73 -31.88
C TYR A 294 -25.44 5.86 -31.33
N ALA A 295 -24.18 5.60 -30.99
CA ALA A 295 -23.32 6.63 -30.43
C ALA A 295 -22.94 7.67 -31.46
N MET A 296 -22.50 7.25 -32.65
CA MET A 296 -22.12 8.22 -33.67
C MET A 296 -23.32 8.74 -34.46
N LEU A 297 -24.52 8.26 -34.17
CA LEU A 297 -25.75 8.78 -34.77
C LEU A 297 -26.13 10.06 -34.03
N VAL A 298 -25.48 11.14 -34.42
CA VAL A 298 -25.67 12.45 -33.79
C VAL A 298 -26.91 13.16 -34.32
N PRO A 299 -27.12 13.27 -35.64
CA PRO A 299 -28.29 14.04 -36.12
C PRO A 299 -29.63 13.50 -35.65
N PHE A 300 -29.76 12.18 -35.54
CA PHE A 300 -31.04 11.57 -35.16
C PHE A 300 -31.15 11.30 -33.67
N ARG A 301 -30.16 11.71 -32.87
CA ARG A 301 -30.22 11.49 -31.43
C ARG A 301 -31.32 12.32 -30.79
N LYS A 302 -31.93 11.76 -29.75
CA LYS A 302 -32.97 12.46 -28.98
C LYS A 302 -32.27 13.46 -28.06
N THR A 303 -32.06 14.67 -28.57
CA THR A 303 -31.35 15.72 -27.85
C THR A 303 -32.30 16.86 -27.54
N ALA A 304 -32.29 17.30 -26.28
CA ALA A 304 -33.07 18.43 -25.82
C ALA A 304 -32.12 19.60 -25.57
N ASN A 305 -32.42 20.75 -26.18
CA ASN A 305 -31.54 21.91 -26.06
C ASN A 305 -31.61 22.48 -24.65
N VAL A 306 -30.44 22.72 -24.06
CA VAL A 306 -30.38 23.29 -22.72
C VAL A 306 -30.84 24.74 -22.74
N LEU A 307 -30.50 25.47 -23.80
CA LEU A 307 -30.77 26.90 -23.87
C LEU A 307 -32.26 27.24 -23.89
N LYS A 308 -33.13 26.24 -24.12
CA LYS A 308 -34.56 26.51 -24.16
C LYS A 308 -35.06 27.05 -22.81
N VAL A 309 -34.60 26.45 -21.72
CA VAL A 309 -35.01 26.93 -20.40
C VAL A 309 -34.39 28.30 -20.12
N TYR A 310 -33.20 28.57 -20.65
CA TYR A 310 -32.56 29.86 -20.47
C TYR A 310 -33.21 30.94 -21.31
N GLU A 311 -33.97 30.58 -22.35
CA GLU A 311 -34.69 31.57 -23.15
C GLU A 311 -35.74 32.32 -22.33
N VAL A 312 -36.16 31.76 -21.20
CA VAL A 312 -37.10 32.45 -20.32
C VAL A 312 -36.50 33.76 -19.82
N LEU A 313 -35.20 33.74 -19.54
CA LEU A 313 -34.52 34.96 -19.08
C LEU A 313 -34.56 36.01 -20.18
N PRO A 314 -34.98 37.25 -19.87
CA PRO A 314 -35.04 38.29 -20.91
C PRO A 314 -33.69 38.61 -21.52
N THR A 315 -32.61 38.49 -20.76
CA THR A 315 -31.28 38.79 -21.30
C THR A 315 -30.92 37.82 -22.42
N PHE A 316 -31.22 36.55 -22.25
CA PHE A 316 -30.94 35.56 -23.28
C PHE A 316 -31.88 35.75 -24.47
N SER A 317 -31.35 35.53 -25.67
CA SER A 317 -32.13 35.67 -26.89
C SER A 317 -31.77 34.58 -27.90
N THR A 325 -27.22 18.27 -35.97
CA THR A 325 -27.29 17.48 -37.20
C THR A 325 -25.98 17.55 -37.97
N TYR A 326 -25.05 16.68 -37.61
CA TYR A 326 -23.71 16.63 -38.20
C TYR A 326 -23.04 18.00 -38.12
N ASP A 327 -22.81 18.43 -36.88
CA ASP A 327 -22.29 19.76 -36.63
C ASP A 327 -21.56 19.80 -35.29
N ASP A 328 -20.66 20.76 -35.15
CA ASP A 328 -19.99 20.96 -33.87
C ASP A 328 -20.95 21.50 -32.81
N HIS A 329 -21.92 22.32 -33.22
CA HIS A 329 -22.88 22.88 -32.27
C HIS A 329 -23.72 21.79 -31.63
N SER A 330 -24.17 20.81 -32.41
CA SER A 330 -24.97 19.72 -31.87
C SER A 330 -24.18 18.89 -30.86
N LEU A 331 -22.92 18.57 -31.19
CA LEU A 331 -22.09 17.81 -30.28
C LEU A 331 -21.82 18.60 -29.01
N PHE A 332 -21.57 19.90 -29.13
CA PHE A 332 -21.33 20.71 -27.94
C PHE A 332 -22.58 20.79 -27.07
N LEU A 333 -23.75 20.88 -27.70
CA LEU A 333 -25.00 20.87 -26.94
C LEU A 333 -25.20 19.54 -26.22
N LEU A 334 -24.85 18.44 -26.90
CA LEU A 334 -24.95 17.13 -26.26
C LEU A 334 -24.02 17.03 -25.05
N PHE A 335 -22.79 17.53 -25.19
CA PHE A 335 -21.86 17.50 -24.06
C PHE A 335 -22.33 18.42 -22.94
N LEU A 336 -22.92 19.57 -23.28
CA LEU A 336 -23.49 20.44 -22.25
C LEU A 336 -24.59 19.73 -21.48
N GLU A 337 -25.51 19.07 -22.22
CA GLU A 337 -26.60 18.37 -21.56
C GLU A 337 -26.09 17.23 -20.69
N GLU A 338 -25.07 16.50 -21.17
CA GLU A 338 -24.50 15.42 -20.37
C GLU A 338 -23.76 15.96 -19.15
N ASN A 339 -23.24 17.18 -19.22
CA ASN A 339 -22.49 17.78 -18.13
C ASN A 339 -23.26 18.91 -17.44
N VAL A 340 -24.58 18.97 -17.62
CA VAL A 340 -25.37 20.05 -17.05
C VAL A 340 -25.76 19.82 -15.61
N SER A 341 -25.48 18.63 -15.06
CA SER A 341 -25.88 18.33 -13.69
C SER A 341 -25.15 19.21 -12.67
N GLU A 342 -23.97 19.73 -13.01
CA GLU A 342 -23.23 20.57 -12.07
C GLU A 342 -23.85 21.95 -11.92
N LEU A 343 -24.46 22.48 -12.98
CA LEU A 343 -25.06 23.80 -12.92
C LEU A 343 -26.26 23.81 -11.99
N LYS A 344 -26.36 24.85 -11.16
CA LYS A 344 -27.47 24.99 -10.22
C LYS A 344 -28.54 25.95 -10.70
N SER A 345 -28.17 27.01 -11.43
CA SER A 345 -29.17 27.89 -12.02
C SER A 345 -29.99 27.14 -13.08
N TYR A 346 -29.33 26.28 -13.85
CA TYR A 346 -30.06 25.44 -14.79
C TYR A 346 -31.09 24.58 -14.09
N LYS A 347 -30.81 24.15 -12.85
CA LYS A 347 -31.80 23.39 -12.10
C LYS A 347 -33.05 24.22 -11.83
N PHE A 348 -32.87 25.48 -11.44
CA PHE A 348 -34.02 26.36 -11.22
C PHE A 348 -34.80 26.57 -12.52
N LEU A 349 -34.08 26.81 -13.62
CA LEU A 349 -34.75 27.04 -14.90
C LEU A 349 -35.50 25.79 -15.36
N LYS A 350 -34.91 24.62 -15.17
CA LYS A 350 -35.57 23.38 -15.57
C LYS A 350 -36.78 23.09 -14.69
N VAL A 351 -36.70 23.41 -13.40
CA VAL A 351 -37.84 23.25 -12.52
C VAL A 351 -38.98 24.16 -12.97
N LEU A 352 -38.66 25.42 -13.30
CA LEU A 352 -39.68 26.33 -13.80
C LEU A 352 -40.29 25.83 -15.10
N GLU A 353 -39.45 25.30 -16.00
CA GLU A 353 -39.95 24.76 -17.27
C GLU A 353 -40.87 23.57 -17.03
N ASN A 354 -40.51 22.68 -16.12
CA ASN A 354 -41.35 21.54 -15.80
C ASN A 354 -42.67 21.98 -15.18
N ILE A 355 -42.63 23.01 -14.33
CA ILE A 355 -43.85 23.54 -13.72
C ILE A 355 -44.77 24.10 -14.80
N LYS A 356 -44.21 24.87 -15.73
CA LYS A 356 -45.02 25.49 -16.77
C LYS A 356 -45.45 24.51 -17.87
N ASN A 357 -44.79 23.36 -17.96
CA ASN A 357 -45.15 22.38 -18.98
C ASN A 357 -46.54 21.79 -18.73
N THR A 358 -46.91 21.65 -17.45
CA THR A 358 -48.21 21.07 -17.13
C THR A 358 -49.35 21.94 -17.65
N GLY A 359 -49.23 23.26 -17.53
CA GLY A 359 -50.25 24.16 -18.02
C GLY A 359 -50.80 25.08 -16.96
N GLU A 360 -50.06 25.24 -15.87
CA GLU A 360 -50.50 26.12 -14.79
C GLU A 360 -50.48 27.57 -15.25
N ASN A 361 -51.53 28.31 -14.89
CA ASN A 361 -51.67 29.71 -15.30
C ASN A 361 -51.14 30.63 -14.20
N PHE A 362 -49.82 30.63 -14.07
CA PHE A 362 -49.12 31.49 -13.11
C PHE A 362 -48.04 32.27 -13.84
N ASP A 363 -47.94 33.56 -13.51
CA ASP A 363 -46.92 34.41 -14.13
C ASP A 363 -45.53 34.02 -13.66
N THR A 364 -44.58 34.01 -14.59
CA THR A 364 -43.22 33.62 -14.28
C THR A 364 -42.40 34.75 -13.66
N ILE A 365 -42.88 35.99 -13.75
CA ILE A 365 -42.11 37.13 -13.24
C ILE A 365 -41.96 37.04 -11.73
N GLN A 366 -43.04 36.68 -11.02
CA GLN A 366 -42.97 36.55 -9.57
C GLN A 366 -42.02 35.43 -9.16
N TYR A 367 -42.07 34.30 -9.88
CA TYR A 367 -41.17 33.20 -9.58
C TYR A 367 -39.72 33.58 -9.82
N LEU A 368 -39.45 34.30 -10.91
CA LEU A 368 -38.08 34.75 -11.18
C LEU A 368 -37.60 35.73 -10.12
N THR A 369 -38.47 36.63 -9.67
CA THR A 369 -38.08 37.60 -8.65
C THR A 369 -37.90 36.92 -7.29
N SER A 370 -38.59 35.81 -7.05
CA SER A 370 -38.45 35.11 -5.78
C SER A 370 -37.05 34.55 -5.60
N LEU A 371 -36.47 33.99 -6.66
CA LEU A 371 -35.13 33.44 -6.59
C LEU A 371 -34.09 34.55 -6.49
N GLY A 372 -32.95 34.20 -5.90
CA GLY A 372 -31.86 35.14 -5.76
C GLY A 372 -30.57 34.66 -6.38
N THR A 373 -29.44 35.19 -5.92
CA THR A 373 -28.14 34.76 -6.44
C THR A 373 -27.87 33.31 -6.02
N VAL A 374 -27.35 32.52 -6.95
CA VAL A 374 -27.07 31.12 -6.69
C VAL A 374 -25.65 30.97 -6.14
N LYS A 375 -24.67 31.52 -6.85
CA LYS A 375 -23.27 31.47 -6.42
C LYS A 375 -22.41 32.37 -7.30
N ALA B 1 -8.58 -16.73 -7.08
CA ALA B 1 -7.97 -16.17 -8.28
C ALA B 1 -9.05 -15.64 -9.23
N ILE B 2 -10.09 -16.46 -9.46
CA ILE B 2 -11.19 -16.04 -10.33
C ILE B 2 -11.90 -14.83 -9.72
N ALA B 3 -12.20 -14.90 -8.42
CA ALA B 3 -12.88 -13.81 -7.75
C ALA B 3 -12.02 -12.56 -7.68
N HIS B 4 -10.70 -12.72 -7.49
CA HIS B 4 -9.81 -11.57 -7.52
C HIS B 4 -9.83 -10.88 -8.88
N ILE B 5 -9.81 -11.67 -9.95
CA ILE B 5 -9.90 -11.11 -11.30
C ILE B 5 -11.22 -10.37 -11.48
N ALA B 6 -12.31 -10.96 -10.99
CA ALA B 6 -13.61 -10.31 -11.09
C ALA B 6 -13.62 -8.97 -10.35
N THR B 7 -13.08 -8.96 -9.13
CA THR B 7 -13.06 -7.72 -8.35
C THR B 7 -12.21 -6.66 -9.03
N GLU B 8 -11.06 -7.03 -9.57
CA GLU B 8 -10.13 -6.05 -10.11
C GLU B 8 -10.44 -5.64 -11.55
N TYR B 9 -11.32 -6.37 -12.25
CA TYR B 9 -11.62 -6.02 -13.63
C TYR B 9 -13.08 -5.69 -13.90
N VAL B 10 -13.99 -5.99 -12.98
CA VAL B 10 -15.42 -5.74 -13.15
C VAL B 10 -15.95 -4.79 -12.08
N PHE B 11 -15.84 -5.18 -10.82
CA PHE B 11 -16.44 -4.38 -9.74
C PHE B 11 -15.62 -3.14 -9.42
N SER B 12 -14.30 -3.21 -9.53
CA SER B 12 -13.46 -2.02 -9.38
C SER B 12 -13.47 -1.20 -10.66
N ASP B 13 -13.45 0.12 -10.51
CA ASP B 13 -13.48 1.00 -11.67
C ASP B 13 -12.19 0.85 -12.47
N PHE B 14 -12.33 0.63 -13.77
CA PHE B 14 -11.19 0.39 -14.65
C PHE B 14 -10.98 1.55 -15.62
N LEU B 15 -12.00 1.91 -16.41
CA LEU B 15 -11.94 3.07 -17.28
C LEU B 15 -13.15 3.99 -17.11
N LEU B 16 -13.93 3.81 -16.05
CA LEU B 16 -15.16 4.56 -15.86
C LEU B 16 -14.94 5.81 -15.01
N LYS B 17 -14.48 5.62 -13.76
CA LYS B 17 -14.40 6.72 -12.81
C LYS B 17 -12.98 6.93 -12.28
N ASP B 18 -11.96 6.72 -13.12
CA ASP B 18 -10.58 7.02 -12.74
C ASP B 18 -10.19 8.34 -13.37
N PRO B 19 -10.01 9.41 -12.61
CA PRO B 19 -9.71 10.72 -13.20
C PRO B 19 -8.22 10.85 -13.49
N PRO B 20 -7.85 10.99 -14.77
CA PRO B 20 -6.43 11.13 -15.11
C PRO B 20 -5.83 12.45 -14.64
N GLU B 21 -6.48 13.56 -14.97
CA GLU B 21 -5.97 14.89 -14.67
C GLU B 21 -7.06 15.77 -14.06
N SER B 22 -7.76 15.23 -13.06
CA SER B 22 -8.76 16.01 -12.33
C SER B 22 -8.09 17.17 -11.61
N LYS B 23 -8.38 18.40 -12.04
CA LYS B 23 -7.75 19.61 -11.50
C LYS B 23 -6.22 19.52 -11.62
N TYR B 24 -5.76 19.43 -12.85
CA TYR B 24 -4.33 19.29 -13.12
C TYR B 24 -3.57 20.52 -12.63
N LYS B 25 -2.47 20.28 -11.91
CA LYS B 25 -1.66 21.34 -11.32
C LYS B 25 -0.35 21.46 -12.09
N GLY B 26 0.45 22.46 -11.69
CA GLY B 26 1.73 22.68 -12.34
C GLY B 26 1.57 23.22 -13.75
N LEU B 27 2.62 23.03 -14.54
CA LEU B 27 2.66 23.49 -15.92
C LEU B 27 3.03 22.32 -16.83
N ARG B 28 2.59 22.41 -18.08
CA ARG B 28 2.89 21.38 -19.08
C ARG B 28 4.19 21.76 -19.78
N LEU B 29 5.29 21.18 -19.34
CA LEU B 29 6.60 21.49 -19.87
C LEU B 29 6.98 20.65 -21.09
N GLU B 30 6.11 19.73 -21.50
CA GLU B 30 6.35 18.89 -22.67
C GLU B 30 5.15 18.95 -23.60
N LEU B 31 5.42 18.93 -24.90
CA LEU B 31 4.34 18.93 -25.88
C LEU B 31 3.62 17.59 -25.87
N ALA B 32 2.35 17.62 -26.30
CA ALA B 32 1.53 16.42 -26.30
C ALA B 32 2.08 15.35 -27.24
N VAL B 33 2.45 15.76 -28.46
CA VAL B 33 2.98 14.81 -29.43
C VAL B 33 4.32 14.25 -28.94
N ASP B 34 5.18 15.11 -28.42
CA ASP B 34 6.47 14.64 -27.90
C ASP B 34 6.28 13.70 -26.73
N LYS B 35 5.37 14.04 -25.82
CA LYS B 35 5.12 13.18 -24.67
C LYS B 35 4.59 11.82 -25.11
N LEU B 36 3.65 11.80 -26.06
CA LEU B 36 3.13 10.53 -26.55
C LEU B 36 4.20 9.70 -27.23
N VAL B 37 5.03 10.34 -28.06
CA VAL B 37 6.09 9.61 -28.77
C VAL B 37 7.09 9.04 -27.77
N SER B 38 7.51 9.84 -26.79
CA SER B 38 8.46 9.35 -25.80
C SER B 38 7.87 8.22 -24.98
N CYS B 39 6.60 8.35 -24.57
CA CYS B 39 5.96 7.30 -23.79
C CYS B 39 5.87 6.00 -24.58
N ILE B 40 5.51 6.09 -25.86
CA ILE B 40 5.43 4.88 -26.69
C ILE B 40 6.81 4.26 -26.83
N ALA B 41 7.81 5.06 -27.19
CA ALA B 41 9.15 4.53 -27.43
C ALA B 41 9.77 3.96 -26.18
N VAL B 42 9.38 4.44 -25.00
CA VAL B 42 9.95 3.91 -23.76
C VAL B 42 9.20 2.67 -23.31
N GLY B 43 7.86 2.73 -23.28
CA GLY B 43 7.07 1.64 -22.75
C GLY B 43 6.78 0.51 -23.71
N LEU B 44 7.17 0.61 -24.97
CA LEU B 44 6.96 -0.53 -25.87
C LEU B 44 7.94 -1.65 -25.60
N PRO B 45 9.27 -1.41 -25.57
CA PRO B 45 10.19 -2.51 -25.28
C PRO B 45 9.98 -3.13 -23.90
N LEU B 46 9.60 -2.34 -22.90
CA LEU B 46 9.33 -2.89 -21.57
C LEU B 46 8.13 -3.83 -21.60
N LEU B 47 7.05 -3.41 -22.27
CA LEU B 47 5.89 -4.28 -22.43
C LEU B 47 6.26 -5.55 -23.19
N LEU B 48 7.11 -5.41 -24.21
CA LEU B 48 7.48 -6.57 -25.02
C LEU B 48 8.32 -7.57 -24.23
N ILE B 49 9.27 -7.08 -23.43
CA ILE B 49 10.08 -8.00 -22.64
C ILE B 49 9.25 -8.61 -21.52
N SER B 50 8.26 -7.88 -21.00
CA SER B 50 7.36 -8.46 -20.02
C SER B 50 6.52 -9.56 -20.65
N LEU B 51 6.07 -9.36 -21.89
CA LEU B 51 5.26 -10.38 -22.57
C LEU B 51 6.10 -11.58 -22.98
N ALA B 52 7.37 -11.37 -23.30
CA ALA B 52 8.21 -12.45 -23.83
C ALA B 52 8.39 -13.57 -22.82
N PHE B 53 8.41 -13.25 -21.52
CA PHE B 53 8.67 -14.22 -20.47
C PHE B 53 7.46 -14.45 -19.57
N ALA B 54 6.26 -14.12 -20.06
CA ALA B 54 5.05 -14.40 -19.29
C ALA B 54 4.83 -15.90 -19.17
N GLN B 55 4.29 -16.32 -18.02
CA GLN B 55 4.06 -17.74 -17.78
C GLN B 55 3.02 -18.33 -18.72
N GLU B 56 2.24 -17.48 -19.39
CA GLU B 56 1.22 -17.96 -20.32
C GLU B 56 1.80 -18.47 -21.63
N ILE B 57 3.06 -18.14 -21.93
CA ILE B 57 3.67 -18.53 -23.19
C ILE B 57 4.97 -19.30 -23.01
N THR B 58 5.58 -19.28 -21.83
CA THR B 58 6.81 -20.02 -21.57
C THR B 58 6.46 -21.37 -20.95
N LEU B 59 6.97 -22.44 -21.56
CA LEU B 59 6.67 -23.79 -21.10
C LEU B 59 7.70 -24.28 -20.08
N GLY B 60 8.97 -24.34 -20.49
CA GLY B 60 10.00 -24.85 -19.62
C GLY B 60 11.17 -23.89 -19.45
N SER B 61 12.36 -24.36 -19.80
CA SER B 61 13.59 -23.59 -19.62
C SER B 61 13.85 -22.74 -20.86
N GLN B 62 14.91 -21.91 -20.78
CA GLN B 62 15.31 -21.11 -21.93
C GLN B 62 15.79 -22.00 -23.07
N ILE B 63 16.55 -23.05 -22.75
CA ILE B 63 17.05 -23.99 -23.73
C ILE B 63 16.69 -25.41 -23.28
N SER B 64 16.62 -26.31 -24.25
CA SER B 64 16.33 -27.72 -23.96
C SER B 64 17.34 -28.59 -24.69
N CYS B 65 18.07 -29.41 -23.95
CA CYS B 65 19.09 -30.27 -24.51
C CYS B 65 18.70 -31.73 -24.37
N PHE B 66 19.07 -32.53 -25.37
CA PHE B 66 18.75 -33.96 -25.41
C PHE B 66 19.94 -34.73 -24.88
N ALA B 67 19.98 -34.93 -23.57
CA ALA B 67 21.04 -35.70 -22.94
C ALA B 67 20.82 -37.20 -23.21
N PRO B 68 21.89 -37.99 -23.19
CA PRO B 68 21.74 -39.44 -23.37
C PRO B 68 20.96 -40.07 -22.22
N THR B 69 20.34 -41.21 -22.53
CA THR B 69 19.50 -41.90 -21.55
C THR B 69 20.30 -42.35 -20.34
N SER B 70 21.58 -42.70 -20.53
CA SER B 70 22.40 -43.15 -19.43
C SER B 70 22.68 -42.05 -18.40
N PHE B 71 22.54 -40.79 -18.80
CA PHE B 71 22.76 -39.68 -17.87
C PHE B 71 21.67 -39.64 -16.81
N SER B 72 22.05 -39.29 -15.58
CA SER B 72 21.09 -39.11 -14.51
C SER B 72 20.50 -37.70 -14.59
N TRP B 73 19.66 -37.37 -13.60
CA TRP B 73 19.05 -36.03 -13.57
C TRP B 73 20.11 -34.95 -13.41
N ARG B 74 21.06 -35.16 -12.49
CA ARG B 74 22.06 -34.13 -12.23
C ARG B 74 23.01 -33.96 -13.40
N GLN B 75 23.38 -35.05 -14.07
CA GLN B 75 24.25 -34.94 -15.23
C GLN B 75 23.54 -34.21 -16.37
N ALA B 76 22.25 -34.48 -16.58
CA ALA B 76 21.50 -33.77 -17.61
C ALA B 76 21.34 -32.29 -17.27
N ALA B 77 21.11 -31.99 -15.99
CA ALA B 77 21.04 -30.59 -15.58
C ALA B 77 22.37 -29.89 -15.78
N TYR B 78 23.48 -30.57 -15.48
CA TYR B 78 24.79 -30.02 -15.77
C TYR B 78 24.98 -29.78 -17.26
N VAL B 79 24.49 -30.70 -18.09
CA VAL B 79 24.59 -30.52 -19.54
C VAL B 79 23.82 -29.28 -19.96
N ASP B 80 22.60 -29.12 -19.46
CA ASP B 80 21.78 -27.96 -19.80
C ASP B 80 22.48 -26.67 -19.40
N SER B 81 22.99 -26.62 -18.16
CA SER B 81 23.65 -25.41 -17.67
C SER B 81 24.94 -25.14 -18.44
N PHE B 82 25.69 -26.18 -18.79
CA PHE B 82 26.92 -26.00 -19.55
C PHE B 82 26.64 -25.44 -20.94
N CYS B 83 25.63 -25.99 -21.63
CA CYS B 83 25.34 -25.50 -22.97
C CYS B 83 24.78 -24.08 -22.91
N TRP B 84 23.98 -23.77 -21.88
CA TRP B 84 23.54 -22.40 -21.66
C TRP B 84 24.67 -21.44 -21.32
N ALA B 85 25.72 -21.92 -20.66
CA ALA B 85 26.87 -21.06 -20.38
C ALA B 85 27.73 -20.85 -21.61
N ALA B 86 27.85 -21.88 -22.45
CA ALA B 86 28.61 -21.78 -23.69
C ALA B 86 27.84 -21.09 -24.81
N VAL B 87 26.52 -20.89 -24.64
CA VAL B 87 25.75 -20.19 -25.67
C VAL B 87 26.24 -18.75 -25.82
N GLN B 88 26.96 -18.24 -24.81
CA GLN B 88 27.50 -16.89 -24.90
C GLN B 88 28.81 -16.87 -25.66
N GLN B 89 29.81 -17.59 -25.14
CA GLN B 89 31.15 -17.56 -25.75
C GLN B 89 31.21 -18.33 -27.06
N LYS B 90 30.28 -19.27 -27.26
CA LYS B 90 30.21 -20.08 -28.48
C LYS B 90 31.54 -20.77 -28.79
N VAL B 100 27.30 -15.48 -33.36
CA VAL B 100 26.58 -14.26 -33.01
C VAL B 100 25.09 -14.45 -32.65
N PRO B 101 24.34 -15.33 -33.34
CA PRO B 101 22.93 -15.47 -32.99
C PRO B 101 22.69 -15.96 -31.57
N LEU B 102 23.59 -16.79 -31.04
CA LEU B 102 23.34 -17.45 -29.76
C LEU B 102 23.34 -16.44 -28.61
N TRP B 103 24.40 -15.62 -28.52
CA TRP B 103 24.45 -14.62 -27.47
C TRP B 103 23.38 -13.55 -27.65
N LEU B 104 23.01 -13.26 -28.91
CA LEU B 104 21.92 -12.32 -29.16
C LEU B 104 20.61 -12.86 -28.61
N HIS B 105 20.33 -14.16 -28.81
CA HIS B 105 19.14 -14.75 -28.23
C HIS B 105 19.19 -14.73 -26.71
N LYS B 106 20.38 -14.98 -26.15
CA LYS B 106 20.51 -14.98 -24.70
C LYS B 106 20.25 -13.59 -24.12
N PHE B 107 20.72 -12.54 -24.78
CA PHE B 107 20.68 -11.19 -24.22
C PHE B 107 19.65 -10.28 -24.90
N PHE B 108 18.71 -10.83 -25.66
CA PHE B 108 17.63 -10.03 -26.24
C PHE B 108 16.90 -9.16 -25.22
N PRO B 109 16.46 -9.66 -24.07
CA PRO B 109 15.85 -8.75 -23.09
C PRO B 109 16.80 -7.67 -22.60
N TYR B 110 18.09 -8.00 -22.45
CA TYR B 110 19.07 -6.99 -22.05
C TYR B 110 19.20 -5.90 -23.10
N ILE B 111 19.22 -6.28 -24.39
CA ILE B 111 19.36 -5.29 -25.45
C ILE B 111 18.11 -4.42 -25.52
N LEU B 112 16.92 -5.01 -25.36
CA LEU B 112 15.71 -4.19 -25.38
C LEU B 112 15.66 -3.26 -24.17
N LEU B 113 16.13 -3.72 -23.01
CA LEU B 113 16.19 -2.83 -21.85
C LEU B 113 17.18 -1.69 -22.08
N LEU B 114 18.32 -1.98 -22.70
CA LEU B 114 19.28 -0.93 -23.03
C LEU B 114 18.66 0.09 -23.97
N VAL B 115 17.92 -0.38 -24.97
CA VAL B 115 17.24 0.53 -25.89
C VAL B 115 16.25 1.40 -25.15
N ALA B 116 15.47 0.81 -24.25
CA ALA B 116 14.49 1.58 -23.49
C ALA B 116 15.16 2.64 -22.62
N VAL B 117 16.25 2.27 -21.95
CA VAL B 117 16.96 3.22 -21.10
C VAL B 117 17.56 4.35 -21.93
N LEU B 118 18.15 4.01 -23.08
CA LEU B 118 18.72 5.03 -23.95
C LEU B 118 17.65 5.97 -24.46
N LEU B 119 16.46 5.45 -24.77
CA LEU B 119 15.38 6.31 -25.22
C LEU B 119 14.82 7.18 -24.09
N TYR B 120 14.84 6.68 -22.87
CA TYR B 120 14.39 7.47 -21.72
C TYR B 120 15.38 8.54 -21.32
N LEU B 121 16.67 8.36 -21.63
CA LEU B 121 17.69 9.31 -21.21
C LEU B 121 17.47 10.74 -21.70
N PRO B 122 17.23 11.00 -23.00
CA PRO B 122 17.15 12.40 -23.44
C PRO B 122 16.00 13.18 -22.82
N ASN B 123 14.86 12.53 -22.59
CA ASN B 123 13.76 13.24 -21.93
C ASN B 123 14.10 13.60 -20.49
N LEU B 124 14.82 12.71 -19.79
CA LEU B 124 15.28 13.06 -18.45
C LEU B 124 16.27 14.21 -18.48
N PHE B 125 17.16 14.22 -19.49
CA PHE B 125 18.10 15.33 -19.63
C PHE B 125 17.37 16.65 -19.87
N TRP B 126 16.37 16.63 -20.75
CA TRP B 126 15.59 17.84 -21.00
C TRP B 126 14.85 18.28 -19.75
N ARG B 127 14.29 17.33 -19.00
CA ARG B 127 13.53 17.67 -17.79
C ARG B 127 14.44 18.21 -16.69
N PHE B 128 15.70 17.78 -16.65
CA PHE B 128 16.60 18.22 -15.58
C PHE B 128 17.41 19.46 -15.94
N THR B 129 17.61 19.76 -17.23
CA THR B 129 18.40 20.92 -17.62
C THR B 129 17.64 21.96 -18.43
N ALA B 130 16.34 21.76 -18.68
CA ALA B 130 15.55 22.75 -19.41
C ALA B 130 14.18 23.03 -18.80
N ALA B 131 13.62 22.12 -17.99
CA ALA B 131 12.27 22.32 -17.46
C ALA B 131 12.16 23.54 -16.54
N PRO B 132 13.04 23.74 -15.55
CA PRO B 132 12.79 24.83 -14.59
C PRO B 132 12.82 26.22 -15.21
N HIS B 133 13.79 26.50 -16.07
CA HIS B 133 13.86 27.82 -16.69
C HIS B 133 12.63 28.10 -17.55
N LEU B 134 12.23 27.12 -18.37
CA LEU B 134 11.05 27.29 -19.21
C LEU B 134 9.79 27.45 -18.38
N SER B 135 9.68 26.68 -17.29
CA SER B 135 8.51 26.80 -16.42
C SER B 135 8.43 28.18 -15.78
N SER B 136 9.57 28.68 -15.28
CA SER B 136 9.58 30.01 -14.69
C SER B 136 9.24 31.08 -15.72
N ASP B 137 9.79 30.96 -16.93
CA ASP B 137 9.50 31.94 -17.97
C ASP B 137 8.01 31.91 -18.34
N LEU B 138 7.43 30.72 -18.45
CA LEU B 138 6.02 30.61 -18.78
C LEU B 138 5.15 31.19 -17.68
N LYS B 139 5.49 30.92 -16.41
CA LYS B 139 4.72 31.47 -15.30
C LYS B 139 4.79 32.99 -15.29
N PHE B 140 5.99 33.53 -15.50
CA PHE B 140 6.14 34.98 -15.54
C PHE B 140 5.33 35.59 -16.67
N VAL B 141 5.38 34.99 -17.87
CA VAL B 141 4.67 35.53 -19.01
C VAL B 141 3.17 35.49 -18.77
N MET B 142 2.67 34.37 -18.25
CA MET B 142 1.24 34.25 -17.99
C MET B 142 0.77 35.24 -16.94
N GLU B 143 1.53 35.40 -15.84
CA GLU B 143 1.11 36.33 -14.80
C GLU B 143 1.16 37.77 -15.29
N GLU B 144 2.15 38.10 -16.12
CA GLU B 144 2.22 39.46 -16.65
C GLU B 144 1.09 39.72 -17.65
N LEU B 145 0.74 38.72 -18.46
CA LEU B 145 -0.39 38.88 -19.36
C LEU B 145 -1.69 39.08 -18.59
N ASP B 146 -1.89 38.31 -17.52
CA ASP B 146 -3.09 38.47 -16.70
C ASP B 146 -3.13 39.84 -16.05
N LYS B 147 -2.00 40.31 -15.51
CA LYS B 147 -1.96 41.63 -14.89
C LYS B 147 -2.23 42.73 -15.92
N CYS B 148 -1.66 42.60 -17.12
CA CYS B 148 -1.90 43.59 -18.17
C CYS B 148 -3.38 43.62 -18.57
N TYR B 149 -3.98 42.43 -18.71
CA TYR B 149 -5.40 42.38 -19.04
C TYR B 149 -6.24 43.05 -17.93
N ASN B 150 -5.90 42.77 -16.67
CA ASN B 150 -6.64 43.36 -15.57
C ASN B 150 -6.54 44.87 -15.55
N ARG B 151 -5.32 45.40 -15.70
CA ARG B 151 -5.16 46.85 -15.65
C ARG B 151 -5.80 47.52 -16.86
N ASP B 152 -5.74 46.87 -18.04
CA ASP B 152 -6.38 47.44 -19.22
C ASP B 152 -7.89 47.46 -19.06
N ILE B 153 -8.46 46.39 -18.48
CA ILE B 153 -9.90 46.35 -18.25
C ILE B 153 -10.30 47.44 -17.26
N LYS B 154 -9.49 47.63 -16.22
CA LYS B 154 -9.78 48.68 -15.25
C LYS B 154 -9.71 50.06 -15.90
N ASP B 155 -8.74 50.28 -16.78
CA ASP B 155 -8.59 51.57 -17.44
C ASP B 155 -9.74 51.86 -18.40
N ILE B 156 -10.11 50.88 -19.23
CA ILE B 156 -11.23 51.07 -20.16
C ILE B 156 -12.58 51.04 -19.47
N LYS B 157 -12.64 50.51 -18.25
CA LYS B 157 -13.88 50.42 -17.47
C LYS B 157 -14.95 49.60 -18.21
N PRO B 195 4.21 46.39 -22.01
CA PRO B 195 5.45 46.75 -22.69
C PRO B 195 6.61 45.81 -22.33
N ILE B 196 6.56 45.23 -21.13
CA ILE B 196 7.66 44.38 -20.68
C ILE B 196 7.68 43.06 -21.45
N VAL B 197 6.50 42.46 -21.68
CA VAL B 197 6.46 41.14 -22.30
C VAL B 197 6.85 41.22 -23.78
N GLU B 198 6.44 42.29 -24.47
CA GLU B 198 6.81 42.45 -25.87
C GLU B 198 8.33 42.59 -26.01
N GLN B 199 8.93 43.43 -25.17
CA GLN B 199 10.39 43.62 -25.23
C GLN B 199 11.11 42.33 -24.86
N TYR B 200 10.61 41.61 -23.85
CA TYR B 200 11.24 40.37 -23.44
C TYR B 200 11.19 39.33 -24.56
N LEU B 201 10.05 39.24 -25.25
CA LEU B 201 9.96 38.34 -26.40
C LEU B 201 10.89 38.79 -27.52
N LYS B 202 11.08 40.11 -27.67
CA LYS B 202 12.01 40.60 -28.69
C LYS B 202 13.44 40.17 -28.37
N THR B 203 13.83 40.24 -27.10
CA THR B 203 15.16 39.74 -26.73
C THR B 203 15.26 38.23 -26.93
N LYS B 204 14.20 37.49 -26.57
CA LYS B 204 14.21 36.05 -26.78
C LYS B 204 14.26 35.68 -28.26
N ASN B 205 13.80 36.58 -29.13
CA ASN B 205 13.90 36.34 -30.57
C ASN B 205 15.35 36.15 -31.01
N ASN B 206 16.29 36.83 -30.35
CA ASN B 206 17.71 36.73 -30.69
C ASN B 206 18.42 35.66 -29.88
N SER B 207 17.71 34.60 -29.49
CA SER B 207 18.28 33.50 -28.72
C SER B 207 18.07 32.19 -29.45
N TYR B 208 18.93 31.21 -29.14
CA TYR B 208 18.84 29.90 -29.78
C TYR B 208 19.11 28.74 -28.85
N GLY B 209 19.31 28.97 -27.55
CA GLY B 209 19.66 27.87 -26.65
C GLY B 209 18.55 26.85 -26.52
N LEU B 210 17.32 27.32 -26.30
CA LEU B 210 16.20 26.40 -26.08
C LEU B 210 15.91 25.58 -27.33
N ILE B 211 15.89 26.23 -28.50
CA ILE B 211 15.61 25.49 -29.73
C ILE B 211 16.74 24.53 -30.05
N ILE B 212 17.99 24.91 -29.72
CA ILE B 212 19.12 24.01 -29.94
C ILE B 212 18.99 22.77 -29.07
N LYS B 213 18.65 22.96 -27.79
CA LYS B 213 18.48 21.82 -26.90
C LYS B 213 17.34 20.92 -27.35
N TYR B 214 16.23 21.53 -27.78
CA TYR B 214 15.12 20.76 -28.34
C TYR B 214 15.56 19.95 -29.56
N LEU B 215 16.35 20.56 -30.44
CA LEU B 215 16.80 19.87 -31.63
C LEU B 215 17.72 18.71 -31.30
N ILE B 216 18.64 18.89 -30.35
CA ILE B 216 19.53 17.79 -29.99
C ILE B 216 18.75 16.67 -29.31
N CYS B 217 17.72 17.01 -28.52
CA CYS B 217 16.89 15.96 -27.92
C CYS B 217 16.18 15.16 -29.00
N ARG B 218 15.56 15.85 -29.95
CA ARG B 218 14.87 15.16 -31.03
C ARG B 218 15.83 14.32 -31.87
N VAL B 219 17.03 14.85 -32.14
CA VAL B 219 18.01 14.12 -32.94
C VAL B 219 18.49 12.87 -32.20
N VAL B 220 18.72 12.98 -30.89
CA VAL B 220 19.14 11.82 -30.11
C VAL B 220 18.05 10.75 -30.13
N THR B 221 16.80 11.17 -29.93
CA THR B 221 15.70 10.21 -29.95
C THR B 221 15.60 9.53 -31.31
N LEU B 222 15.69 10.30 -32.40
CA LEU B 222 15.58 9.74 -33.74
C LEU B 222 16.72 8.78 -34.02
N ILE B 223 17.95 9.15 -33.61
CA ILE B 223 19.10 8.29 -33.86
C ILE B 223 18.97 6.97 -33.10
N ILE B 224 18.53 7.04 -31.84
CA ILE B 224 18.37 5.81 -31.05
C ILE B 224 17.27 4.93 -31.65
N VAL B 225 16.17 5.54 -32.09
CA VAL B 225 15.10 4.76 -32.70
C VAL B 225 15.57 4.11 -33.99
N PHE B 226 16.36 4.83 -34.80
CA PHE B 226 16.88 4.26 -36.04
C PHE B 226 17.83 3.11 -35.75
N THR B 227 18.70 3.27 -34.75
CA THR B 227 19.62 2.19 -34.38
C THR B 227 18.84 0.97 -33.90
N ALA B 228 17.80 1.18 -33.11
CA ALA B 228 16.96 0.08 -32.66
C ALA B 228 16.29 -0.62 -33.85
N CYS B 229 15.81 0.16 -34.82
CA CYS B 229 15.21 -0.44 -36.01
C CYS B 229 16.22 -1.29 -36.77
N ILE B 230 17.43 -0.78 -36.94
CA ILE B 230 18.47 -1.55 -37.65
C ILE B 230 18.78 -2.84 -36.90
N TYR B 231 18.92 -2.74 -35.58
CA TYR B 231 19.24 -3.94 -34.79
C TYR B 231 18.11 -4.96 -34.87
N LEU B 232 16.85 -4.50 -34.81
CA LEU B 232 15.72 -5.42 -34.88
C LEU B 232 15.65 -6.09 -36.26
N GLY B 233 15.88 -5.32 -37.33
CA GLY B 233 15.91 -5.93 -38.65
C GLY B 233 17.02 -6.96 -38.78
N TYR B 234 18.20 -6.65 -38.24
CA TYR B 234 19.31 -7.60 -38.27
C TYR B 234 18.96 -8.87 -37.51
N TYR B 235 18.36 -8.72 -36.32
CA TYR B 235 17.99 -9.88 -35.52
C TYR B 235 16.94 -10.73 -36.22
N ILE B 236 15.96 -10.09 -36.86
CA ILE B 236 14.95 -10.84 -37.61
C ILE B 236 15.60 -11.60 -38.76
N SER B 237 16.53 -10.95 -39.46
CA SER B 237 17.20 -11.60 -40.58
C SER B 237 18.04 -12.79 -40.14
N LEU B 238 18.74 -12.66 -39.01
CA LEU B 238 19.69 -13.68 -38.58
C LEU B 238 19.05 -14.81 -37.80
N PHE B 239 17.78 -14.71 -37.41
CA PHE B 239 17.12 -15.76 -36.65
C PHE B 239 15.92 -16.36 -37.39
N SER B 240 15.88 -16.23 -38.71
CA SER B 240 14.88 -16.91 -39.52
C SER B 240 15.40 -18.23 -40.09
N LEU B 241 16.66 -18.58 -39.81
CA LEU B 241 17.25 -19.80 -40.36
C LEU B 241 16.89 -21.03 -39.53
N THR B 242 17.30 -21.07 -38.27
CA THR B 242 16.95 -22.16 -37.36
C THR B 242 17.29 -21.72 -35.94
N ASP B 243 16.91 -22.56 -34.98
CA ASP B 243 17.15 -22.28 -33.56
C ASP B 243 17.63 -23.54 -32.85
N GLU B 244 18.53 -24.28 -33.49
CA GLU B 244 19.13 -25.48 -32.92
C GLU B 244 20.64 -25.36 -33.00
N PHE B 245 21.32 -25.65 -31.88
CA PHE B 245 22.76 -25.55 -31.84
C PHE B 245 23.34 -26.72 -31.05
N THR B 246 24.55 -27.11 -31.40
CA THR B 246 25.24 -28.20 -30.73
C THR B 246 26.28 -27.65 -29.76
N CYS B 247 26.15 -28.03 -28.49
CA CYS B 247 27.10 -27.70 -27.46
C CYS B 247 28.04 -28.89 -27.24
N ASN B 248 29.31 -28.61 -26.98
CA ASN B 248 30.32 -29.64 -26.76
C ASN B 248 30.68 -29.67 -25.28
N ILE B 249 30.40 -30.79 -24.62
CA ILE B 249 30.58 -30.90 -23.18
C ILE B 249 31.83 -31.69 -22.81
N ARG B 250 32.64 -32.08 -23.78
CA ARG B 250 33.89 -32.80 -23.52
C ARG B 250 35.05 -31.83 -23.32
N THR B 251 34.93 -31.01 -22.29
CA THR B 251 35.94 -30.03 -21.92
C THR B 251 36.40 -30.26 -20.49
N GLY B 252 37.71 -30.14 -20.27
CA GLY B 252 38.26 -30.28 -18.93
C GLY B 252 38.78 -31.67 -18.63
N ILE B 253 38.55 -32.14 -17.40
CA ILE B 253 39.05 -33.45 -17.00
C ILE B 253 38.26 -34.58 -17.65
N LEU B 254 37.06 -34.30 -18.16
CA LEU B 254 36.25 -35.29 -18.86
C LEU B 254 36.37 -35.17 -20.37
N ARG B 255 37.35 -34.41 -20.86
CA ARG B 255 37.53 -34.26 -22.30
C ARG B 255 37.93 -35.58 -22.95
N ASN B 256 38.80 -36.35 -22.28
CA ASN B 256 39.27 -37.62 -22.81
C ASN B 256 38.34 -38.79 -22.50
N ASP B 257 37.28 -38.56 -21.74
CA ASP B 257 36.35 -39.64 -21.41
C ASP B 257 35.54 -39.99 -22.66
N THR B 258 35.34 -41.29 -22.87
CA THR B 258 34.64 -41.77 -24.06
C THR B 258 33.15 -42.01 -23.83
N ALA B 259 32.68 -42.04 -22.59
CA ALA B 259 31.27 -42.29 -22.32
C ALA B 259 30.41 -41.12 -22.76
N LEU B 260 30.89 -39.90 -22.60
CA LEU B 260 30.11 -38.73 -22.97
C LEU B 260 29.98 -38.61 -24.49
N PRO B 261 28.85 -38.12 -24.98
CA PRO B 261 28.70 -37.94 -26.42
C PRO B 261 29.60 -36.83 -26.92
N PRO B 262 30.11 -36.94 -28.15
CA PRO B 262 30.95 -35.86 -28.69
C PRO B 262 30.23 -34.52 -28.81
N LEU B 263 28.94 -34.54 -29.13
CA LEU B 263 28.15 -33.32 -29.25
C LEU B 263 26.77 -33.54 -28.64
N VAL B 264 26.18 -32.47 -28.14
CA VAL B 264 24.85 -32.50 -27.54
C VAL B 264 23.99 -31.44 -28.24
N GLN B 265 22.89 -31.88 -28.84
CA GLN B 265 21.98 -30.96 -29.52
C GLN B 265 21.09 -30.25 -28.52
N CYS B 266 20.88 -28.95 -28.74
CA CYS B 266 20.03 -28.14 -27.88
C CYS B 266 19.18 -27.22 -28.73
N LYS B 267 18.00 -26.91 -28.21
CA LYS B 267 16.99 -26.12 -28.89
C LYS B 267 16.69 -24.87 -28.09
N LEU B 268 16.67 -23.72 -28.77
CA LEU B 268 16.22 -22.46 -28.19
C LEU B 268 14.69 -22.45 -28.22
N ILE B 269 14.07 -22.10 -27.10
CA ILE B 269 12.62 -22.25 -26.99
C ILE B 269 11.89 -20.98 -27.42
N ALA B 270 12.38 -19.82 -27.00
CA ALA B 270 11.66 -18.56 -27.20
C ALA B 270 12.12 -17.80 -28.44
N VAL B 271 12.66 -18.48 -29.45
CA VAL B 271 13.14 -17.79 -30.65
C VAL B 271 11.96 -17.22 -31.43
N GLY B 272 10.89 -18.01 -31.58
CA GLY B 272 9.74 -17.54 -32.34
C GLY B 272 9.04 -16.36 -31.69
N VAL B 273 8.85 -16.43 -30.37
CA VAL B 273 8.23 -15.32 -29.64
C VAL B 273 9.09 -14.07 -29.74
N PHE B 274 10.42 -14.25 -29.61
CA PHE B 274 11.33 -13.11 -29.73
C PHE B 274 11.24 -12.49 -31.12
N ARG B 275 11.18 -13.33 -32.15
CA ARG B 275 11.10 -12.82 -33.52
C ARG B 275 9.79 -12.05 -33.75
N LEU B 276 8.68 -12.60 -33.26
CA LEU B 276 7.40 -11.91 -33.42
C LEU B 276 7.39 -10.58 -32.69
N LEU B 277 7.91 -10.56 -31.45
CA LEU B 277 7.92 -9.32 -30.69
C LEU B 277 8.87 -8.29 -31.31
N SER B 278 10.00 -8.75 -31.84
CA SER B 278 10.91 -7.84 -32.53
C SER B 278 10.27 -7.26 -33.78
N TYR B 279 9.51 -8.07 -34.51
CA TYR B 279 8.78 -7.58 -35.67
C TYR B 279 7.76 -6.52 -35.27
N ILE B 280 7.03 -6.76 -34.18
CA ILE B 280 6.05 -5.79 -33.70
C ILE B 280 6.75 -4.49 -33.29
N ASN B 281 7.88 -4.61 -32.59
CA ASN B 281 8.63 -3.42 -32.16
C ASN B 281 9.12 -2.63 -33.36
N LEU B 282 9.63 -3.32 -34.37
CA LEU B 282 10.11 -2.66 -35.58
C LEU B 282 8.97 -1.95 -36.30
N ILE B 283 7.80 -2.60 -36.37
CA ILE B 283 6.64 -1.98 -37.02
C ILE B 283 6.24 -0.72 -36.28
N ILE B 284 6.19 -0.77 -34.95
CA ILE B 284 5.78 0.39 -34.17
C ILE B 284 6.79 1.52 -34.32
N TYR B 285 8.09 1.20 -34.29
CA TYR B 285 9.10 2.23 -34.44
C TYR B 285 9.06 2.86 -35.82
N VAL B 286 8.83 2.05 -36.86
CA VAL B 286 8.70 2.59 -38.21
C VAL B 286 7.48 3.51 -38.28
N LEU B 287 6.38 3.12 -37.63
CA LEU B 287 5.19 3.95 -37.61
C LEU B 287 5.42 5.28 -36.91
N ILE B 288 6.17 5.29 -35.81
CA ILE B 288 6.43 6.51 -35.05
C ILE B 288 7.62 7.29 -35.60
N MET B 289 8.32 6.75 -36.60
CA MET B 289 9.43 7.48 -37.22
C MET B 289 9.03 8.86 -37.75
N PRO B 290 7.96 9.01 -38.56
CA PRO B 290 7.65 10.34 -39.08
C PRO B 290 7.19 11.32 -38.01
N PHE B 291 6.74 10.83 -36.86
CA PHE B 291 6.25 11.72 -35.82
C PHE B 291 7.37 12.55 -35.22
N ILE B 292 8.56 11.97 -35.09
CA ILE B 292 9.71 12.74 -34.61
C ILE B 292 10.09 13.82 -35.62
N ILE B 293 10.05 13.47 -36.92
CA ILE B 293 10.36 14.44 -37.96
C ILE B 293 9.37 15.60 -37.92
N TYR B 294 8.08 15.29 -37.76
CA TYR B 294 7.08 16.34 -37.58
C TYR B 294 7.30 17.12 -36.29
N ALA B 295 7.85 16.47 -35.26
CA ALA B 295 8.05 17.13 -33.98
C ALA B 295 9.14 18.19 -34.06
N MET B 296 10.29 17.86 -34.64
CA MET B 296 11.37 18.82 -34.73
C MET B 296 11.22 19.77 -35.92
N LEU B 297 10.18 19.57 -36.74
CA LEU B 297 9.87 20.49 -37.84
C LEU B 297 9.13 21.70 -37.25
N VAL B 298 9.92 22.62 -36.71
CA VAL B 298 9.39 23.82 -36.06
C VAL B 298 9.02 24.91 -37.06
N PRO B 299 9.89 25.27 -38.03
CA PRO B 299 9.54 26.38 -38.92
C PRO B 299 8.27 26.15 -39.73
N PHE B 300 8.01 24.91 -40.16
CA PHE B 300 6.86 24.61 -40.99
C PHE B 300 5.65 24.14 -40.20
N ARG B 301 5.72 24.17 -38.87
CA ARG B 301 4.59 23.74 -38.06
C ARG B 301 3.43 24.73 -38.18
N LYS B 302 2.20 24.20 -38.10
CA LYS B 302 1.00 25.02 -38.14
C LYS B 302 0.81 25.65 -36.76
N THR B 303 1.41 26.82 -36.58
CA THR B 303 1.40 27.51 -35.30
C THR B 303 0.61 28.81 -35.43
N ALA B 304 -0.31 29.03 -34.49
CA ALA B 304 -1.09 30.26 -34.40
C ALA B 304 -0.59 31.07 -33.22
N ASN B 305 -0.25 32.33 -33.48
CA ASN B 305 0.30 33.18 -32.43
C ASN B 305 -0.76 33.54 -31.41
N VAL B 306 -0.43 33.36 -30.13
CA VAL B 306 -1.37 33.69 -29.06
C VAL B 306 -1.56 35.20 -28.96
N LEU B 307 -0.49 35.97 -29.19
CA LEU B 307 -0.54 37.41 -29.00
C LEU B 307 -1.47 38.12 -29.96
N LYS B 308 -1.93 37.44 -31.02
CA LYS B 308 -2.83 38.08 -31.97
C LYS B 308 -4.13 38.52 -31.31
N VAL B 309 -4.69 37.66 -30.45
CA VAL B 309 -5.93 38.03 -29.75
C VAL B 309 -5.66 39.13 -28.74
N TYR B 310 -4.46 39.13 -28.15
CA TYR B 310 -4.09 40.18 -27.20
C TYR B 310 -3.82 41.52 -27.87
N GLU B 311 -3.55 41.53 -29.18
CA GLU B 311 -3.36 42.78 -29.89
C GLU B 311 -4.62 43.65 -29.90
N VAL B 312 -5.78 43.05 -29.64
CA VAL B 312 -7.02 43.83 -29.54
C VAL B 312 -6.92 44.83 -28.40
N LEU B 313 -6.28 44.44 -27.30
CA LEU B 313 -6.10 45.33 -26.17
C LEU B 313 -5.24 46.52 -26.58
N PRO B 314 -5.68 47.76 -26.32
CA PRO B 314 -4.87 48.92 -26.71
C PRO B 314 -3.50 48.97 -26.05
N THR B 315 -3.38 48.45 -24.82
CA THR B 315 -2.08 48.47 -24.15
C THR B 315 -1.05 47.62 -24.89
N PHE B 316 -1.46 46.46 -25.39
CA PHE B 316 -0.56 45.61 -26.14
C PHE B 316 -0.27 46.21 -27.51
N SER B 317 0.97 46.05 -27.97
CA SER B 317 1.38 46.58 -29.26
C SER B 317 2.31 45.61 -29.98
N THR B 325 10.37 30.10 -36.81
CA THR B 325 11.21 29.57 -37.88
C THR B 325 12.65 29.40 -37.42
N TYR B 326 12.93 28.26 -36.78
CA TYR B 326 14.26 27.95 -36.25
C TYR B 326 14.72 29.06 -35.29
N ASP B 327 13.96 29.23 -34.21
CA ASP B 327 14.19 30.32 -33.29
C ASP B 327 13.66 29.95 -31.91
N ASP B 328 14.21 30.61 -30.89
CA ASP B 328 13.69 30.43 -29.53
C ASP B 328 12.31 31.03 -29.39
N HIS B 329 12.02 32.14 -30.08
CA HIS B 329 10.72 32.78 -29.98
C HIS B 329 9.61 31.87 -30.49
N SER B 330 9.85 31.17 -31.60
CA SER B 330 8.84 30.26 -32.15
C SER B 330 8.56 29.11 -31.20
N LEU B 331 9.61 28.52 -30.62
CA LEU B 331 9.42 27.43 -29.67
C LEU B 331 8.69 27.91 -28.42
N PHE B 332 9.02 29.11 -27.94
CA PHE B 332 8.34 29.64 -26.77
C PHE B 332 6.87 29.92 -27.07
N LEU B 333 6.57 30.41 -28.28
CA LEU B 333 5.18 30.61 -28.67
C LEU B 333 4.43 29.29 -28.76
N LEU B 334 5.10 28.25 -29.28
CA LEU B 334 4.48 26.92 -29.33
C LEU B 334 4.18 26.41 -27.93
N PHE B 335 5.11 26.58 -26.99
CA PHE B 335 4.88 26.14 -25.62
C PHE B 335 3.77 26.95 -24.96
N LEU B 336 3.72 28.25 -25.25
CA LEU B 336 2.62 29.08 -24.74
C LEU B 336 1.28 28.59 -25.24
N GLU B 337 1.19 28.30 -26.55
CA GLU B 337 -0.06 27.82 -27.12
C GLU B 337 -0.45 26.48 -26.54
N GLU B 338 0.52 25.59 -26.34
CA GLU B 338 0.24 24.29 -25.75
C GLU B 338 -0.17 24.40 -24.29
N ASN B 339 0.31 25.44 -23.60
CA ASN B 339 0.00 25.66 -22.19
C ASN B 339 -0.94 26.82 -21.95
N VAL B 340 -1.66 27.26 -22.99
CA VAL B 340 -2.55 28.42 -22.86
C VAL B 340 -3.91 28.07 -22.27
N SER B 341 -4.21 26.79 -22.09
CA SER B 341 -5.52 26.40 -21.58
C SER B 341 -5.76 26.89 -20.16
N GLU B 342 -4.71 27.12 -19.38
CA GLU B 342 -4.88 27.57 -18.00
C GLU B 342 -5.30 29.03 -17.93
N LEU B 343 -4.87 29.85 -18.88
CA LEU B 343 -5.23 31.27 -18.87
C LEU B 343 -6.72 31.44 -19.12
N LYS B 344 -7.34 32.34 -18.36
CA LYS B 344 -8.77 32.63 -18.50
C LYS B 344 -9.06 33.90 -19.27
N SER B 345 -8.20 34.92 -19.15
CA SER B 345 -8.35 36.11 -19.99
C SER B 345 -8.14 35.78 -21.45
N TYR B 346 -7.18 34.89 -21.75
CA TYR B 346 -7.00 34.44 -23.12
C TYR B 346 -8.26 33.78 -23.66
N LYS B 347 -9.03 33.12 -22.79
CA LYS B 347 -10.28 32.53 -23.24
C LYS B 347 -11.26 33.62 -23.70
N PHE B 348 -11.36 34.71 -22.95
CA PHE B 348 -12.22 35.82 -23.36
C PHE B 348 -11.73 36.42 -24.68
N LEU B 349 -10.43 36.62 -24.81
CA LEU B 349 -9.89 37.22 -26.03
C LEU B 349 -10.11 36.31 -27.23
N LYS B 350 -9.94 34.99 -27.04
CA LYS B 350 -10.15 34.05 -28.14
C LYS B 350 -11.62 33.97 -28.51
N VAL B 351 -12.51 34.05 -27.52
CA VAL B 351 -13.95 34.07 -27.83
C VAL B 351 -14.30 35.31 -28.64
N LEU B 352 -13.75 36.46 -28.26
CA LEU B 352 -13.99 37.68 -29.02
C LEU B 352 -13.43 37.56 -30.44
N GLU B 353 -12.24 36.97 -30.58
CA GLU B 353 -11.66 36.79 -31.90
C GLU B 353 -12.50 35.87 -32.76
N ASN B 354 -13.01 34.78 -32.18
CA ASN B 354 -13.88 33.86 -32.92
C ASN B 354 -15.17 34.55 -33.32
N ILE B 355 -15.73 35.38 -32.45
CA ILE B 355 -16.95 36.11 -32.76
C ILE B 355 -16.71 37.05 -33.93
N LYS B 356 -15.59 37.78 -33.91
CA LYS B 356 -15.30 38.75 -34.96
C LYS B 356 -14.82 38.09 -36.25
N ASN B 357 -14.38 36.84 -36.19
CA ASN B 357 -13.91 36.16 -37.40
C ASN B 357 -15.04 35.92 -38.38
N THR B 358 -16.26 35.70 -37.88
CA THR B 358 -17.40 35.45 -38.77
C THR B 358 -17.69 36.66 -39.66
N GLY B 359 -17.61 37.86 -39.09
CA GLY B 359 -17.86 39.06 -39.85
C GLY B 359 -18.97 39.91 -39.29
N GLU B 360 -19.31 39.71 -38.02
CA GLU B 360 -20.34 40.50 -37.38
C GLU B 360 -19.90 41.94 -37.22
N ASN B 361 -20.81 42.86 -37.51
CA ASN B 361 -20.50 44.30 -37.46
C ASN B 361 -20.92 44.87 -36.10
N PHE B 362 -20.17 44.50 -35.08
CA PHE B 362 -20.37 44.99 -33.72
C PHE B 362 -19.08 45.56 -33.18
N ASP B 363 -19.18 46.71 -32.52
CA ASP B 363 -18.00 47.34 -31.94
C ASP B 363 -17.46 46.52 -30.78
N THR B 364 -16.14 46.41 -30.70
CA THR B 364 -15.50 45.64 -29.65
C THR B 364 -15.37 46.40 -28.33
N ILE B 365 -15.53 47.73 -28.36
CA ILE B 365 -15.35 48.52 -27.15
C ILE B 365 -16.39 48.15 -26.10
N GLN B 366 -17.65 48.00 -26.53
CA GLN B 366 -18.70 47.63 -25.58
C GLN B 366 -18.45 46.25 -25.00
N TYR B 367 -18.02 45.31 -25.82
CA TYR B 367 -17.72 43.96 -25.32
C TYR B 367 -16.57 43.98 -24.33
N LEU B 368 -15.53 44.76 -24.61
CA LEU B 368 -14.40 44.86 -23.69
C LEU B 368 -14.82 45.51 -22.38
N THR B 369 -15.67 46.54 -22.44
CA THR B 369 -16.13 47.19 -21.21
C THR B 369 -17.08 46.30 -20.42
N SER B 370 -17.78 45.39 -21.10
CA SER B 370 -18.69 44.49 -20.40
C SER B 370 -17.94 43.55 -19.46
N LEU B 371 -16.79 43.04 -19.89
CA LEU B 371 -16.01 42.14 -19.06
C LEU B 371 -15.33 42.91 -17.93
N GLY B 372 -15.04 42.18 -16.85
CA GLY B 372 -14.38 42.78 -15.70
C GLY B 372 -13.10 42.07 -15.34
N THR B 373 -12.67 42.21 -14.08
CA THR B 373 -11.47 41.52 -13.62
C THR B 373 -11.68 40.02 -13.60
N VAL B 374 -10.69 39.27 -14.06
CA VAL B 374 -10.79 37.82 -14.12
C VAL B 374 -10.28 37.20 -12.81
N LYS B 375 -9.07 37.58 -12.40
CA LYS B 375 -8.49 37.10 -11.15
C LYS B 375 -7.20 37.87 -10.83
N ALA C 1 -1.30 -12.58 -15.61
CA ALA C 1 0.03 -12.02 -15.79
C ALA C 1 0.07 -11.08 -16.99
N ILE C 2 -0.48 -11.55 -18.12
CA ILE C 2 -0.52 -10.73 -19.32
C ILE C 2 -1.37 -9.48 -19.08
N ALA C 3 -2.56 -9.67 -18.48
CA ALA C 3 -3.44 -8.55 -18.22
C ALA C 3 -2.86 -7.60 -17.18
N HIS C 4 -2.14 -8.13 -16.18
CA HIS C 4 -1.47 -7.27 -15.22
C HIS C 4 -0.42 -6.40 -15.90
N ILE C 5 0.36 -6.99 -16.81
CA ILE C 5 1.35 -6.23 -17.57
C ILE C 5 0.67 -5.15 -18.39
N ALA C 6 -0.46 -5.49 -19.03
CA ALA C 6 -1.20 -4.52 -19.82
C ALA C 6 -1.67 -3.36 -18.95
N THR C 7 -2.23 -3.67 -17.79
CA THR C 7 -2.73 -2.62 -16.90
C THR C 7 -1.60 -1.72 -16.42
N GLU C 8 -0.46 -2.31 -16.06
CA GLU C 8 0.60 -1.53 -15.46
C GLU C 8 1.52 -0.85 -16.47
N TYR C 9 1.43 -1.19 -17.75
CA TYR C 9 2.30 -0.57 -18.75
C TYR C 9 1.55 0.17 -19.85
N VAL C 10 0.25 -0.02 -20.00
CA VAL C 10 -0.54 0.63 -21.04
C VAL C 10 -1.63 1.51 -20.45
N PHE C 11 -2.54 0.92 -19.68
CA PHE C 11 -3.69 1.67 -19.18
C PHE C 11 -3.33 2.58 -18.02
N SER C 12 -2.37 2.19 -17.18
CA SER C 12 -1.88 3.08 -16.14
C SER C 12 -0.87 4.05 -16.72
N ASP C 13 -0.89 5.28 -16.21
CA ASP C 13 0.03 6.30 -16.70
C ASP C 13 1.46 5.93 -16.35
N PHE C 14 2.34 5.97 -17.34
CA PHE C 14 3.74 5.58 -17.18
C PHE C 14 4.67 6.78 -17.30
N LEU C 15 4.61 7.50 -18.42
CA LEU C 15 5.39 8.73 -18.59
C LEU C 15 4.52 9.89 -19.06
N LEU C 16 3.20 9.76 -18.99
CA LEU C 16 2.29 10.78 -19.51
C LEU C 16 1.87 11.77 -18.44
N LYS C 17 1.23 11.28 -17.37
CA LYS C 17 0.64 12.17 -16.37
C LYS C 17 1.18 11.92 -14.97
N ASP C 18 2.45 11.57 -14.85
CA ASP C 18 3.09 11.43 -13.54
C ASP C 18 3.91 12.69 -13.27
N PRO C 19 3.51 13.54 -12.33
CA PRO C 19 4.23 14.80 -12.11
C PRO C 19 5.44 14.57 -11.21
N PRO C 20 6.65 14.80 -11.71
CA PRO C 20 7.85 14.61 -10.89
C PRO C 20 7.97 15.63 -9.76
N GLU C 21 7.86 16.92 -10.10
CA GLU C 21 8.05 18.01 -9.16
C GLU C 21 6.93 19.04 -9.28
N SER C 22 5.68 18.55 -9.28
CA SER C 22 4.53 19.45 -9.30
C SER C 22 4.50 20.27 -8.01
N LYS C 23 4.71 21.57 -8.13
CA LYS C 23 4.79 22.48 -6.97
C LYS C 23 5.86 22.01 -5.99
N TYR C 24 7.10 22.00 -6.48
CA TYR C 24 8.23 21.52 -5.68
C TYR C 24 8.43 22.42 -4.46
N LYS C 25 8.59 21.79 -3.31
CA LYS C 25 8.74 22.49 -2.04
C LYS C 25 10.20 22.38 -1.55
N GLY C 26 10.47 23.05 -0.43
CA GLY C 26 11.81 23.02 0.12
C GLY C 26 12.80 23.80 -0.73
N LEU C 27 14.07 23.46 -0.55
CA LEU C 27 15.16 24.09 -1.27
C LEU C 27 16.03 23.02 -1.93
N ARG C 28 16.69 23.42 -3.02
CA ARG C 28 17.57 22.52 -3.76
C ARG C 28 18.97 22.64 -3.18
N LEU C 29 19.32 21.72 -2.29
CA LEU C 29 20.61 21.76 -1.60
C LEU C 29 21.72 21.04 -2.37
N GLU C 30 21.40 20.46 -3.52
CA GLU C 30 22.39 19.77 -4.35
C GLU C 30 22.30 20.29 -5.78
N LEU C 31 23.46 20.40 -6.43
CA LEU C 31 23.49 20.83 -7.82
C LEU C 31 22.93 19.75 -8.73
N ALA C 32 22.42 20.18 -9.89
CA ALA C 32 21.81 19.25 -10.82
C ALA C 32 22.82 18.24 -11.35
N VAL C 33 24.00 18.71 -11.76
CA VAL C 33 25.02 17.82 -12.28
C VAL C 33 25.50 16.86 -11.20
N ASP C 34 25.73 17.37 -9.98
CA ASP C 34 26.15 16.50 -8.88
C ASP C 34 25.08 15.47 -8.54
N LYS C 35 23.82 15.90 -8.51
CA LYS C 35 22.73 14.97 -8.22
C LYS C 35 22.64 13.88 -9.27
N LEU C 36 22.74 14.25 -10.55
CA LEU C 36 22.68 13.27 -11.62
C LEU C 36 23.85 12.29 -11.54
N VAL C 37 25.06 12.80 -11.29
CA VAL C 37 26.24 11.94 -11.22
C VAL C 37 26.12 10.98 -10.04
N SER C 38 25.70 11.48 -8.88
CA SER C 38 25.54 10.62 -7.72
C SER C 38 24.47 9.56 -7.95
N CYS C 39 23.34 9.97 -8.55
CA CYS C 39 22.27 9.01 -8.81
C CYS C 39 22.73 7.92 -9.77
N ILE C 40 23.46 8.30 -10.83
CA ILE C 40 23.96 7.29 -11.77
C ILE C 40 24.92 6.35 -11.06
N ALA C 41 25.90 6.91 -10.35
CA ALA C 41 26.94 6.09 -9.72
C ALA C 41 26.37 5.19 -8.64
N VAL C 42 25.25 5.57 -8.02
CA VAL C 42 24.65 4.73 -6.99
C VAL C 42 23.75 3.68 -7.61
N GLY C 43 22.85 4.08 -8.50
CA GLY C 43 21.87 3.17 -9.07
C GLY C 43 22.33 2.32 -10.21
N LEU C 44 23.54 2.51 -10.73
CA LEU C 44 24.00 1.62 -11.79
C LEU C 44 24.39 0.25 -11.25
N PRO C 45 25.25 0.12 -10.22
CA PRO C 45 25.56 -1.22 -9.71
C PRO C 45 24.35 -1.97 -9.16
N LEU C 46 23.39 -1.26 -8.56
CA LEU C 46 22.19 -1.92 -8.07
C LEU C 46 21.37 -2.49 -9.22
N LEU C 47 21.18 -1.70 -10.28
CA LEU C 47 20.49 -2.20 -11.45
C LEU C 47 21.23 -3.39 -12.06
N LEU C 48 22.56 -3.33 -12.08
CA LEU C 48 23.35 -4.40 -12.68
C LEU C 48 23.24 -5.70 -11.88
N ILE C 49 23.30 -5.60 -10.55
CA ILE C 49 23.17 -6.82 -9.74
C ILE C 49 21.74 -7.35 -9.80
N SER C 50 20.75 -6.47 -9.95
CA SER C 50 19.38 -6.94 -10.14
C SER C 50 19.24 -7.67 -11.47
N LEU C 51 19.89 -7.17 -12.52
CA LEU C 51 19.82 -7.82 -13.83
C LEU C 51 20.59 -9.13 -13.86
N ALA C 52 21.69 -9.21 -13.10
CA ALA C 52 22.56 -10.38 -13.17
C ALA C 52 21.85 -11.65 -12.72
N PHE C 53 20.91 -11.54 -11.78
CA PHE C 53 20.24 -12.70 -11.22
C PHE C 53 18.75 -12.73 -11.57
N ALA C 54 18.34 -12.05 -12.63
CA ALA C 54 16.96 -12.10 -13.07
C ALA C 54 16.63 -13.48 -13.61
N GLN C 55 15.39 -13.92 -13.38
CA GLN C 55 14.97 -15.25 -13.82
C GLN C 55 14.96 -15.38 -15.32
N GLU C 56 15.00 -14.26 -16.06
CA GLU C 56 15.01 -14.31 -17.52
C GLU C 56 16.34 -14.76 -18.09
N ILE C 57 17.41 -14.73 -17.30
CA ILE C 57 18.74 -15.07 -17.79
C ILE C 57 19.41 -16.17 -16.99
N THR C 58 18.92 -16.49 -15.79
CA THR C 58 19.48 -17.56 -14.98
C THR C 58 18.71 -18.84 -15.23
N LEU C 59 19.44 -19.91 -15.59
CA LEU C 59 18.81 -21.19 -15.91
C LEU C 59 18.70 -22.08 -14.67
N GLY C 60 19.83 -22.41 -14.05
CA GLY C 60 19.81 -23.30 -12.92
C GLY C 60 20.51 -22.73 -11.69
N SER C 61 21.52 -23.44 -11.21
CA SER C 61 22.24 -23.06 -10.00
C SER C 61 23.40 -22.13 -10.36
N GLN C 62 24.08 -21.63 -9.31
CA GLN C 62 25.26 -20.80 -9.53
C GLN C 62 26.38 -21.60 -10.17
N ILE C 63 26.57 -22.85 -9.74
CA ILE C 63 27.58 -23.73 -10.29
C ILE C 63 26.91 -25.04 -10.70
N SER C 64 27.54 -25.74 -11.63
CA SER C 64 27.07 -27.04 -12.07
C SER C 64 28.21 -28.03 -12.09
N CYS C 65 28.07 -29.12 -11.35
CA CYS C 65 29.13 -30.12 -11.23
C CYS C 65 28.66 -31.43 -11.86
N PHE C 66 29.61 -32.14 -12.48
CA PHE C 66 29.34 -33.41 -13.16
C PHE C 66 29.68 -34.54 -12.20
N ALA C 67 28.69 -34.94 -11.40
CA ALA C 67 28.88 -36.05 -10.48
C ALA C 67 28.85 -37.38 -11.25
N PRO C 68 29.49 -38.42 -10.72
CA PRO C 68 29.44 -39.72 -11.38
C PRO C 68 28.02 -40.30 -11.39
N THR C 69 27.78 -41.18 -12.37
CA THR C 69 26.45 -41.75 -12.53
C THR C 69 26.03 -42.59 -11.33
N SER C 70 27.00 -43.21 -10.65
CA SER C 70 26.67 -44.04 -9.49
C SER C 70 26.14 -43.22 -8.33
N PHE C 71 26.43 -41.92 -8.28
CA PHE C 71 25.95 -41.07 -7.21
C PHE C 71 24.43 -40.90 -7.29
N SER C 72 23.78 -40.86 -6.13
CA SER C 72 22.36 -40.59 -6.08
C SER C 72 22.12 -39.09 -6.12
N TRP C 73 20.84 -38.70 -5.98
CA TRP C 73 20.50 -37.28 -5.99
C TRP C 73 21.14 -36.55 -4.81
N ARG C 74 21.06 -37.14 -3.61
CA ARG C 74 21.57 -36.45 -2.43
C ARG C 74 23.10 -36.36 -2.46
N GLN C 75 23.77 -37.41 -2.95
CA GLN C 75 25.23 -37.35 -3.06
C GLN C 75 25.66 -36.30 -4.06
N ALA C 76 24.96 -36.18 -5.18
CA ALA C 76 25.29 -35.15 -6.17
C ALA C 76 25.01 -33.75 -5.62
N ALA C 77 23.92 -33.60 -4.87
CA ALA C 77 23.65 -32.31 -4.24
C ALA C 77 24.72 -31.96 -3.21
N TYR C 78 25.18 -32.95 -2.45
CA TYR C 78 26.29 -32.73 -1.53
C TYR C 78 27.54 -32.32 -2.29
N VAL C 79 27.79 -32.95 -3.44
CA VAL C 79 28.96 -32.58 -4.23
C VAL C 79 28.86 -31.12 -4.68
N ASP C 80 27.68 -30.73 -5.18
CA ASP C 80 27.48 -29.36 -5.62
C ASP C 80 27.72 -28.37 -4.48
N SER C 81 27.12 -28.65 -3.32
CA SER C 81 27.26 -27.75 -2.18
C SER C 81 28.70 -27.71 -1.68
N PHE C 82 29.38 -28.85 -1.68
CA PHE C 82 30.77 -28.89 -1.24
C PHE C 82 31.67 -28.07 -2.16
N CYS C 83 31.49 -28.22 -3.47
CA CYS C 83 32.34 -27.47 -4.40
C CYS C 83 32.03 -25.98 -4.32
N TRP C 84 30.75 -25.63 -4.14
CA TRP C 84 30.37 -24.24 -3.91
C TRP C 84 30.91 -23.68 -2.61
N ALA C 85 31.08 -24.51 -1.57
CA ALA C 85 31.66 -24.04 -0.34
C ALA C 85 33.17 -23.88 -0.45
N ALA C 86 33.82 -24.77 -1.22
CA ALA C 86 35.25 -24.68 -1.44
C ALA C 86 35.63 -23.66 -2.49
N VAL C 87 34.66 -23.13 -3.25
CA VAL C 87 34.97 -22.11 -4.25
C VAL C 87 35.49 -20.85 -3.57
N GLN C 88 35.23 -20.71 -2.26
CA GLN C 88 35.74 -19.54 -1.53
C GLN C 88 37.17 -19.76 -1.07
N GLN C 89 37.40 -20.79 -0.25
CA GLN C 89 38.72 -21.02 0.31
C GLN C 89 39.70 -21.57 -0.72
N LYS C 90 39.19 -22.19 -1.79
CA LYS C 90 40.02 -22.75 -2.85
C LYS C 90 41.07 -23.71 -2.31
N VAL C 100 42.07 -16.86 -6.66
CA VAL C 100 41.41 -15.56 -6.57
C VAL C 100 40.15 -15.40 -7.46
N PRO C 101 40.12 -15.94 -8.69
CA PRO C 101 38.91 -15.75 -9.52
C PRO C 101 37.67 -16.37 -8.92
N LEU C 102 37.81 -17.48 -8.20
CA LEU C 102 36.64 -18.23 -7.75
C LEU C 102 35.83 -17.45 -6.70
N TRP C 103 36.50 -16.96 -5.66
CA TRP C 103 35.81 -16.19 -4.64
C TRP C 103 35.32 -14.85 -5.20
N LEU C 104 36.03 -14.30 -6.18
CA LEU C 104 35.57 -13.07 -6.84
C LEU C 104 34.26 -13.32 -7.58
N HIS C 105 34.15 -14.45 -8.28
CA HIS C 105 32.90 -14.79 -8.94
C HIS C 105 31.80 -15.02 -7.91
N LYS C 106 32.13 -15.66 -6.79
CA LYS C 106 31.13 -15.91 -5.76
C LYS C 106 30.59 -14.61 -5.18
N PHE C 107 31.47 -13.63 -4.93
CA PHE C 107 31.11 -12.42 -4.21
C PHE C 107 31.00 -11.18 -5.10
N PHE C 108 30.93 -11.34 -6.42
CA PHE C 108 30.70 -10.21 -7.31
C PHE C 108 29.52 -9.33 -6.91
N PRO C 109 28.32 -9.87 -6.65
CA PRO C 109 27.23 -9.00 -6.17
C PRO C 109 27.56 -8.29 -4.87
N TYR C 110 28.27 -8.96 -3.96
CA TYR C 110 28.67 -8.33 -2.70
C TYR C 110 29.62 -7.16 -2.96
N ILE C 111 30.58 -7.34 -3.87
CA ILE C 111 31.52 -6.26 -4.17
C ILE C 111 30.81 -5.09 -4.82
N LEU C 112 29.88 -5.37 -5.75
CA LEU C 112 29.15 -4.27 -6.38
C LEU C 112 28.27 -3.55 -5.36
N LEU C 113 27.66 -4.29 -4.42
CA LEU C 113 26.89 -3.64 -3.36
C LEU C 113 27.78 -2.78 -2.48
N LEU C 114 28.98 -3.26 -2.15
CA LEU C 114 29.91 -2.46 -1.37
C LEU C 114 30.29 -1.19 -2.09
N VAL C 115 30.52 -1.28 -3.41
CA VAL C 115 30.83 -0.10 -4.21
C VAL C 115 29.67 0.88 -4.17
N ALA C 116 28.45 0.39 -4.33
CA ALA C 116 27.28 1.26 -4.30
C ALA C 116 27.13 1.96 -2.96
N VAL C 117 27.32 1.22 -1.86
CA VAL C 117 27.19 1.81 -0.53
C VAL C 117 28.29 2.86 -0.31
N LEU C 118 29.52 2.55 -0.71
CA LEU C 118 30.61 3.50 -0.56
C LEU C 118 30.36 4.77 -1.37
N LEU C 119 29.77 4.62 -2.57
CA LEU C 119 29.45 5.79 -3.38
C LEU C 119 28.30 6.60 -2.77
N TYR C 120 27.35 5.93 -2.12
CA TYR C 120 26.25 6.63 -1.48
C TYR C 120 26.66 7.33 -0.19
N LEU C 121 27.73 6.86 0.46
CA LEU C 121 28.12 7.43 1.75
C LEU C 121 28.45 8.92 1.70
N PRO C 122 29.28 9.43 0.77
CA PRO C 122 29.65 10.85 0.85
C PRO C 122 28.48 11.81 0.67
N ASN C 123 27.51 11.46 -0.18
CA ASN C 123 26.34 12.32 -0.34
C ASN C 123 25.51 12.36 0.93
N LEU C 124 25.39 11.22 1.64
CA LEU C 124 24.70 11.21 2.92
C LEU C 124 25.45 12.05 3.95
N PHE C 125 26.79 11.98 3.94
CA PHE C 125 27.57 12.81 4.85
C PHE C 125 27.36 14.29 4.57
N TRP C 126 27.36 14.68 3.29
CA TRP C 126 27.12 16.07 2.94
C TRP C 126 25.71 16.51 3.34
N ARG C 127 24.73 15.62 3.15
CA ARG C 127 23.35 15.97 3.49
C ARG C 127 23.14 16.07 5.00
N PHE C 128 23.91 15.32 5.79
CA PHE C 128 23.72 15.34 7.23
C PHE C 128 24.60 16.37 7.95
N THR C 129 25.72 16.79 7.36
CA THR C 129 26.60 17.74 8.02
C THR C 129 26.77 19.06 7.27
N ALA C 130 26.10 19.25 6.13
CA ALA C 130 26.19 20.51 5.41
C ALA C 130 24.85 21.05 4.91
N ALA C 131 23.82 20.21 4.76
CA ALA C 131 22.56 20.69 4.20
C ALA C 131 21.86 21.72 5.08
N PRO C 132 21.70 21.53 6.40
CA PRO C 132 20.89 22.49 7.16
C PRO C 132 21.45 23.90 7.19
N HIS C 133 22.76 24.05 7.41
CA HIS C 133 23.35 25.38 7.46
C HIS C 133 23.21 26.09 6.12
N LEU C 134 23.50 25.40 5.03
CA LEU C 134 23.38 26.00 3.71
C LEU C 134 21.93 26.36 3.39
N SER C 135 20.99 25.49 3.77
CA SER C 135 19.58 25.78 3.54
C SER C 135 19.13 27.01 4.32
N SER C 136 19.53 27.12 5.58
CA SER C 136 19.17 28.29 6.38
C SER C 136 19.79 29.56 5.80
N ASP C 137 21.06 29.48 5.37
CA ASP C 137 21.71 30.65 4.78
C ASP C 137 21.01 31.08 3.50
N LEU C 138 20.64 30.11 2.66
CA LEU C 138 19.95 30.43 1.42
C LEU C 138 18.59 31.05 1.68
N LYS C 139 17.85 30.50 2.64
CA LYS C 139 16.54 31.05 2.98
C LYS C 139 16.66 32.48 3.49
N PHE C 140 17.65 32.72 4.37
CA PHE C 140 17.86 34.07 4.88
C PHE C 140 18.23 35.03 3.77
N VAL C 141 19.12 34.62 2.86
CA VAL C 141 19.55 35.51 1.79
C VAL C 141 18.38 35.83 0.86
N MET C 142 17.58 34.82 0.52
CA MET C 142 16.45 35.04 -0.37
C MET C 142 15.41 35.94 0.27
N GLU C 143 15.10 35.72 1.54
CA GLU C 143 14.09 36.56 2.19
C GLU C 143 14.59 38.00 2.35
N GLU C 144 15.88 38.18 2.62
CA GLU C 144 16.41 39.53 2.74
C GLU C 144 16.43 40.23 1.39
N LEU C 145 16.75 39.49 0.32
CA LEU C 145 16.70 40.09 -1.02
C LEU C 145 15.28 40.50 -1.38
N ASP C 146 14.30 39.66 -1.07
CA ASP C 146 12.91 40.00 -1.35
C ASP C 146 12.48 41.22 -0.56
N LYS C 147 12.84 41.28 0.73
CA LYS C 147 12.48 42.43 1.55
C LYS C 147 13.14 43.71 1.04
N CYS C 148 14.41 43.62 0.63
CA CYS C 148 15.10 44.78 0.09
C CYS C 148 14.44 45.25 -1.20
N TYR C 149 14.08 44.32 -2.08
CA TYR C 149 13.39 44.70 -3.31
C TYR C 149 12.06 45.38 -3.00
N ASN C 150 11.31 44.84 -2.03
CA ASN C 150 10.02 45.42 -1.67
C ASN C 150 10.17 46.84 -1.14
N ARG C 151 11.11 47.04 -0.21
CA ARG C 151 11.27 48.37 0.37
C ARG C 151 11.80 49.36 -0.66
N ASP C 152 12.69 48.91 -1.56
CA ASP C 152 13.19 49.80 -2.60
C ASP C 152 12.07 50.19 -3.56
N ILE C 153 11.21 49.24 -3.93
CA ILE C 153 10.09 49.54 -4.80
C ILE C 153 9.15 50.54 -4.13
N LYS C 154 8.90 50.34 -2.83
CA LYS C 154 8.05 51.27 -2.09
C LYS C 154 8.68 52.67 -2.05
N ASP C 155 10.00 52.76 -1.86
CA ASP C 155 10.66 54.05 -1.79
C ASP C 155 10.64 54.77 -3.14
N ILE C 156 10.97 54.06 -4.22
CA ILE C 156 10.95 54.68 -5.55
C ILE C 156 9.54 54.90 -6.06
N LYS C 157 8.54 54.23 -5.50
CA LYS C 157 7.14 54.36 -5.91
C LYS C 157 6.96 53.96 -7.37
N PRO C 195 22.17 46.42 2.79
CA PRO C 195 23.52 46.54 3.35
C PRO C 195 23.94 45.29 4.12
N ILE C 196 22.98 44.56 4.67
CA ILE C 196 23.30 43.39 5.48
C ILE C 196 23.82 42.25 4.60
N VAL C 197 23.18 42.03 3.45
CA VAL C 197 23.53 40.88 2.62
C VAL C 197 24.92 41.08 1.99
N GLU C 198 25.22 42.30 1.57
CA GLU C 198 26.54 42.57 0.99
C GLU C 198 27.65 42.33 2.01
N GLN C 199 27.47 42.84 3.23
CA GLN C 199 28.47 42.64 4.27
C GLN C 199 28.59 41.17 4.64
N TYR C 200 27.45 40.46 4.72
CA TYR C 200 27.49 39.05 5.06
C TYR C 200 28.23 38.24 3.99
N LEU C 201 28.00 38.56 2.72
CA LEU C 201 28.75 37.91 1.65
C LEU C 201 30.23 38.27 1.71
N LYS C 202 30.54 39.50 2.14
CA LYS C 202 31.95 39.87 2.30
C LYS C 202 32.62 39.04 3.39
N THR C 203 31.93 38.80 4.51
CA THR C 203 32.49 37.91 5.53
C THR C 203 32.61 36.49 5.02
N LYS C 204 31.60 36.00 4.28
CA LYS C 204 31.68 34.66 3.72
C LYS C 204 32.81 34.52 2.70
N ASN C 205 33.22 35.63 2.09
CA ASN C 205 34.35 35.60 1.16
C ASN C 205 35.62 35.11 1.85
N ASN C 206 35.78 35.40 3.15
CA ASN C 206 36.96 34.98 3.90
C ASN C 206 36.75 33.65 4.60
N SER C 207 35.92 32.77 4.03
CA SER C 207 35.65 31.46 4.60
C SER C 207 35.99 30.37 3.59
N TYR C 208 36.26 29.17 4.10
CA TYR C 208 36.60 28.04 3.24
C TYR C 208 35.99 26.71 3.68
N GLY C 209 35.17 26.69 4.72
CA GLY C 209 34.66 25.42 5.20
C GLY C 209 33.77 24.71 4.21
N LEU C 210 32.82 25.45 3.61
CA LEU C 210 31.87 24.83 2.69
C LEU C 210 32.56 24.32 1.44
N ILE C 211 33.46 25.12 0.87
CA ILE C 211 34.17 24.69 -0.34
C ILE C 211 35.10 23.53 -0.02
N ILE C 212 35.69 23.51 1.17
CA ILE C 212 36.54 22.38 1.56
C ILE C 212 35.72 21.11 1.66
N LYS C 213 34.54 21.18 2.30
CA LYS C 213 33.70 19.99 2.41
C LYS C 213 33.24 19.52 1.03
N TYR C 214 32.88 20.46 0.16
CA TYR C 214 32.51 20.10 -1.21
C TYR C 214 33.67 19.40 -1.93
N LEU C 215 34.89 19.91 -1.75
CA LEU C 215 36.05 19.31 -2.41
C LEU C 215 36.33 17.91 -1.88
N ILE C 216 36.23 17.70 -0.57
CA ILE C 216 36.47 16.36 -0.04
C ILE C 216 35.38 15.39 -0.49
N CYS C 217 34.13 15.87 -0.61
CA CYS C 217 33.07 15.00 -1.12
C CYS C 217 33.36 14.59 -2.56
N ARG C 218 33.73 15.56 -3.41
CA ARG C 218 34.04 15.25 -4.79
C ARG C 218 35.25 14.32 -4.89
N VAL C 219 36.27 14.55 -4.06
CA VAL C 219 37.47 13.72 -4.10
C VAL C 219 37.15 12.29 -3.66
N VAL C 220 36.33 12.14 -2.63
CA VAL C 220 35.94 10.79 -2.18
C VAL C 220 35.18 10.07 -3.28
N THR C 221 34.23 10.77 -3.91
CA THR C 221 33.46 10.15 -5.00
C THR C 221 34.37 9.74 -6.15
N LEU C 222 35.30 10.62 -6.54
CA LEU C 222 36.21 10.32 -7.64
C LEU C 222 37.12 9.14 -7.30
N ILE C 223 37.63 9.10 -6.06
CA ILE C 223 38.52 8.01 -5.66
C ILE C 223 37.78 6.68 -5.66
N ILE C 224 36.55 6.67 -5.15
CA ILE C 224 35.78 5.44 -5.13
C ILE C 224 35.45 4.98 -6.54
N VAL C 225 35.11 5.90 -7.43
CA VAL C 225 34.81 5.54 -8.81
C VAL C 225 36.05 4.99 -9.49
N PHE C 226 37.22 5.59 -9.24
CA PHE C 226 38.46 5.10 -9.84
C PHE C 226 38.81 3.72 -9.32
N THR C 227 38.62 3.48 -8.02
CA THR C 227 38.88 2.16 -7.46
C THR C 227 37.94 1.12 -8.06
N ALA C 228 36.67 1.48 -8.23
CA ALA C 228 35.72 0.58 -8.87
C ALA C 228 36.13 0.28 -10.31
N CYS C 229 36.60 1.30 -11.04
CA CYS C 229 37.06 1.07 -12.41
C CYS C 229 38.25 0.11 -12.44
N ILE C 230 39.20 0.29 -11.53
CA ILE C 230 40.36 -0.60 -11.48
C ILE C 230 39.93 -2.02 -11.16
N TYR C 231 39.03 -2.18 -10.19
CA TYR C 231 38.57 -3.51 -9.83
C TYR C 231 37.83 -4.18 -10.98
N LEU C 232 37.00 -3.41 -11.69
CA LEU C 232 36.25 -3.98 -12.82
C LEU C 232 37.18 -4.39 -13.95
N GLY C 233 38.19 -3.56 -14.24
CA GLY C 233 39.17 -3.94 -15.24
C GLY C 233 39.94 -5.19 -14.85
N TYR C 234 40.32 -5.29 -13.58
CA TYR C 234 41.01 -6.49 -13.11
C TYR C 234 40.13 -7.72 -13.23
N TYR C 235 38.85 -7.60 -12.86
CA TYR C 235 37.93 -8.73 -12.95
C TYR C 235 37.73 -9.16 -14.40
N ILE C 236 37.60 -8.19 -15.31
CA ILE C 236 37.46 -8.53 -16.73
C ILE C 236 38.70 -9.24 -17.23
N SER C 237 39.89 -8.76 -16.83
CA SER C 237 41.13 -9.39 -17.27
C SER C 237 41.26 -10.81 -16.74
N LEU C 238 40.88 -11.04 -15.48
CA LEU C 238 41.12 -12.33 -14.85
C LEU C 238 40.04 -13.36 -15.14
N PHE C 239 38.92 -12.99 -15.77
CA PHE C 239 37.85 -13.93 -16.06
C PHE C 239 37.60 -14.08 -17.55
N SER C 240 38.56 -13.73 -18.39
CA SER C 240 38.48 -14.00 -19.81
C SER C 240 39.17 -15.30 -20.21
N LEU C 241 39.75 -16.01 -19.24
CA LEU C 241 40.49 -17.23 -19.55
C LEU C 241 39.56 -18.45 -19.63
N THR C 242 38.87 -18.78 -18.55
CA THR C 242 37.89 -19.87 -18.55
C THR C 242 37.08 -19.75 -17.26
N ASP C 243 36.04 -20.60 -17.17
CA ASP C 243 35.15 -20.62 -16.01
C ASP C 243 34.86 -22.06 -15.59
N GLU C 244 35.88 -22.90 -15.59
CA GLU C 244 35.77 -24.29 -15.16
C GLU C 244 36.82 -24.56 -14.10
N PHE C 245 36.41 -25.18 -13.00
CA PHE C 245 37.33 -25.48 -11.91
C PHE C 245 37.04 -26.87 -11.35
N THR C 246 38.08 -27.50 -10.83
CA THR C 246 37.95 -28.83 -10.24
C THR C 246 37.94 -28.72 -8.73
N CYS C 247 36.88 -29.24 -8.11
CA CYS C 247 36.75 -29.35 -6.67
C CYS C 247 37.11 -30.77 -6.23
N ASN C 248 37.77 -30.87 -5.08
CA ASN C 248 38.21 -32.15 -4.54
C ASN C 248 37.33 -32.50 -3.35
N ILE C 249 36.58 -33.60 -3.45
CA ILE C 249 35.61 -33.96 -2.44
C ILE C 249 36.09 -35.11 -1.56
N ARG C 250 37.34 -35.53 -1.72
CA ARG C 250 37.91 -36.60 -0.89
C ARG C 250 38.58 -36.01 0.35
N THR C 251 37.77 -35.36 1.18
CA THR C 251 38.22 -34.75 2.41
C THR C 251 37.43 -35.31 3.58
N GLY C 252 38.12 -35.57 4.69
CA GLY C 252 37.47 -36.06 5.89
C GLY C 252 37.51 -37.57 6.04
N ILE C 253 36.40 -38.13 6.52
CA ILE C 253 36.34 -39.58 6.74
C ILE C 253 36.24 -40.35 5.43
N LEU C 254 35.86 -39.69 4.34
CA LEU C 254 35.80 -40.31 3.02
C LEU C 254 37.02 -39.99 2.17
N ARG C 255 38.08 -39.46 2.78
CA ARG C 255 39.29 -39.14 2.04
C ARG C 255 39.96 -40.41 1.51
N ASN C 256 39.97 -41.47 2.32
CA ASN C 256 40.61 -42.72 1.93
C ASN C 256 39.70 -43.64 1.12
N ASP C 257 38.44 -43.26 0.92
CA ASP C 257 37.52 -44.08 0.15
C ASP C 257 37.90 -44.01 -1.32
N THR C 258 37.86 -45.16 -1.99
CA THR C 258 38.26 -45.25 -3.39
C THR C 258 37.11 -45.12 -4.38
N ALA C 259 35.85 -45.23 -3.90
CA ALA C 259 34.72 -45.13 -4.81
C ALA C 259 34.55 -43.72 -5.36
N LEU C 260 34.82 -42.71 -4.55
CA LEU C 260 34.65 -41.33 -4.99
C LEU C 260 35.72 -40.96 -6.01
N PRO C 261 35.38 -40.11 -6.98
CA PRO C 261 36.39 -39.67 -7.96
C PRO C 261 37.43 -38.78 -7.30
N PRO C 262 38.68 -38.82 -7.77
CA PRO C 262 39.70 -37.94 -7.19
C PRO C 262 39.39 -36.46 -7.38
N LEU C 263 38.79 -36.09 -8.51
CA LEU C 263 38.44 -34.70 -8.77
C LEU C 263 37.07 -34.64 -9.42
N VAL C 264 36.37 -33.54 -9.19
CA VAL C 264 35.04 -33.31 -9.77
C VAL C 264 35.07 -31.97 -10.51
N GLN C 265 34.76 -32.00 -11.80
CA GLN C 265 34.74 -30.78 -12.59
C GLN C 265 33.45 -30.02 -12.38
N CYS C 266 33.55 -28.69 -12.28
CA CYS C 266 32.40 -27.83 -12.09
C CYS C 266 32.54 -26.59 -12.96
N LYS C 267 31.39 -26.07 -13.37
CA LYS C 267 31.30 -24.94 -14.29
C LYS C 267 30.57 -23.80 -13.61
N LEU C 268 31.15 -22.60 -13.71
CA LEU C 268 30.48 -21.37 -13.29
C LEU C 268 29.51 -20.94 -14.38
N ILE C 269 28.28 -20.62 -14.00
CA ILE C 269 27.24 -20.39 -15.01
C ILE C 269 27.16 -18.93 -15.41
N ALA C 270 27.23 -18.02 -14.45
CA ALA C 270 27.00 -16.60 -14.71
C ALA C 270 28.27 -15.80 -14.95
N VAL C 271 29.35 -16.44 -15.42
CA VAL C 271 30.61 -15.72 -15.64
C VAL C 271 30.46 -14.75 -16.80
N GLY C 272 29.82 -15.19 -17.88
CA GLY C 272 29.67 -14.33 -19.05
C GLY C 272 28.79 -13.12 -18.78
N VAL C 273 27.67 -13.34 -18.08
CA VAL C 273 26.78 -12.23 -17.72
C VAL C 273 27.51 -11.26 -16.81
N PHE C 274 28.25 -11.79 -15.84
CA PHE C 274 29.02 -10.93 -14.93
C PHE C 274 30.05 -10.11 -15.69
N ARG C 275 30.73 -10.73 -16.65
CA ARG C 275 31.74 -10.01 -17.44
C ARG C 275 31.10 -8.90 -18.26
N LEU C 276 29.97 -9.20 -18.91
CA LEU C 276 29.29 -8.19 -19.72
C LEU C 276 28.82 -7.02 -18.86
N LEU C 277 28.22 -7.33 -17.69
CA LEU C 277 27.74 -6.27 -16.82
C LEU C 277 28.89 -5.46 -16.24
N SER C 278 30.00 -6.10 -15.92
CA SER C 278 31.17 -5.38 -15.44
C SER C 278 31.72 -4.46 -16.52
N TYR C 279 31.73 -4.92 -17.77
CA TYR C 279 32.16 -4.08 -18.88
C TYR C 279 31.25 -2.86 -19.03
N ILE C 280 29.94 -3.07 -18.91
CA ILE C 280 28.99 -1.96 -19.00
C ILE C 280 29.22 -0.97 -17.87
N ASN C 281 29.43 -1.48 -16.66
CA ASN C 281 29.67 -0.62 -15.50
C ASN C 281 30.94 0.19 -15.68
N LEU C 282 32.00 -0.45 -16.18
CA LEU C 282 33.26 0.24 -16.41
C LEU C 282 33.10 1.32 -17.47
N ILE C 283 32.34 1.03 -18.53
CA ILE C 283 32.11 2.02 -19.58
C ILE C 283 31.37 3.22 -19.01
N ILE C 284 30.33 2.98 -18.21
CA ILE C 284 29.55 4.07 -17.65
C ILE C 284 30.39 4.91 -16.70
N TYR C 285 31.19 4.25 -15.86
CA TYR C 285 32.04 4.99 -14.92
C TYR C 285 33.10 5.81 -15.65
N VAL C 286 33.68 5.25 -16.72
CA VAL C 286 34.63 6.02 -17.52
C VAL C 286 33.95 7.22 -18.15
N LEU C 287 32.72 7.04 -18.63
CA LEU C 287 31.96 8.15 -19.21
C LEU C 287 31.67 9.24 -18.19
N ILE C 288 31.34 8.88 -16.96
CA ILE C 288 31.01 9.86 -15.93
C ILE C 288 32.25 10.37 -15.20
N MET C 289 33.43 9.83 -15.51
CA MET C 289 34.66 10.32 -14.90
C MET C 289 34.88 11.82 -15.12
N PRO C 290 34.82 12.37 -16.34
CA PRO C 290 35.08 13.80 -16.49
C PRO C 290 34.03 14.69 -15.84
N PHE C 291 32.84 14.17 -15.57
CA PHE C 291 31.79 14.99 -14.99
C PHE C 291 32.13 15.39 -13.55
N ILE C 292 32.77 14.50 -12.80
CA ILE C 292 33.21 14.86 -11.45
C ILE C 292 34.29 15.94 -11.51
N ILE C 293 35.21 15.82 -12.47
CA ILE C 293 36.26 16.82 -12.63
C ILE C 293 35.65 18.18 -12.95
N TYR C 294 34.68 18.20 -13.86
CA TYR C 294 33.95 19.43 -14.15
C TYR C 294 33.15 19.92 -12.93
N ALA C 295 32.71 19.00 -12.08
CA ALA C 295 31.92 19.38 -10.91
C ALA C 295 32.75 20.12 -9.88
N MET C 296 33.92 19.58 -9.53
CA MET C 296 34.77 20.23 -8.54
C MET C 296 35.61 21.35 -9.12
N LEU C 297 35.54 21.57 -10.43
CA LEU C 297 36.22 22.69 -11.09
C LEU C 297 35.36 23.94 -10.87
N VAL C 298 35.52 24.53 -9.69
CA VAL C 298 34.75 25.71 -9.29
C VAL C 298 35.35 27.00 -9.87
N PRO C 299 36.66 27.26 -9.76
CA PRO C 299 37.17 28.55 -10.25
C PRO C 299 36.94 28.79 -11.74
N PHE C 300 37.01 27.74 -12.56
CA PHE C 300 36.88 27.89 -14.00
C PHE C 300 35.45 27.65 -14.49
N ARG C 301 34.50 27.45 -13.59
CA ARG C 301 33.12 27.22 -14.00
C ARG C 301 32.51 28.48 -14.59
N LYS C 302 31.63 28.30 -15.57
CA LYS C 302 30.91 29.39 -16.20
C LYS C 302 29.79 29.83 -15.26
N THR C 303 30.11 30.76 -14.37
CA THR C 303 29.19 31.23 -13.35
C THR C 303 28.84 32.69 -13.60
N ALA C 304 27.54 33.00 -13.59
CA ALA C 304 27.05 34.36 -13.72
C ALA C 304 26.54 34.82 -12.36
N ASN C 305 27.02 35.97 -11.91
CA ASN C 305 26.65 36.48 -10.59
C ASN C 305 25.20 36.95 -10.59
N VAL C 306 24.44 36.49 -9.59
CA VAL C 306 23.05 36.89 -9.48
C VAL C 306 22.94 38.36 -9.10
N LEU C 307 23.86 38.84 -8.26
CA LEU C 307 23.77 40.20 -7.73
C LEU C 307 23.93 41.27 -8.79
N LYS C 308 24.38 40.91 -10.00
CA LYS C 308 24.55 41.90 -11.05
C LYS C 308 23.23 42.56 -11.42
N VAL C 309 22.17 41.76 -11.53
CA VAL C 309 20.85 42.33 -11.84
C VAL C 309 20.34 43.15 -10.66
N TYR C 310 20.67 42.75 -9.44
CA TYR C 310 20.26 43.50 -8.26
C TYR C 310 21.02 44.81 -8.10
N GLU C 311 22.18 44.94 -8.74
CA GLU C 311 22.93 46.20 -8.69
C GLU C 311 22.16 47.35 -9.33
N VAL C 312 21.17 47.06 -10.16
CA VAL C 312 20.33 48.11 -10.74
C VAL C 312 19.60 48.86 -9.63
N LEU C 313 19.16 48.15 -8.61
CA LEU C 313 18.48 48.78 -7.49
C LEU C 313 19.43 49.75 -6.78
N PRO C 314 19.02 51.00 -6.54
CA PRO C 314 19.92 51.95 -5.88
C PRO C 314 20.32 51.54 -4.48
N THR C 315 19.45 50.82 -3.76
CA THR C 315 19.79 50.39 -2.41
C THR C 315 20.97 49.43 -2.41
N PHE C 316 21.00 48.51 -3.36
CA PHE C 316 22.11 47.58 -3.46
C PHE C 316 23.37 48.28 -3.95
N SER C 317 24.51 47.87 -3.41
CA SER C 317 25.79 48.47 -3.79
C SER C 317 26.88 47.40 -3.89
N THR C 325 36.36 31.54 -7.19
CA THR C 325 37.68 30.98 -7.44
C THR C 325 38.26 30.37 -6.18
N TYR C 326 37.90 29.11 -5.91
CA TYR C 326 38.34 28.38 -4.72
C TYR C 326 38.00 29.18 -3.47
N ASP C 327 36.70 29.37 -3.26
CA ASP C 327 36.22 30.21 -2.17
C ASP C 327 34.81 29.78 -1.78
N ASP C 328 34.44 30.11 -0.54
CA ASP C 328 33.08 29.87 -0.09
C ASP C 328 32.09 30.79 -0.80
N HIS C 329 32.50 32.02 -1.11
CA HIS C 329 31.60 32.96 -1.78
C HIS C 329 31.21 32.46 -3.16
N SER C 330 32.17 31.91 -3.91
CA SER C 330 31.86 31.40 -5.25
C SER C 330 30.88 30.22 -5.18
N LEU C 331 31.11 29.30 -4.24
CA LEU C 331 30.20 28.16 -4.09
C LEU C 331 28.80 28.62 -3.68
N PHE C 332 28.73 29.60 -2.77
CA PHE C 332 27.43 30.11 -2.35
C PHE C 332 26.72 30.81 -3.49
N LEU C 333 27.46 31.54 -4.34
CA LEU C 333 26.86 32.16 -5.51
C LEU C 333 26.35 31.11 -6.49
N LEU C 334 27.12 30.03 -6.66
CA LEU C 334 26.67 28.94 -7.53
C LEU C 334 25.39 28.31 -7.00
N PHE C 335 25.30 28.08 -5.69
CA PHE C 335 24.09 27.51 -5.11
C PHE C 335 22.92 28.48 -5.22
N LEU C 336 23.17 29.78 -5.06
CA LEU C 336 22.12 30.78 -5.26
C LEU C 336 21.60 30.74 -6.69
N GLU C 337 22.51 30.70 -7.66
CA GLU C 337 22.09 30.66 -9.06
C GLU C 337 21.31 29.39 -9.36
N GLU C 338 21.74 28.25 -8.82
CA GLU C 338 21.03 27.00 -9.04
C GLU C 338 19.67 26.99 -8.35
N ASN C 339 19.53 27.76 -7.27
CA ASN C 339 18.28 27.81 -6.51
C ASN C 339 17.56 29.15 -6.67
N VAL C 340 17.88 29.91 -7.73
CA VAL C 340 17.29 31.23 -7.92
C VAL C 340 15.93 31.17 -8.61
N SER C 341 15.51 30.00 -9.09
CA SER C 341 14.24 29.90 -9.80
C SER C 341 13.05 30.21 -8.92
N GLU C 342 13.17 30.03 -7.60
CA GLU C 342 12.05 30.29 -6.71
C GLU C 342 11.80 31.79 -6.52
N LEU C 343 12.85 32.60 -6.58
CA LEU C 343 12.70 34.05 -6.41
C LEU C 343 11.91 34.64 -7.58
N LYS C 344 11.00 35.55 -7.26
CA LYS C 344 10.18 36.22 -8.27
C LYS C 344 10.65 37.62 -8.58
N SER C 345 11.19 38.35 -7.60
CA SER C 345 11.79 39.65 -7.89
C SER C 345 13.01 39.50 -8.77
N TYR C 346 13.81 38.45 -8.55
CA TYR C 346 14.94 38.18 -9.43
C TYR C 346 14.47 37.96 -10.86
N LYS C 347 13.28 37.40 -11.05
CA LYS C 347 12.75 37.25 -12.41
C LYS C 347 12.54 38.61 -13.06
N PHE C 348 11.97 39.57 -12.32
CA PHE C 348 11.78 40.91 -12.86
C PHE C 348 13.12 41.56 -13.20
N LEU C 349 14.09 41.43 -12.28
CA LEU C 349 15.39 42.04 -12.51
C LEU C 349 16.10 41.42 -13.70
N LYS C 350 16.00 40.09 -13.85
CA LYS C 350 16.62 39.41 -14.98
C LYS C 350 15.94 39.77 -16.30
N VAL C 351 14.61 39.94 -16.27
CA VAL C 351 13.90 40.39 -17.47
C VAL C 351 14.37 41.78 -17.87
N LEU C 352 14.50 42.68 -16.89
CA LEU C 352 15.00 44.02 -17.18
C LEU C 352 16.41 43.98 -17.74
N GLU C 353 17.27 43.13 -17.16
CA GLU C 353 18.64 42.99 -17.64
C GLU C 353 18.67 42.48 -19.07
N ASN C 354 17.84 41.48 -19.38
CA ASN C 354 17.78 40.95 -20.74
C ASN C 354 17.27 42.00 -21.72
N ILE C 355 16.30 42.82 -21.29
CA ILE C 355 15.78 43.88 -22.14
C ILE C 355 16.88 44.90 -22.43
N LYS C 356 17.63 45.29 -21.40
CA LYS C 356 18.68 46.29 -21.59
C LYS C 356 19.92 45.74 -22.27
N ASN C 357 20.08 44.42 -22.31
CA ASN C 357 21.27 43.83 -22.94
C ASN C 357 21.25 44.06 -24.44
N THR C 358 20.06 44.09 -25.06
CA THR C 358 19.97 44.28 -26.50
C THR C 358 20.52 45.64 -26.91
N GLY C 359 20.22 46.68 -26.14
CA GLY C 359 20.71 48.02 -26.44
C GLY C 359 19.60 49.04 -26.61
N GLU C 360 18.41 48.73 -26.10
CA GLU C 360 17.30 49.65 -26.18
C GLU C 360 17.56 50.89 -25.33
N ASN C 361 17.23 52.06 -25.88
CA ASN C 361 17.48 53.34 -25.21
C ASN C 361 16.23 53.79 -24.48
N PHE C 362 15.93 53.08 -23.39
CA PHE C 362 14.80 53.38 -22.53
C PHE C 362 15.28 53.50 -21.09
N ASP C 363 14.78 54.52 -20.39
CA ASP C 363 15.16 54.72 -19.00
C ASP C 363 14.58 53.63 -18.12
N THR C 364 15.39 53.16 -17.16
CA THR C 364 14.96 52.08 -16.27
C THR C 364 14.12 52.58 -15.11
N ILE C 365 14.10 53.89 -14.84
CA ILE C 365 13.36 54.42 -13.70
C ILE C 365 11.87 54.19 -13.88
N GLN C 366 11.35 54.43 -15.08
CA GLN C 366 9.93 54.22 -15.33
C GLN C 366 9.56 52.75 -15.19
N TYR C 367 10.41 51.86 -15.70
CA TYR C 367 10.14 50.42 -15.58
C TYR C 367 10.16 49.99 -14.12
N LEU C 368 11.10 50.50 -13.33
CA LEU C 368 11.15 50.15 -11.91
C LEU C 368 9.92 50.68 -11.18
N THR C 369 9.48 51.90 -11.50
CA THR C 369 8.30 52.45 -10.85
C THR C 369 7.02 51.72 -11.29
N SER C 370 7.01 51.15 -12.49
CA SER C 370 5.84 50.42 -12.96
C SER C 370 5.56 49.19 -12.10
N LEU C 371 6.62 48.47 -11.72
CA LEU C 371 6.45 47.27 -10.90
C LEU C 371 6.08 47.65 -9.47
N GLY C 372 5.41 46.72 -8.79
CA GLY C 372 5.02 46.94 -7.41
C GLY C 372 5.54 45.86 -6.48
N THR C 373 4.89 45.69 -5.33
CA THR C 373 5.29 44.66 -4.40
C THR C 373 5.03 43.27 -4.98
N VAL C 374 5.99 42.37 -4.80
CA VAL C 374 5.87 41.01 -5.34
C VAL C 374 5.19 40.11 -4.33
N LYS C 375 5.69 40.08 -3.09
CA LYS C 375 5.11 39.28 -2.03
C LYS C 375 5.76 39.62 -0.69
N ALA D 1 10.14 -9.24 -14.69
CA ALA D 1 11.19 -9.03 -13.69
C ALA D 1 12.17 -7.97 -14.15
N ILE D 2 12.64 -8.09 -15.40
CA ILE D 2 13.56 -7.11 -15.96
C ILE D 2 12.89 -5.74 -16.04
N ALA D 3 11.67 -5.71 -16.54
CA ALA D 3 10.94 -4.44 -16.66
C ALA D 3 10.61 -3.85 -15.30
N HIS D 4 10.30 -4.69 -14.31
CA HIS D 4 10.06 -4.20 -12.96
C HIS D 4 11.31 -3.54 -12.39
N ILE D 5 12.47 -4.17 -12.60
CA ILE D 5 13.74 -3.60 -12.15
C ILE D 5 13.98 -2.26 -12.84
N ALA D 6 13.70 -2.20 -14.15
CA ALA D 6 13.88 -0.95 -14.89
C ALA D 6 12.99 0.15 -14.32
N THR D 7 11.72 -0.18 -14.06
CA THR D 7 10.78 0.82 -13.54
C THR D 7 11.21 1.30 -12.16
N GLU D 8 11.66 0.38 -11.31
CA GLU D 8 11.95 0.75 -9.92
C GLU D 8 13.35 1.31 -9.73
N TYR D 9 14.24 1.21 -10.72
CA TYR D 9 15.59 1.72 -10.56
C TYR D 9 15.98 2.79 -11.56
N VAL D 10 15.23 2.98 -12.63
CA VAL D 10 15.54 3.97 -13.66
C VAL D 10 14.43 5.00 -13.79
N PHE D 11 13.21 4.56 -14.13
CA PHE D 11 12.13 5.50 -14.39
C PHE D 11 11.56 6.10 -13.12
N SER D 12 11.52 5.35 -12.02
CA SER D 12 11.11 5.90 -10.75
C SER D 12 12.28 6.65 -10.11
N ASP D 13 11.96 7.75 -9.43
CA ASP D 13 12.99 8.55 -8.79
C ASP D 13 13.64 7.77 -7.65
N PHE D 14 14.97 7.72 -7.66
CA PHE D 14 15.73 6.96 -6.68
C PHE D 14 16.51 7.87 -5.74
N LEU D 15 17.36 8.74 -6.28
CA LEU D 15 18.07 9.74 -5.48
C LEU D 15 17.93 11.14 -6.04
N LEU D 16 17.00 11.35 -6.97
CA LEU D 16 16.86 12.64 -7.64
C LEU D 16 15.83 13.54 -6.96
N LYS D 17 14.59 13.08 -6.87
CA LYS D 17 13.50 13.93 -6.39
C LYS D 17 12.77 13.33 -5.18
N ASP D 18 13.50 12.64 -4.30
CA ASP D 18 12.93 12.14 -3.07
C ASP D 18 13.33 13.08 -1.93
N PRO D 19 12.42 13.85 -1.36
CA PRO D 19 12.80 14.82 -0.33
C PRO D 19 12.89 14.15 1.04
N PRO D 20 14.09 14.13 1.64
CA PRO D 20 14.25 13.50 2.96
C PRO D 20 13.53 14.27 4.07
N GLU D 21 13.79 15.57 4.16
CA GLU D 21 13.28 16.42 5.23
C GLU D 21 12.70 17.72 4.66
N SER D 22 11.85 17.58 3.64
CA SER D 22 11.16 18.75 3.08
C SER D 22 10.22 19.34 4.12
N LYS D 23 10.53 20.55 4.60
CA LYS D 23 9.77 21.21 5.65
C LYS D 23 9.70 20.32 6.90
N TYR D 24 10.88 20.06 7.47
CA TYR D 24 10.99 19.19 8.62
C TYR D 24 10.26 19.80 9.82
N LYS D 25 9.45 18.99 10.49
CA LYS D 25 8.63 19.41 11.61
C LYS D 25 9.21 18.86 12.92
N GLY D 26 8.59 19.25 14.03
CA GLY D 26 9.06 18.78 15.32
C GLY D 26 10.40 19.39 15.71
N LEU D 27 11.07 18.71 16.62
CA LEU D 27 12.37 19.12 17.13
C LEU D 27 13.37 17.99 16.99
N ARG D 28 14.64 18.34 16.89
CA ARG D 28 15.72 17.37 16.76
C ARG D 28 16.21 17.02 18.16
N LEU D 29 15.71 15.93 18.72
CA LEU D 29 16.04 15.51 20.07
C LEU D 29 17.30 14.66 20.15
N GLU D 30 17.93 14.36 19.01
CA GLU D 30 19.16 13.57 18.98
C GLU D 30 20.20 14.30 18.16
N LEU D 31 21.46 14.20 18.59
CA LEU D 31 22.55 14.82 17.86
C LEU D 31 22.80 14.07 16.54
N ALA D 32 23.38 14.80 15.58
CA ALA D 32 23.62 14.21 14.26
C ALA D 32 24.62 13.06 14.34
N VAL D 33 25.72 13.27 15.06
CA VAL D 33 26.73 12.22 15.18
C VAL D 33 26.17 11.02 15.93
N ASP D 34 25.43 11.25 17.01
CA ASP D 34 24.84 10.15 17.76
C ASP D 34 23.81 9.41 16.92
N LYS D 35 22.99 10.15 16.17
CA LYS D 35 22.00 9.51 15.31
C LYS D 35 22.66 8.65 14.24
N LEU D 36 23.72 9.18 13.61
CA LEU D 36 24.43 8.41 12.58
C LEU D 36 25.07 7.16 13.17
N VAL D 37 25.71 7.30 14.34
CA VAL D 37 26.37 6.15 14.96
C VAL D 37 25.35 5.08 15.33
N SER D 38 24.23 5.49 15.94
CA SER D 38 23.20 4.53 16.31
C SER D 38 22.61 3.85 15.09
N CYS D 39 22.34 4.62 14.02
CA CYS D 39 21.79 4.04 12.81
C CYS D 39 22.74 3.02 12.20
N ILE D 40 24.03 3.35 12.15
CA ILE D 40 25.01 2.41 11.61
C ILE D 40 25.06 1.15 12.45
N ALA D 41 25.18 1.31 13.78
CA ALA D 41 25.34 0.17 14.66
C ALA D 41 24.10 -0.71 14.68
N VAL D 42 22.93 -0.15 14.40
CA VAL D 42 21.70 -0.94 14.38
C VAL D 42 21.51 -1.62 13.03
N GLY D 43 21.63 -0.86 11.95
CA GLY D 43 21.35 -1.37 10.63
C GLY D 43 22.47 -2.14 9.95
N LEU D 44 23.66 -2.20 10.54
CA LEU D 44 24.71 -3.01 9.93
C LEU D 44 24.47 -4.50 10.13
N PRO D 45 24.25 -4.99 11.36
CA PRO D 45 23.99 -6.44 11.50
C PRO D 45 22.74 -6.91 10.78
N LEU D 46 21.70 -6.07 10.69
CA LEU D 46 20.50 -6.46 9.96
C LEU D 46 20.79 -6.62 8.47
N LEU D 47 21.52 -5.65 7.90
CA LEU D 47 21.93 -5.76 6.50
C LEU D 47 22.79 -7.00 6.28
N LEU D 48 23.68 -7.29 7.23
CA LEU D 48 24.58 -8.43 7.08
C LEU D 48 23.83 -9.75 7.13
N ILE D 49 22.86 -9.89 8.05
CA ILE D 49 22.11 -11.13 8.11
C ILE D 49 21.17 -11.25 6.91
N SER D 50 20.70 -10.13 6.37
CA SER D 50 19.92 -10.18 5.15
C SER D 50 20.78 -10.64 3.98
N LEU D 51 22.02 -10.18 3.92
CA LEU D 51 22.92 -10.57 2.84
C LEU D 51 23.37 -12.02 2.97
N ALA D 52 23.52 -12.51 4.21
CA ALA D 52 24.08 -13.84 4.43
C ALA D 52 23.19 -14.93 3.83
N PHE D 53 21.88 -14.72 3.79
CA PHE D 53 20.94 -15.73 3.32
C PHE D 53 20.23 -15.31 2.04
N ALA D 54 20.80 -14.38 1.29
CA ALA D 54 20.22 -14.00 0.00
C ALA D 54 20.33 -15.15 -0.98
N GLN D 55 19.32 -15.27 -1.85
CA GLN D 55 19.29 -16.36 -2.82
C GLN D 55 20.41 -16.25 -3.84
N GLU D 56 21.06 -15.09 -3.93
CA GLU D 56 22.15 -14.92 -4.88
C GLU D 56 23.43 -15.60 -4.44
N ILE D 57 23.54 -15.98 -3.16
CA ILE D 57 24.76 -16.58 -2.64
C ILE D 57 24.52 -17.93 -1.98
N THR D 58 23.29 -18.29 -1.66
CA THR D 58 22.97 -19.58 -1.06
C THR D 58 22.58 -20.56 -2.15
N LEU D 59 23.26 -21.71 -2.19
CA LEU D 59 23.02 -22.71 -3.22
C LEU D 59 21.96 -23.72 -2.77
N GLY D 60 22.21 -24.43 -1.68
CA GLY D 60 21.29 -25.45 -1.22
C GLY D 60 20.86 -25.27 0.22
N SER D 61 21.11 -26.30 1.03
CA SER D 61 20.70 -26.31 2.42
C SER D 61 21.78 -25.68 3.30
N GLN D 62 21.47 -25.54 4.60
CA GLN D 62 22.46 -25.03 5.55
C GLN D 62 23.63 -25.99 5.68
N ILE D 63 23.36 -27.29 5.73
CA ILE D 63 24.38 -28.31 5.81
C ILE D 63 24.16 -29.33 4.70
N SER D 64 25.24 -30.02 4.33
CA SER D 64 25.17 -31.06 3.31
C SER D 64 25.88 -32.30 3.83
N CYS D 65 25.16 -33.42 3.88
CA CYS D 65 25.70 -34.67 4.39
C CYS D 65 25.80 -35.70 3.28
N PHE D 66 26.84 -36.52 3.34
CA PHE D 66 27.10 -37.56 2.34
C PHE D 66 26.53 -38.88 2.84
N ALA D 67 25.26 -39.11 2.54
CA ALA D 67 24.62 -40.36 2.92
C ALA D 67 25.10 -41.50 2.02
N PRO D 68 25.05 -42.75 2.50
CA PRO D 68 25.43 -43.87 1.64
C PRO D 68 24.48 -44.03 0.47
N THR D 69 25.00 -44.66 -0.60
CA THR D 69 24.23 -44.83 -1.82
C THR D 69 22.99 -45.70 -1.59
N SER D 70 23.07 -46.66 -0.66
CA SER D 70 21.94 -47.54 -0.40
C SER D 70 20.76 -46.79 0.23
N PHE D 71 21.00 -45.64 0.84
CA PHE D 71 19.92 -44.87 1.45
C PHE D 71 19.01 -44.29 0.37
N SER D 72 17.71 -44.26 0.66
CA SER D 72 16.75 -43.64 -0.24
C SER D 72 16.71 -42.13 0.02
N TRP D 73 15.80 -41.45 -0.68
CA TRP D 73 15.67 -40.00 -0.49
C TRP D 73 15.25 -39.65 0.93
N ARG D 74 14.26 -40.37 1.47
CA ARG D 74 13.75 -40.04 2.79
C ARG D 74 14.76 -40.35 3.88
N GLN D 75 15.51 -41.46 3.73
CA GLN D 75 16.55 -41.77 4.70
C GLN D 75 17.66 -40.73 4.69
N ALA D 76 18.05 -40.26 3.50
CA ALA D 76 19.07 -39.22 3.42
C ALA D 76 18.56 -37.89 3.98
N ALA D 77 17.30 -37.57 3.75
CA ALA D 77 16.71 -36.36 4.34
C ALA D 77 16.66 -36.47 5.86
N TYR D 78 16.33 -37.65 6.38
CA TYR D 78 16.38 -37.88 7.81
C TYR D 78 17.80 -37.71 8.35
N VAL D 79 18.79 -38.19 7.60
CA VAL D 79 20.18 -38.04 8.02
C VAL D 79 20.53 -36.55 8.10
N ASP D 80 20.17 -35.79 7.06
CA ASP D 80 20.45 -34.36 7.05
C ASP D 80 19.81 -33.66 8.24
N SER D 81 18.52 -33.93 8.48
CA SER D 81 17.81 -33.30 9.58
C SER D 81 18.37 -33.71 10.93
N PHE D 82 18.76 -34.98 11.07
CA PHE D 82 19.34 -35.46 12.32
C PHE D 82 20.67 -34.78 12.61
N CYS D 83 21.53 -34.66 11.61
CA CYS D 83 22.83 -34.04 11.84
C CYS D 83 22.66 -32.55 12.11
N TRP D 84 21.70 -31.90 11.43
CA TRP D 84 21.36 -30.51 11.72
C TRP D 84 20.78 -30.33 13.11
N ALA D 85 20.06 -31.32 13.64
CA ALA D 85 19.53 -31.21 14.99
C ALA D 85 20.62 -31.44 16.02
N ALA D 86 21.56 -32.34 15.73
CA ALA D 86 22.67 -32.61 16.63
C ALA D 86 23.79 -31.57 16.53
N VAL D 87 23.75 -30.70 15.52
CA VAL D 87 24.76 -29.65 15.40
C VAL D 87 24.66 -28.70 16.58
N GLN D 88 23.53 -28.69 17.28
CA GLN D 88 23.37 -27.82 18.45
C GLN D 88 23.95 -28.49 19.70
N GLN D 89 23.42 -29.66 20.07
CA GLN D 89 23.85 -30.30 21.31
C GLN D 89 25.23 -30.94 21.17
N LYS D 90 25.67 -31.22 19.94
CA LYS D 90 26.98 -31.81 19.68
C LYS D 90 27.21 -33.09 20.47
N VAL D 100 31.55 -26.17 20.46
CA VAL D 100 31.14 -24.77 20.43
C VAL D 100 30.98 -24.15 19.02
N PRO D 101 31.87 -24.46 18.06
CA PRO D 101 31.71 -23.83 16.73
C PRO D 101 30.39 -24.18 16.05
N LEU D 102 29.88 -25.39 16.27
CA LEU D 102 28.73 -25.87 15.51
C LEU D 102 27.47 -25.07 15.84
N TRP D 103 27.14 -24.95 17.13
CA TRP D 103 25.97 -24.18 17.51
C TRP D 103 26.16 -22.69 17.21
N LEU D 104 27.39 -22.20 17.26
CA LEU D 104 27.65 -20.82 16.88
C LEU D 104 27.34 -20.59 15.40
N HIS D 105 27.73 -21.52 14.54
CA HIS D 105 27.38 -21.41 13.13
C HIS D 105 25.88 -21.50 12.93
N LYS D 106 25.21 -22.37 13.70
CA LYS D 106 23.76 -22.50 13.57
C LYS D 106 23.05 -21.21 13.96
N PHE D 107 23.51 -20.55 15.03
CA PHE D 107 22.80 -19.41 15.60
C PHE D 107 23.46 -18.06 15.32
N PHE D 108 24.41 -18.00 14.38
CA PHE D 108 25.00 -16.72 13.99
C PHE D 108 23.97 -15.64 13.66
N PRO D 109 22.95 -15.88 12.82
CA PRO D 109 21.95 -14.82 12.62
C PRO D 109 21.22 -14.44 13.91
N TYR D 110 20.97 -15.41 14.79
CA TYR D 110 20.32 -15.10 16.06
C TYR D 110 21.20 -14.20 16.91
N ILE D 111 22.50 -14.48 16.95
CA ILE D 111 23.40 -13.67 17.76
C ILE D 111 23.52 -12.25 17.19
N LEU D 112 23.58 -12.13 15.86
CA LEU D 112 23.63 -10.80 15.26
C LEU D 112 22.34 -10.03 15.51
N LEU D 113 21.19 -10.71 15.45
CA LEU D 113 19.93 -10.07 15.78
C LEU D 113 19.90 -9.61 17.24
N LEU D 114 20.41 -10.45 18.15
CA LEU D 114 20.48 -10.05 19.54
C LEU D 114 21.35 -8.82 19.73
N VAL D 115 22.49 -8.78 19.02
CA VAL D 115 23.37 -7.61 19.10
C VAL D 115 22.64 -6.36 18.58
N ALA D 116 21.92 -6.50 17.47
CA ALA D 116 21.19 -5.35 16.93
C ALA D 116 20.13 -4.86 17.89
N VAL D 117 19.38 -5.78 18.50
CA VAL D 117 18.33 -5.38 19.45
C VAL D 117 18.94 -4.72 20.68
N LEU D 118 20.04 -5.28 21.19
CA LEU D 118 20.69 -4.67 22.35
C LEU D 118 21.21 -3.28 22.02
N LEU D 119 21.72 -3.08 20.80
CA LEU D 119 22.19 -1.76 20.42
C LEU D 119 21.04 -0.78 20.22
N TYR D 120 19.88 -1.26 19.77
CA TYR D 120 18.72 -0.41 19.60
C TYR D 120 18.07 -0.05 20.93
N LEU D 121 18.23 -0.88 21.96
CA LEU D 121 17.57 -0.63 23.24
C LEU D 121 17.91 0.71 23.88
N PRO D 122 19.17 1.11 24.04
CA PRO D 122 19.44 2.37 24.78
C PRO D 122 18.87 3.60 24.11
N ASN D 123 18.86 3.66 22.77
CA ASN D 123 18.27 4.81 22.11
C ASN D 123 16.76 4.87 22.34
N LEU D 124 16.09 3.72 22.37
CA LEU D 124 14.67 3.69 22.71
C LEU D 124 14.45 4.14 24.14
N PHE D 125 15.32 3.72 25.05
CA PHE D 125 15.20 4.16 26.45
C PHE D 125 15.35 5.67 26.56
N TRP D 126 16.34 6.24 25.86
CA TRP D 126 16.54 7.69 25.88
C TRP D 126 15.34 8.40 25.27
N ARG D 127 14.78 7.86 24.19
CA ARG D 127 13.65 8.49 23.53
C ARG D 127 12.39 8.41 24.38
N PHE D 128 12.25 7.38 25.21
CA PHE D 128 11.04 7.23 26.01
C PHE D 128 11.13 7.86 27.39
N THR D 129 12.34 8.06 27.92
CA THR D 129 12.48 8.63 29.26
C THR D 129 13.22 9.95 29.30
N ALA D 130 13.66 10.49 28.16
CA ALA D 130 14.34 11.78 28.13
C ALA D 130 13.87 12.72 27.03
N ALA D 131 13.26 12.21 25.95
CA ALA D 131 12.88 13.09 24.85
C ALA D 131 11.82 14.12 25.21
N PRO D 132 10.72 13.78 25.89
CA PRO D 132 9.67 14.79 26.08
C PRO D 132 10.10 15.98 26.93
N HIS D 133 10.80 15.74 28.04
CA HIS D 133 11.23 16.85 28.90
C HIS D 133 12.19 17.78 28.16
N LEU D 134 13.16 17.19 27.45
CA LEU D 134 14.11 18.01 26.70
C LEU D 134 13.42 18.77 25.58
N SER D 135 12.46 18.15 24.90
CA SER D 135 11.73 18.82 23.83
C SER D 135 10.93 20.00 24.38
N SER D 136 10.25 19.80 25.51
CA SER D 136 9.49 20.89 26.12
C SER D 136 10.40 22.02 26.56
N ASP D 137 11.55 21.68 27.16
CA ASP D 137 12.49 22.70 27.60
C ASP D 137 13.02 23.50 26.41
N LEU D 138 13.37 22.80 25.32
CA LEU D 138 13.87 23.48 24.13
C LEU D 138 12.81 24.39 23.52
N LYS D 139 11.57 23.91 23.45
CA LYS D 139 10.50 24.74 22.90
C LYS D 139 10.28 25.98 23.75
N PHE D 140 10.27 25.82 25.07
CA PHE D 140 10.11 26.97 25.96
C PHE D 140 11.24 27.97 25.79
N VAL D 141 12.48 27.47 25.72
CA VAL D 141 13.64 28.36 25.60
C VAL D 141 13.58 29.12 24.28
N MET D 142 13.26 28.42 23.20
CA MET D 142 13.21 29.07 21.89
C MET D 142 12.10 30.11 21.83
N GLU D 143 10.91 29.78 22.36
CA GLU D 143 9.82 30.75 22.32
C GLU D 143 10.11 31.96 23.19
N GLU D 144 10.76 31.75 24.35
CA GLU D 144 11.10 32.88 25.20
C GLU D 144 12.18 33.75 24.56
N LEU D 145 13.15 33.14 23.88
CA LEU D 145 14.16 33.91 23.16
C LEU D 145 13.53 34.73 22.05
N ASP D 146 12.59 34.14 21.30
CA ASP D 146 11.91 34.88 20.24
C ASP D 146 11.10 36.03 20.82
N LYS D 147 10.39 35.80 21.91
CA LYS D 147 9.60 36.87 22.53
C LYS D 147 10.50 37.98 23.04
N CYS D 148 11.63 37.63 23.65
CA CYS D 148 12.57 38.63 24.14
C CYS D 148 13.14 39.46 23.00
N TYR D 149 13.50 38.80 21.90
CA TYR D 149 13.99 39.52 20.73
C TYR D 149 12.92 40.48 20.20
N ASN D 150 11.68 40.01 20.13
CA ASN D 150 10.60 40.85 19.62
C ASN D 150 10.38 42.08 20.48
N ARG D 151 10.32 41.88 21.81
CA ARG D 151 10.07 43.02 22.69
C ARG D 151 11.24 43.98 22.70
N ASP D 152 12.47 43.45 22.62
CA ASP D 152 13.64 44.32 22.58
C ASP D 152 13.66 45.14 21.30
N ILE D 153 13.31 44.52 20.16
CA ILE D 153 13.25 45.24 18.89
C ILE D 153 12.19 46.33 18.97
N LYS D 154 11.04 46.01 19.56
CA LYS D 154 9.99 47.01 19.71
C LYS D 154 10.44 48.17 20.60
N ASP D 155 11.17 47.87 21.68
CA ASP D 155 11.63 48.93 22.58
C ASP D 155 12.67 49.81 21.92
N ILE D 156 13.67 49.22 21.24
CA ILE D 156 14.70 50.01 20.57
C ILE D 156 14.18 50.68 19.31
N LYS D 157 13.05 50.22 18.76
CA LYS D 157 12.45 50.78 17.55
C LYS D 157 13.40 50.68 16.37
N PRO D 195 15.25 37.92 31.37
CA PRO D 195 15.74 37.57 32.72
C PRO D 195 15.35 36.16 33.14
N ILE D 196 14.25 35.63 32.59
CA ILE D 196 13.79 34.31 32.98
C ILE D 196 14.72 33.23 32.44
N VAL D 197 15.16 33.36 31.20
CA VAL D 197 15.95 32.30 30.57
C VAL D 197 17.33 32.22 31.20
N GLU D 198 17.93 33.37 31.52
CA GLU D 198 19.24 33.36 32.16
C GLU D 198 19.19 32.69 33.52
N GLN D 199 18.19 33.04 34.34
CA GLN D 199 18.04 32.41 35.64
C GLN D 199 17.75 30.93 35.52
N TYR D 200 16.90 30.54 34.56
CA TYR D 200 16.59 29.13 34.37
C TYR D 200 17.82 28.34 33.97
N LEU D 201 18.65 28.89 33.10
CA LEU D 201 19.91 28.23 32.75
C LEU D 201 20.85 28.18 33.95
N LYS D 202 20.81 29.20 34.81
CA LYS D 202 21.63 29.16 36.02
C LYS D 202 21.21 28.02 36.94
N THR D 203 19.90 27.80 37.09
CA THR D 203 19.43 26.66 37.87
C THR D 203 19.81 25.34 37.21
N LYS D 204 19.68 25.27 35.89
CA LYS D 204 20.07 24.05 35.17
C LYS D 204 21.56 23.78 35.27
N ASN D 205 22.37 24.81 35.51
CA ASN D 205 23.81 24.64 35.71
C ASN D 205 24.09 23.72 36.90
N ASN D 206 23.24 23.76 37.93
CA ASN D 206 23.40 22.94 39.12
C ASN D 206 22.66 21.60 39.02
N SER D 207 22.51 21.08 37.81
CA SER D 207 21.82 19.82 37.59
C SER D 207 22.73 18.84 36.86
N TYR D 208 22.45 17.56 37.02
CA TYR D 208 23.25 16.52 36.37
C TYR D 208 22.44 15.35 35.83
N GLY D 209 21.11 15.39 35.89
CA GLY D 209 20.33 14.24 35.46
C GLY D 209 20.46 13.96 33.98
N LEU D 210 20.33 14.99 33.15
CA LEU D 210 20.37 14.81 31.71
C LEU D 210 21.74 14.32 31.24
N ILE D 211 22.81 14.93 31.76
CA ILE D 211 24.15 14.53 31.36
C ILE D 211 24.45 13.12 31.86
N ILE D 212 23.93 12.76 33.04
CA ILE D 212 24.13 11.41 33.55
C ILE D 212 23.44 10.39 32.66
N LYS D 213 22.20 10.67 32.25
CA LYS D 213 21.49 9.75 31.37
C LYS D 213 22.19 9.62 30.03
N TYR D 214 22.67 10.75 29.49
CA TYR D 214 23.44 10.72 28.25
C TYR D 214 24.69 9.86 28.40
N LEU D 215 25.39 9.99 29.53
CA LEU D 215 26.61 9.22 29.75
C LEU D 215 26.31 7.73 29.87
N ILE D 216 25.24 7.35 30.57
CA ILE D 216 24.92 5.93 30.68
C ILE D 216 24.48 5.37 29.33
N CYS D 217 23.79 6.17 28.51
CA CYS D 217 23.43 5.70 27.17
C CYS D 217 24.68 5.46 26.33
N ARG D 218 25.61 6.41 26.34
CA ARG D 218 26.84 6.26 25.59
C ARG D 218 27.66 5.07 26.10
N VAL D 219 27.71 4.87 27.42
CA VAL D 219 28.47 3.78 28.00
C VAL D 219 27.86 2.43 27.62
N VAL D 220 26.52 2.34 27.66
CA VAL D 220 25.86 1.10 27.27
C VAL D 220 26.14 0.79 25.81
N THR D 221 26.04 1.79 24.94
CA THR D 221 26.31 1.58 23.52
C THR D 221 27.75 1.11 23.31
N LEU D 222 28.70 1.77 23.98
CA LEU D 222 30.10 1.41 23.82
C LEU D 222 30.38 0.00 24.33
N ILE D 223 29.78 -0.36 25.47
CA ILE D 223 29.99 -1.69 26.04
C ILE D 223 29.42 -2.76 25.11
N ILE D 224 28.23 -2.53 24.56
CA ILE D 224 27.63 -3.51 23.66
C ILE D 224 28.46 -3.64 22.38
N VAL D 225 28.96 -2.52 21.86
CA VAL D 225 29.78 -2.59 20.65
C VAL D 225 31.08 -3.34 20.92
N PHE D 226 31.69 -3.10 22.09
CA PHE D 226 32.91 -3.81 22.45
C PHE D 226 32.67 -5.30 22.60
N THR D 227 31.56 -5.67 23.24
CA THR D 227 31.22 -7.09 23.38
C THR D 227 31.00 -7.74 22.02
N ALA D 228 30.31 -7.02 21.11
CA ALA D 228 30.12 -7.54 19.77
C ALA D 228 31.45 -7.72 19.05
N CYS D 229 32.37 -6.76 19.22
CA CYS D 229 33.69 -6.88 18.60
C CYS D 229 34.43 -8.11 19.13
N ILE D 230 34.39 -8.33 20.45
CA ILE D 230 35.05 -9.48 21.03
C ILE D 230 34.45 -10.77 20.50
N TYR D 231 33.11 -10.84 20.44
CA TYR D 231 32.44 -12.04 19.95
C TYR D 231 32.80 -12.31 18.48
N LEU D 232 32.84 -11.25 17.66
CA LEU D 232 33.16 -11.42 16.25
C LEU D 232 34.60 -11.88 16.07
N GLY D 233 35.53 -11.31 16.84
CA GLY D 233 36.90 -11.78 16.78
C GLY D 233 37.03 -13.24 17.19
N TYR D 234 36.32 -13.63 18.25
CA TYR D 234 36.34 -15.03 18.69
C TYR D 234 35.79 -15.94 17.61
N TYR D 235 34.68 -15.55 16.98
CA TYR D 235 34.07 -16.37 15.94
C TYR D 235 35.00 -16.50 14.73
N ILE D 236 35.67 -15.40 14.35
CA ILE D 236 36.62 -15.46 13.25
C ILE D 236 37.78 -16.40 13.59
N SER D 237 38.27 -16.32 14.83
CA SER D 237 39.38 -17.17 15.24
C SER D 237 38.98 -18.65 15.25
N LEU D 238 37.77 -18.95 15.72
CA LEU D 238 37.36 -20.34 15.91
C LEU D 238 36.81 -21.00 14.64
N PHE D 239 36.59 -20.24 13.57
CA PHE D 239 36.05 -20.82 12.34
C PHE D 239 36.99 -20.66 11.15
N SER D 240 38.28 -20.46 11.40
CA SER D 240 39.29 -20.47 10.35
C SER D 240 39.95 -21.84 10.20
N LEU D 241 39.57 -22.82 11.02
CA LEU D 241 40.20 -24.13 10.97
C LEU D 241 39.58 -25.02 9.90
N THR D 242 38.30 -25.32 10.00
CA THR D 242 37.57 -26.10 8.99
C THR D 242 36.09 -25.98 9.27
N ASP D 243 35.29 -26.52 8.35
CA ASP D 243 33.84 -26.48 8.46
C ASP D 243 33.23 -27.83 8.09
N GLU D 244 33.85 -28.91 8.56
CA GLU D 244 33.37 -30.26 8.34
C GLU D 244 33.25 -30.97 9.67
N PHE D 245 32.11 -31.62 9.90
CA PHE D 245 31.87 -32.31 11.16
C PHE D 245 31.17 -33.64 10.91
N THR D 246 31.43 -34.61 11.78
CA THR D 246 30.83 -35.92 11.67
C THR D 246 29.68 -36.04 12.66
N CYS D 247 28.50 -36.36 12.14
CA CYS D 247 27.31 -36.64 12.94
C CYS D 247 27.14 -38.15 13.06
N ASN D 248 26.69 -38.61 14.22
CA ASN D 248 26.49 -40.03 14.49
C ASN D 248 25.00 -40.31 14.53
N ILE D 249 24.51 -41.13 13.61
CA ILE D 249 23.09 -41.38 13.45
C ILE D 249 22.68 -42.74 14.02
N ARG D 250 23.60 -43.45 14.67
CA ARG D 250 23.28 -44.73 15.29
C ARG D 250 22.82 -44.55 16.73
N THR D 251 21.70 -43.83 16.88
CA THR D 251 21.10 -43.57 18.18
C THR D 251 19.67 -44.07 18.20
N GLY D 252 19.27 -44.67 19.33
CA GLY D 252 17.92 -45.15 19.49
C GLY D 252 17.73 -46.61 19.15
N ILE D 253 16.61 -46.94 18.50
CA ILE D 253 16.32 -48.33 18.17
C ILE D 253 17.19 -48.84 17.03
N LEU D 254 17.81 -47.93 16.26
CA LEU D 254 18.71 -48.31 15.19
C LEU D 254 20.18 -48.19 15.60
N ARG D 255 20.45 -48.06 16.91
CA ARG D 255 21.82 -47.98 17.39
C ARG D 255 22.58 -49.27 17.14
N ASN D 256 21.92 -50.41 17.34
CA ASN D 256 22.55 -51.72 17.18
C ASN D 256 22.50 -52.22 15.74
N ASP D 257 21.85 -51.50 14.83
CA ASP D 257 21.78 -51.93 13.44
C ASP D 257 23.14 -51.72 12.79
N THR D 258 23.55 -52.70 11.98
CA THR D 258 24.86 -52.69 11.35
C THR D 258 24.84 -52.10 9.94
N ALA D 259 23.68 -51.95 9.32
CA ALA D 259 23.62 -51.42 7.96
C ALA D 259 24.01 -49.94 7.92
N LEU D 260 23.63 -49.17 8.94
CA LEU D 260 23.93 -47.75 8.95
C LEU D 260 25.44 -47.53 9.16
N PRO D 261 25.99 -46.47 8.55
CA PRO D 261 27.41 -46.18 8.77
C PRO D 261 27.65 -45.71 10.19
N PRO D 262 28.82 -46.01 10.77
CA PRO D 262 29.12 -45.53 12.12
C PRO D 262 29.14 -44.01 12.23
N LEU D 263 29.62 -43.31 11.20
CA LEU D 263 29.67 -41.86 11.19
C LEU D 263 29.27 -41.35 9.82
N VAL D 264 28.70 -40.14 9.80
CA VAL D 264 28.28 -39.49 8.56
C VAL D 264 28.94 -38.11 8.51
N GLN D 265 29.72 -37.86 7.46
CA GLN D 265 30.37 -36.57 7.31
C GLN D 265 29.41 -35.53 6.74
N CYS D 266 29.49 -34.31 7.28
CA CYS D 266 28.64 -33.22 6.86
C CYS D 266 29.46 -31.95 6.76
N LYS D 267 29.05 -31.08 5.85
CA LYS D 267 29.74 -29.84 5.53
C LYS D 267 28.83 -28.65 5.80
N LEU D 268 29.36 -27.65 6.50
CA LEU D 268 28.68 -26.38 6.66
C LEU D 268 28.89 -25.55 5.40
N ILE D 269 27.82 -24.96 4.87
CA ILE D 269 27.91 -24.33 3.56
C ILE D 269 28.25 -22.85 3.69
N ALA D 270 27.63 -22.15 4.63
CA ALA D 270 27.76 -20.69 4.71
C ALA D 270 28.82 -20.24 5.70
N VAL D 271 29.84 -21.06 5.98
CA VAL D 271 30.88 -20.67 6.94
C VAL D 271 31.72 -19.53 6.38
N GLY D 272 32.08 -19.61 5.10
CA GLY D 272 32.91 -18.58 4.51
C GLY D 272 32.20 -17.24 4.42
N VAL D 273 30.94 -17.25 4.02
CA VAL D 273 30.15 -16.02 3.94
C VAL D 273 29.99 -15.42 5.34
N PHE D 274 29.72 -16.27 6.33
CA PHE D 274 29.59 -15.80 7.70
C PHE D 274 30.89 -15.17 8.19
N ARG D 275 32.02 -15.79 7.87
CA ARG D 275 33.31 -15.26 8.30
C ARG D 275 33.59 -13.91 7.65
N LEU D 276 33.31 -13.79 6.35
CA LEU D 276 33.54 -12.53 5.65
C LEU D 276 32.66 -11.42 6.21
N LEU D 277 31.37 -11.74 6.45
CA LEU D 277 30.46 -10.74 6.98
C LEU D 277 30.83 -10.34 8.41
N SER D 278 31.28 -11.31 9.21
CA SER D 278 31.72 -11.00 10.57
C SER D 278 32.95 -10.11 10.54
N TYR D 279 33.87 -10.36 9.60
CA TYR D 279 35.03 -9.51 9.45
C TYR D 279 34.63 -8.08 9.07
N ILE D 280 33.67 -7.95 8.16
CA ILE D 280 33.19 -6.63 7.76
C ILE D 280 32.55 -5.92 8.95
N ASN D 281 31.74 -6.65 9.72
CA ASN D 281 31.07 -6.07 10.88
C ASN D 281 32.10 -5.60 11.91
N LEU D 282 33.12 -6.42 12.16
CA LEU D 282 34.16 -6.06 13.11
C LEU D 282 34.92 -4.83 12.64
N ILE D 283 35.21 -4.75 11.34
CA ILE D 283 35.90 -3.58 10.80
C ILE D 283 35.07 -2.32 11.00
N ILE D 284 33.77 -2.40 10.69
CA ILE D 284 32.91 -1.24 10.83
C ILE D 284 32.79 -0.81 12.30
N TYR D 285 32.64 -1.78 13.20
CA TYR D 285 32.53 -1.45 14.61
C TYR D 285 33.82 -0.83 15.14
N VAL D 286 34.98 -1.35 14.70
CA VAL D 286 36.25 -0.76 15.09
C VAL D 286 36.35 0.68 14.57
N LEU D 287 35.90 0.90 13.33
CA LEU D 287 35.91 2.24 12.76
C LEU D 287 35.02 3.21 13.53
N ILE D 288 33.84 2.76 13.99
CA ILE D 288 32.91 3.63 14.71
C ILE D 288 33.21 3.66 16.20
N MET D 289 34.19 2.89 16.67
CA MET D 289 34.56 2.95 18.08
C MET D 289 34.96 4.34 18.55
N PRO D 290 35.87 5.06 17.88
CA PRO D 290 36.25 6.39 18.41
C PRO D 290 35.13 7.41 18.34
N PHE D 291 34.10 7.18 17.51
CA PHE D 291 33.03 8.16 17.39
C PHE D 291 32.20 8.23 18.66
N ILE D 292 32.00 7.10 19.34
CA ILE D 292 31.29 7.12 20.62
C ILE D 292 32.11 7.87 21.67
N ILE D 293 33.43 7.66 21.67
CA ILE D 293 34.30 8.35 22.60
C ILE D 293 34.22 9.86 22.38
N TYR D 294 34.27 10.27 21.11
CA TYR D 294 34.08 11.69 20.79
C TYR D 294 32.68 12.17 21.15
N ALA D 295 31.68 11.28 21.10
CA ALA D 295 30.31 11.69 21.40
C ALA D 295 30.12 12.00 22.87
N MET D 296 30.60 11.12 23.77
CA MET D 296 30.44 11.37 25.20
C MET D 296 31.51 12.30 25.76
N LEU D 297 32.46 12.73 24.93
CA LEU D 297 33.47 13.72 25.32
C LEU D 297 32.82 15.10 25.24
N VAL D 298 32.07 15.44 26.28
CA VAL D 298 31.34 16.71 26.35
C VAL D 298 32.24 17.86 26.78
N PRO D 299 33.03 17.75 27.86
CA PRO D 299 33.81 18.92 28.29
C PRO D 299 34.80 19.44 27.26
N PHE D 300 35.40 18.55 26.47
CA PHE D 300 36.40 18.94 25.49
C PHE D 300 35.83 19.16 24.09
N ARG D 301 34.51 19.08 23.93
CA ARG D 301 33.90 19.29 22.62
C ARG D 301 34.03 20.76 22.20
N LYS D 302 34.17 20.95 20.89
CA LYS D 302 34.25 22.29 20.31
C LYS D 302 32.83 22.85 20.24
N THR D 303 32.43 23.52 21.32
CA THR D 303 31.08 24.06 21.46
C THR D 303 31.14 25.58 21.49
N ALA D 304 30.29 26.21 20.67
CA ALA D 304 30.15 27.66 20.64
C ALA D 304 28.83 28.04 21.30
N ASN D 305 28.87 28.94 22.27
CA ASN D 305 27.66 29.31 23.00
C ASN D 305 26.74 30.13 22.12
N VAL D 306 25.47 29.75 22.09
CA VAL D 306 24.48 30.48 21.29
C VAL D 306 24.22 31.85 21.90
N LEU D 307 24.22 31.94 23.23
CA LEU D 307 23.84 33.16 23.92
C LEU D 307 24.82 34.32 23.67
N LYS D 308 26.00 34.03 23.11
CA LYS D 308 26.97 35.09 22.84
C LYS D 308 26.42 36.12 21.87
N VAL D 309 25.75 35.67 20.81
CA VAL D 309 25.16 36.60 19.86
C VAL D 309 23.99 37.34 20.48
N TYR D 310 23.27 36.68 21.39
CA TYR D 310 22.15 37.32 22.08
C TYR D 310 22.61 38.34 23.11
N GLU D 311 23.87 38.26 23.56
CA GLU D 311 24.39 39.25 24.50
C GLU D 311 24.43 40.65 23.89
N VAL D 312 24.40 40.77 22.57
CA VAL D 312 24.35 42.07 21.93
C VAL D 312 23.08 42.82 22.34
N LEU D 313 21.97 42.09 22.46
CA LEU D 313 20.73 42.70 22.89
C LEU D 313 20.87 43.27 24.31
N PRO D 314 20.51 44.53 24.53
CA PRO D 314 20.65 45.10 25.90
C PRO D 314 19.83 44.38 26.94
N THR D 315 18.67 43.83 26.57
CA THR D 315 17.85 43.12 27.55
C THR D 315 18.57 41.89 28.10
N PHE D 316 19.25 41.15 27.23
CA PHE D 316 20.00 39.98 27.68
C PHE D 316 21.23 40.40 28.46
N SER D 317 21.55 39.62 29.50
CA SER D 317 22.71 39.90 30.34
C SER D 317 23.43 38.62 30.73
N THR D 325 31.16 21.52 30.57
CA THR D 325 32.18 20.67 31.17
C THR D 325 31.59 19.73 32.22
N TYR D 326 31.06 18.59 31.76
CA TYR D 326 30.41 17.60 32.61
C TYR D 326 29.29 18.26 33.41
N ASP D 327 28.29 18.75 32.67
CA ASP D 327 27.21 19.51 33.28
C ASP D 327 25.96 19.42 32.42
N ASP D 328 24.81 19.64 33.05
CA ASP D 328 23.56 19.71 32.29
C ASP D 328 23.51 20.95 31.41
N HIS D 329 24.08 22.06 31.87
CA HIS D 329 24.06 23.29 31.09
C HIS D 329 24.81 23.14 29.77
N SER D 330 25.97 22.47 29.81
CA SER D 330 26.74 22.26 28.59
C SER D 330 25.99 21.40 27.59
N LEU D 331 25.36 20.32 28.07
CA LEU D 331 24.59 19.46 27.18
C LEU D 331 23.39 20.20 26.60
N PHE D 332 22.71 21.01 27.42
CA PHE D 332 21.58 21.77 26.92
C PHE D 332 22.02 22.80 25.89
N LEU D 333 23.18 23.43 26.10
CA LEU D 333 23.71 24.36 25.11
C LEU D 333 24.06 23.64 23.81
N LEU D 334 24.61 22.43 23.91
CA LEU D 334 24.91 21.66 22.72
C LEU D 334 23.64 21.32 21.95
N PHE D 335 22.58 20.91 22.67
CA PHE D 335 21.32 20.61 22.01
C PHE D 335 20.69 21.85 21.40
N LEU D 336 20.82 23.00 22.08
CA LEU D 336 20.34 24.26 21.51
C LEU D 336 21.06 24.58 20.20
N GLU D 337 22.39 24.45 20.21
CA GLU D 337 23.18 24.73 19.01
C GLU D 337 22.81 23.78 17.88
N GLU D 338 22.62 22.50 18.21
CA GLU D 338 22.23 21.53 17.18
C GLU D 338 20.83 21.79 16.66
N ASN D 339 19.97 22.38 17.49
CA ASN D 339 18.57 22.65 17.10
C ASN D 339 18.31 24.14 16.88
N VAL D 340 19.37 24.94 16.67
CA VAL D 340 19.20 26.38 16.51
C VAL D 340 18.83 26.78 15.09
N SER D 341 18.84 25.85 14.14
CA SER D 341 18.55 26.20 12.75
C SER D 341 17.11 26.67 12.57
N GLU D 342 16.19 26.28 13.44
CA GLU D 342 14.80 26.68 13.30
C GLU D 342 14.59 28.15 13.69
N LEU D 343 15.37 28.65 14.64
CA LEU D 343 15.22 30.04 15.08
C LEU D 343 15.63 30.99 13.96
N LYS D 344 14.85 32.05 13.78
CA LYS D 344 15.11 33.06 12.76
C LYS D 344 15.75 34.32 13.32
N SER D 345 15.40 34.72 14.54
CA SER D 345 16.08 35.84 15.17
C SER D 345 17.55 35.52 15.43
N TYR D 346 17.84 34.27 15.82
CA TYR D 346 19.22 33.85 15.96
C TYR D 346 19.99 33.98 14.66
N LYS D 347 19.31 33.80 13.52
CA LYS D 347 19.98 34.00 12.24
C LYS D 347 20.42 35.44 12.07
N PHE D 348 19.54 36.40 12.43
CA PHE D 348 19.90 37.81 12.35
C PHE D 348 21.08 38.12 13.29
N LEU D 349 21.01 37.60 14.52
CA LEU D 349 22.07 37.87 15.48
C LEU D 349 23.40 37.27 15.03
N LYS D 350 23.37 36.06 14.46
CA LYS D 350 24.59 35.42 13.98
C LYS D 350 25.14 36.15 12.76
N VAL D 351 24.27 36.65 11.89
CA VAL D 351 24.74 37.45 10.76
C VAL D 351 25.42 38.72 11.24
N LEU D 352 24.83 39.38 12.23
CA LEU D 352 25.45 40.58 12.79
C LEU D 352 26.80 40.24 13.43
N GLU D 353 26.87 39.12 14.16
CA GLU D 353 28.13 38.70 14.78
C GLU D 353 29.19 38.42 13.73
N ASN D 354 28.81 37.74 12.65
CA ASN D 354 29.77 37.47 11.57
C ASN D 354 30.24 38.76 10.91
N ILE D 355 29.33 39.71 10.73
CA ILE D 355 29.69 40.99 10.14
C ILE D 355 30.70 41.72 11.03
N LYS D 356 30.44 41.73 12.34
CA LYS D 356 31.32 42.44 13.26
C LYS D 356 32.62 41.69 13.54
N ASN D 357 32.68 40.39 13.24
CA ASN D 357 33.89 39.62 13.49
C ASN D 357 35.03 40.07 12.59
N THR D 358 34.71 40.51 11.36
CA THR D 358 35.75 40.94 10.43
C THR D 358 36.50 42.15 10.97
N GLY D 359 35.79 43.10 11.56
CA GLY D 359 36.41 44.29 12.11
C GLY D 359 35.88 45.58 11.53
N GLU D 360 34.70 45.53 10.93
CA GLU D 360 34.08 46.72 10.35
C GLU D 360 33.69 47.69 11.45
N ASN D 361 33.97 48.97 11.22
CA ASN D 361 33.70 50.02 12.21
C ASN D 361 32.35 50.67 11.93
N PHE D 362 31.29 49.90 12.20
CA PHE D 362 29.92 50.37 12.05
C PHE D 362 29.16 50.12 13.34
N ASP D 363 28.37 51.12 13.74
CA ASP D 363 27.58 51.01 14.96
C ASP D 363 26.47 49.97 14.78
N THR D 364 26.25 49.17 15.83
CA THR D 364 25.24 48.13 15.77
C THR D 364 23.84 48.65 16.07
N ILE D 365 23.71 49.85 16.62
CA ILE D 365 22.40 50.37 16.98
C ILE D 365 21.54 50.58 15.74
N GLN D 366 22.13 51.13 14.68
CA GLN D 366 21.37 51.35 13.45
C GLN D 366 20.94 50.02 12.83
N TYR D 367 21.82 49.03 12.85
CA TYR D 367 21.46 47.71 12.31
C TYR D 367 20.35 47.07 13.12
N LEU D 368 20.40 47.18 14.44
CA LEU D 368 19.34 46.63 15.28
C LEU D 368 18.02 47.34 15.05
N THR D 369 18.05 48.67 14.89
CA THR D 369 16.81 49.40 14.62
C THR D 369 16.26 49.13 13.23
N SER D 370 17.12 48.76 12.29
CA SER D 370 16.66 48.45 10.94
C SER D 370 15.77 47.22 10.93
N LEU D 371 16.12 46.19 11.69
CA LEU D 371 15.32 44.98 11.74
C LEU D 371 14.03 45.21 12.51
N GLY D 372 13.02 44.41 12.19
CA GLY D 372 11.74 44.50 12.86
C GLY D 372 11.32 43.20 13.51
N THR D 373 10.01 43.04 13.72
CA THR D 373 9.50 41.79 14.30
C THR D 373 9.69 40.64 13.32
N VAL D 374 10.13 39.50 13.85
CA VAL D 374 10.38 38.33 13.02
C VAL D 374 9.11 37.48 12.90
N LYS D 375 8.51 37.13 14.05
CA LYS D 375 7.27 36.36 14.08
C LYS D 375 6.71 36.31 15.50
N ALA E 1 17.14 -9.23 -4.99
CA ALA E 1 17.08 -9.46 -3.55
C ALA E 1 18.14 -8.64 -2.83
N ILE E 2 19.37 -8.69 -3.34
CA ILE E 2 20.46 -7.92 -2.75
C ILE E 2 20.17 -6.42 -2.86
N ALA E 3 19.74 -5.99 -4.05
CA ALA E 3 19.44 -4.57 -4.25
C ALA E 3 18.23 -4.13 -3.44
N HIS E 4 17.24 -5.00 -3.28
CA HIS E 4 16.10 -4.68 -2.43
C HIS E 4 16.52 -4.47 -0.99
N ILE E 5 17.40 -5.35 -0.49
CA ILE E 5 17.93 -5.21 0.86
C ILE E 5 18.69 -3.89 1.00
N ALA E 6 19.50 -3.55 -0.02
CA ALA E 6 20.24 -2.30 0.01
C ALA E 6 19.30 -1.10 0.06
N THR E 7 18.25 -1.12 -0.76
CA THR E 7 17.30 0.00 -0.79
C THR E 7 16.58 0.13 0.54
N GLU E 8 16.17 -0.99 1.14
CA GLU E 8 15.34 -0.93 2.33
C GLU E 8 16.15 -0.80 3.61
N TYR E 9 17.47 -0.98 3.58
CA TYR E 9 18.27 -0.87 4.79
C TYR E 9 19.34 0.20 4.75
N VAL E 10 19.67 0.74 3.58
CA VAL E 10 20.71 1.76 3.44
C VAL E 10 20.15 3.06 2.88
N PHE E 11 19.58 3.01 1.68
CA PHE E 11 19.12 4.23 1.02
C PHE E 11 17.82 4.76 1.61
N SER E 12 16.93 3.88 2.06
CA SER E 12 15.73 4.32 2.75
C SER E 12 16.06 4.63 4.21
N ASP E 13 15.40 5.66 4.75
CA ASP E 13 15.65 6.06 6.13
C ASP E 13 15.17 4.96 7.07
N PHE E 14 16.05 4.57 7.99
CA PHE E 14 15.76 3.48 8.93
C PHE E 14 15.62 4.00 10.37
N LEU E 15 16.63 4.70 10.88
CA LEU E 15 16.55 5.32 12.19
C LEU E 15 16.97 6.79 12.15
N LEU E 16 17.08 7.38 10.97
CA LEU E 16 17.57 8.75 10.83
C LEU E 16 16.44 9.76 10.80
N LYS E 17 15.52 9.65 9.84
CA LYS E 17 14.50 10.67 9.62
C LYS E 17 13.09 10.10 9.71
N ASP E 18 12.85 9.12 10.58
CA ASP E 18 11.52 8.61 10.82
C ASP E 18 10.98 9.22 12.11
N PRO E 19 10.00 10.11 12.06
CA PRO E 19 9.53 10.77 13.29
C PRO E 19 8.52 9.90 14.02
N PRO E 20 8.86 9.49 15.25
CA PRO E 20 7.92 8.64 16.02
C PRO E 20 6.67 9.39 16.46
N GLU E 21 6.85 10.54 17.08
CA GLU E 21 5.76 11.33 17.65
C GLU E 21 5.88 12.79 17.27
N SER E 22 6.11 13.05 15.98
CA SER E 22 6.13 14.42 15.48
C SER E 22 4.77 15.08 15.65
N LYS E 23 4.69 16.07 16.54
CA LYS E 23 3.43 16.74 16.88
C LYS E 23 2.40 15.72 17.36
N TYR E 24 2.73 15.08 18.48
CA TYR E 24 1.87 14.04 19.04
C TYR E 24 0.53 14.64 19.47
N LYS E 25 -0.56 13.97 19.08
CA LYS E 25 -1.91 14.43 19.36
C LYS E 25 -2.54 13.54 20.43
N GLY E 26 -3.76 13.90 20.82
CA GLY E 26 -4.46 13.15 21.83
C GLY E 26 -3.84 13.31 23.22
N LEU E 27 -4.13 12.33 24.07
CA LEU E 27 -3.64 12.31 25.43
C LEU E 27 -2.95 10.99 25.71
N ARG E 28 -2.01 11.00 26.66
CA ARG E 28 -1.27 9.80 27.05
C ARG E 28 -2.03 9.14 28.19
N LEU E 29 -2.84 8.14 27.86
CA LEU E 29 -3.67 7.46 28.83
C LEU E 29 -2.95 6.30 29.51
N GLU E 30 -1.70 6.02 29.15
CA GLU E 30 -0.92 4.95 29.76
C GLU E 30 0.43 5.50 30.20
N LEU E 31 0.92 5.00 31.33
CA LEU E 31 2.23 5.41 31.82
C LEU E 31 3.33 4.83 30.94
N ALA E 32 4.48 5.52 30.94
CA ALA E 32 5.59 5.10 30.09
C ALA E 32 6.12 3.74 30.51
N VAL E 33 6.32 3.53 31.81
CA VAL E 33 6.82 2.24 32.29
C VAL E 33 5.82 1.12 32.00
N ASP E 34 4.53 1.39 32.25
CA ASP E 34 3.51 0.38 31.98
C ASP E 34 3.43 0.07 30.49
N LYS E 35 3.50 1.10 29.65
CA LYS E 35 3.46 0.89 28.21
C LYS E 35 4.64 0.06 27.74
N LEU E 36 5.84 0.38 28.24
CA LEU E 36 7.02 -0.38 27.85
C LEU E 36 6.93 -1.83 28.32
N VAL E 37 6.47 -2.05 29.55
CA VAL E 37 6.37 -3.41 30.08
C VAL E 37 5.37 -4.22 29.28
N SER E 38 4.20 -3.63 28.98
CA SER E 38 3.18 -4.33 28.20
C SER E 38 3.68 -4.62 26.80
N CYS E 39 4.35 -3.66 26.16
CA CYS E 39 4.86 -3.87 24.82
C CYS E 39 5.89 -5.00 24.80
N ILE E 40 6.80 -5.03 25.78
CA ILE E 40 7.79 -6.10 25.84
C ILE E 40 7.11 -7.44 26.04
N ALA E 41 6.20 -7.53 27.03
CA ALA E 41 5.56 -8.79 27.36
C ALA E 41 4.69 -9.31 26.23
N VAL E 42 4.17 -8.41 25.39
CA VAL E 42 3.32 -8.84 24.28
C VAL E 42 4.17 -9.22 23.08
N GLY E 43 5.12 -8.36 22.69
CA GLY E 43 5.90 -8.58 21.49
C GLY E 43 7.09 -9.51 21.63
N LEU E 44 7.42 -9.97 22.83
CA LEU E 44 8.52 -10.92 22.94
C LEU E 44 8.12 -12.31 22.45
N PRO E 45 7.02 -12.91 22.92
CA PRO E 45 6.65 -14.24 22.40
C PRO E 45 6.35 -14.24 20.91
N LEU E 46 5.78 -13.16 20.37
CA LEU E 46 5.53 -13.10 18.94
C LEU E 46 6.84 -13.10 18.15
N LEU E 47 7.80 -12.29 18.59
CA LEU E 47 9.11 -12.28 17.94
C LEU E 47 9.77 -13.65 18.05
N LEU E 48 9.62 -14.31 19.20
CA LEU E 48 10.25 -15.61 19.40
C LEU E 48 9.63 -16.68 18.50
N ILE E 49 8.31 -16.70 18.37
CA ILE E 49 7.69 -17.68 17.50
C ILE E 49 7.98 -17.37 16.03
N SER E 50 8.13 -16.09 15.69
CA SER E 50 8.55 -15.75 14.33
C SER E 50 9.96 -16.24 14.05
N LEU E 51 10.85 -16.12 15.04
CA LEU E 51 12.23 -16.56 14.86
C LEU E 51 12.34 -18.08 14.84
N ALA E 52 11.47 -18.78 15.58
CA ALA E 52 11.59 -20.23 15.72
C ALA E 52 11.39 -20.94 14.39
N PHE E 53 10.57 -20.38 13.49
CA PHE E 53 10.24 -21.02 12.23
C PHE E 53 10.78 -20.24 11.03
N ALA E 54 11.78 -19.39 11.23
CA ALA E 54 12.39 -18.69 10.13
C ALA E 54 13.13 -19.66 9.21
N GLN E 55 13.11 -19.37 7.91
CA GLN E 55 13.76 -20.25 6.95
C GLN E 55 15.26 -20.29 7.11
N GLU E 56 15.84 -19.34 7.86
CA GLU E 56 17.27 -19.31 8.08
C GLU E 56 17.74 -20.37 9.07
N ILE E 57 16.82 -20.96 9.85
CA ILE E 57 17.19 -21.94 10.87
C ILE E 57 16.46 -23.25 10.72
N THR E 58 15.38 -23.32 9.93
CA THR E 58 14.65 -24.56 9.72
C THR E 58 15.16 -25.23 8.45
N LEU E 59 15.56 -26.49 8.56
CA LEU E 59 16.10 -27.22 7.42
C LEU E 59 15.02 -27.97 6.65
N GLY E 60 14.32 -28.88 7.32
CA GLY E 60 13.31 -29.68 6.65
C GLY E 60 11.96 -29.62 7.33
N SER E 61 11.45 -30.78 7.72
CA SER E 61 10.12 -30.89 8.32
C SER E 61 10.20 -30.71 9.84
N GLN E 62 9.04 -30.70 10.48
CA GLN E 62 9.00 -30.62 11.94
C GLN E 62 9.60 -31.86 12.57
N ILE E 63 9.32 -33.04 12.00
CA ILE E 63 9.86 -34.30 12.49
C ILE E 63 10.49 -35.03 11.32
N SER E 64 11.44 -35.91 11.64
CA SER E 64 12.09 -36.74 10.63
C SER E 64 12.10 -38.19 11.09
N CYS E 65 11.52 -39.07 10.28
CA CYS E 65 11.41 -40.49 10.62
C CYS E 65 12.25 -41.32 9.66
N PHE E 66 12.84 -42.39 10.18
CA PHE E 66 13.70 -43.29 9.42
C PHE E 66 12.87 -44.47 8.94
N ALA E 67 12.24 -44.32 7.79
CA ALA E 67 11.46 -45.39 7.21
C ALA E 67 12.39 -46.47 6.62
N PRO E 68 11.92 -47.70 6.53
CA PRO E 68 12.74 -48.76 5.91
C PRO E 68 12.99 -48.48 4.43
N THR E 69 14.10 -49.05 3.93
CA THR E 69 14.49 -48.81 2.56
C THR E 69 13.46 -49.36 1.56
N SER E 70 12.76 -50.43 1.92
CA SER E 70 11.77 -51.01 1.03
C SER E 70 10.57 -50.08 0.81
N PHE E 71 10.34 -49.13 1.72
CA PHE E 71 9.22 -48.22 1.58
C PHE E 71 9.47 -47.25 0.43
N SER E 72 8.39 -46.93 -0.30
CA SER E 72 8.48 -45.95 -1.36
C SER E 72 8.36 -44.53 -0.78
N TRP E 73 8.33 -43.53 -1.66
CA TRP E 73 8.19 -42.15 -1.22
C TRP E 73 6.87 -41.93 -0.50
N ARG E 74 5.77 -42.43 -1.07
CA ARG E 74 4.46 -42.19 -0.49
C ARG E 74 4.28 -42.92 0.84
N GLN E 75 4.82 -44.14 0.94
CA GLN E 75 4.75 -44.87 2.20
C GLN E 75 5.55 -44.16 3.30
N ALA E 76 6.73 -43.64 2.95
CA ALA E 76 7.52 -42.91 3.93
C ALA E 76 6.85 -41.60 4.34
N ALA E 77 6.21 -40.93 3.38
CA ALA E 77 5.45 -39.71 3.71
C ALA E 77 4.27 -40.03 4.62
N TYR E 78 3.59 -41.15 4.35
CA TYR E 78 2.53 -41.60 5.24
C TYR E 78 3.07 -41.89 6.63
N VAL E 79 4.25 -42.50 6.72
CA VAL E 79 4.85 -42.78 8.02
C VAL E 79 5.12 -41.47 8.75
N ASP E 80 5.70 -40.50 8.07
CA ASP E 80 5.98 -39.20 8.69
C ASP E 80 4.71 -38.56 9.20
N SER E 81 3.67 -38.51 8.36
CA SER E 81 2.43 -37.88 8.76
C SER E 81 1.74 -38.63 9.89
N PHE E 82 1.82 -39.97 9.88
CA PHE E 82 1.22 -40.75 10.94
C PHE E 82 1.91 -40.52 12.28
N CYS E 83 3.24 -40.48 12.28
CA CYS E 83 3.96 -40.27 13.53
C CYS E 83 3.73 -38.84 14.03
N TRP E 84 3.66 -37.87 13.11
CA TRP E 84 3.30 -36.50 13.47
C TRP E 84 1.88 -36.38 14.01
N ALA E 85 0.96 -37.21 13.53
CA ALA E 85 -0.40 -37.18 14.05
C ALA E 85 -0.49 -37.85 15.42
N ALA E 86 0.30 -38.90 15.63
CA ALA E 86 0.33 -39.59 16.92
C ALA E 86 1.20 -38.88 17.95
N VAL E 87 1.99 -37.88 17.53
CA VAL E 87 2.81 -37.14 18.50
C VAL E 87 1.91 -36.38 19.47
N GLN E 88 0.64 -36.18 19.11
CA GLN E 88 -0.29 -35.50 20.01
C GLN E 88 -0.88 -36.47 21.02
N GLN E 89 -1.58 -37.51 20.53
CA GLN E 89 -2.27 -38.43 21.43
C GLN E 89 -1.31 -39.37 22.14
N LYS E 90 -0.12 -39.57 21.57
CA LYS E 90 0.90 -40.44 22.15
C LYS E 90 0.38 -41.83 22.44
N VAL E 100 3.65 -36.39 27.58
CA VAL E 100 3.49 -34.94 27.69
C VAL E 100 4.50 -34.10 26.86
N PRO E 101 5.78 -34.49 26.77
CA PRO E 101 6.71 -33.64 25.99
C PRO E 101 6.34 -33.53 24.53
N LEU E 102 5.76 -34.57 23.94
CA LEU E 102 5.55 -34.60 22.50
C LEU E 102 4.53 -33.57 22.05
N TRP E 103 3.35 -33.55 22.70
CA TRP E 103 2.34 -32.57 22.34
C TRP E 103 2.78 -31.16 22.72
N LEU E 104 3.59 -31.02 23.78
CA LEU E 104 4.13 -29.72 24.13
C LEU E 104 5.05 -29.19 23.03
N HIS E 105 5.90 -30.06 22.48
CA HIS E 105 6.74 -29.64 21.36
C HIS E 105 5.90 -29.30 20.14
N LYS E 106 4.84 -30.07 19.91
CA LYS E 106 3.98 -29.79 18.76
C LYS E 106 3.29 -28.43 18.89
N PHE E 107 2.83 -28.09 20.09
CA PHE E 107 2.01 -26.90 20.29
C PHE E 107 2.73 -25.75 20.99
N PHE E 108 4.05 -25.80 21.08
CA PHE E 108 4.82 -24.68 21.63
C PHE E 108 4.46 -23.33 21.02
N PRO E 109 4.40 -23.15 19.69
CA PRO E 109 3.96 -21.85 19.17
C PRO E 109 2.55 -21.49 19.58
N TYR E 110 1.65 -22.49 19.68
CA TYR E 110 0.29 -22.21 20.13
C TYR E 110 0.28 -21.72 21.57
N ILE E 111 1.09 -22.33 22.44
CA ILE E 111 1.12 -21.92 23.83
C ILE E 111 1.70 -20.52 23.96
N LEU E 112 2.76 -20.22 23.20
CA LEU E 112 3.32 -18.88 23.26
C LEU E 112 2.35 -17.84 22.73
N LEU E 113 1.59 -18.18 21.68
CA LEU E 113 0.55 -17.28 21.19
C LEU E 113 -0.53 -17.05 22.23
N LEU E 114 -0.94 -18.11 22.92
CA LEU E 114 -1.93 -17.97 23.98
C LEU E 114 -1.41 -17.06 25.09
N VAL E 115 -0.14 -17.22 25.45
CA VAL E 115 0.46 -16.35 26.47
C VAL E 115 0.44 -14.90 26.01
N ALA E 116 0.81 -14.66 24.74
CA ALA E 116 0.81 -13.29 24.22
C ALA E 116 -0.60 -12.69 24.23
N VAL E 117 -1.60 -13.46 23.82
CA VAL E 117 -2.97 -12.95 23.79
C VAL E 117 -3.45 -12.66 25.21
N LEU E 118 -3.16 -13.56 26.16
CA LEU E 118 -3.56 -13.34 27.54
C LEU E 118 -2.90 -12.11 28.12
N LEU E 119 -1.63 -11.86 27.75
CA LEU E 119 -0.95 -10.66 28.23
C LEU E 119 -1.50 -9.41 27.59
N TYR E 120 -1.94 -9.49 26.34
CA TYR E 120 -2.53 -8.34 25.66
C TYR E 120 -3.94 -8.02 26.16
N LEU E 121 -4.65 -9.02 26.69
CA LEU E 121 -6.03 -8.81 27.11
C LEU E 121 -6.22 -7.71 28.16
N PRO E 122 -5.48 -7.69 29.28
CA PRO E 122 -5.77 -6.68 30.32
C PRO E 122 -5.58 -5.25 29.86
N ASN E 123 -4.57 -4.99 29.01
CA ASN E 123 -4.40 -3.63 28.52
C ASN E 123 -5.55 -3.22 27.61
N LEU E 124 -6.08 -4.14 26.81
CA LEU E 124 -7.27 -3.84 26.01
C LEU E 124 -8.47 -3.57 26.91
N PHE E 125 -8.61 -4.34 27.99
CA PHE E 125 -9.71 -4.11 28.92
C PHE E 125 -9.60 -2.73 29.55
N TRP E 126 -8.39 -2.34 29.97
CA TRP E 126 -8.19 -1.02 30.55
C TRP E 126 -8.47 0.07 29.53
N ARG E 127 -8.06 -0.13 28.29
CA ARG E 127 -8.27 0.87 27.25
C ARG E 127 -9.74 1.01 26.88
N PHE E 128 -10.52 -0.07 27.00
CA PHE E 128 -11.92 -0.01 26.61
C PHE E 128 -12.86 0.34 27.75
N THR E 129 -12.47 0.14 29.01
CA THR E 129 -13.35 0.44 30.13
C THR E 129 -12.80 1.49 31.08
N ALA E 130 -11.62 2.07 30.82
CA ALA E 130 -11.07 3.12 31.67
C ALA E 130 -10.49 4.30 30.92
N ALA E 131 -10.12 4.15 29.65
CA ALA E 131 -9.47 5.25 28.93
C ALA E 131 -10.38 6.46 28.73
N PRO E 132 -11.64 6.32 28.27
CA PRO E 132 -12.41 7.54 27.96
C PRO E 132 -12.70 8.43 29.16
N HIS E 133 -13.09 7.84 30.29
CA HIS E 133 -13.38 8.65 31.47
C HIS E 133 -12.14 9.39 31.96
N LEU E 134 -11.01 8.69 32.02
CA LEU E 134 -9.77 9.33 32.46
C LEU E 134 -9.33 10.42 31.48
N SER E 135 -9.48 10.17 30.18
CA SER E 135 -9.12 11.18 29.19
C SER E 135 -9.99 12.42 29.32
N SER E 136 -11.30 12.24 29.50
CA SER E 136 -12.18 13.38 29.68
C SER E 136 -11.85 14.15 30.95
N ASP E 137 -11.57 13.43 32.04
CA ASP E 137 -11.22 14.09 33.30
C ASP E 137 -9.93 14.88 33.14
N LEU E 138 -8.93 14.30 32.49
CA LEU E 138 -7.66 14.99 32.28
C LEU E 138 -7.83 16.23 31.42
N LYS E 139 -8.62 16.12 30.34
CA LYS E 139 -8.87 17.27 29.48
C LYS E 139 -9.56 18.38 30.25
N PHE E 140 -10.58 18.03 31.04
CA PHE E 140 -11.29 19.02 31.83
C PHE E 140 -10.36 19.70 32.83
N VAL E 141 -9.53 18.92 33.52
CA VAL E 141 -8.63 19.48 34.53
C VAL E 141 -7.61 20.42 33.86
N MET E 142 -7.05 20.00 32.74
CA MET E 142 -6.06 20.83 32.05
C MET E 142 -6.69 22.13 31.55
N GLU E 143 -7.88 22.06 30.94
CA GLU E 143 -8.51 23.26 30.43
C GLU E 143 -8.90 24.20 31.57
N GLU E 144 -9.36 23.66 32.70
CA GLU E 144 -9.71 24.52 33.83
C GLU E 144 -8.46 25.16 34.44
N LEU E 145 -7.35 24.41 34.51
CA LEU E 145 -6.11 25.00 34.99
C LEU E 145 -5.63 26.12 34.08
N ASP E 146 -5.71 25.91 32.76
CA ASP E 146 -5.31 26.96 31.82
C ASP E 146 -6.21 28.19 31.96
N LYS E 147 -7.51 27.98 32.09
CA LYS E 147 -8.43 29.12 32.25
C LYS E 147 -8.16 29.86 33.55
N CYS E 148 -7.91 29.13 34.63
CA CYS E 148 -7.60 29.77 35.91
C CYS E 148 -6.31 30.57 35.83
N TYR E 149 -5.28 30.02 35.19
CA TYR E 149 -4.05 30.76 35.01
C TYR E 149 -4.28 32.03 34.19
N ASN E 150 -5.08 31.93 33.12
CA ASN E 150 -5.33 33.09 32.28
C ASN E 150 -6.06 34.19 33.06
N ARG E 151 -7.11 33.82 33.80
CA ARG E 151 -7.88 34.82 34.52
C ARG E 151 -7.06 35.42 35.66
N ASP E 152 -6.22 34.61 36.32
CA ASP E 152 -5.37 35.15 37.37
C ASP E 152 -4.33 36.11 36.81
N ILE E 153 -3.75 35.78 35.65
CA ILE E 153 -2.80 36.68 35.02
C ILE E 153 -3.47 37.98 34.63
N LYS E 154 -4.70 37.90 34.10
CA LYS E 154 -5.44 39.11 33.76
C LYS E 154 -5.73 39.95 34.99
N ASP E 155 -6.09 39.31 36.10
CA ASP E 155 -6.40 40.05 37.32
C ASP E 155 -5.18 40.72 37.92
N ILE E 156 -4.05 40.01 38.00
CA ILE E 156 -2.81 40.58 38.54
C ILE E 156 -2.16 41.56 37.56
N LYS E 157 -2.52 41.50 36.28
CA LYS E 157 -1.97 42.37 35.25
C LYS E 157 -0.46 42.20 35.13
N PRO E 195 -11.32 27.26 42.22
CA PRO E 195 -12.05 26.61 43.31
C PRO E 195 -12.70 25.29 42.90
N ILE E 196 -13.04 25.17 41.61
CA ILE E 196 -13.72 23.97 41.13
C ILE E 196 -12.77 22.78 41.12
N VAL E 197 -11.53 22.97 40.67
CA VAL E 197 -10.61 21.85 40.51
C VAL E 197 -10.18 21.31 41.88
N GLU E 198 -9.97 22.20 42.85
CA GLU E 198 -9.58 21.75 44.18
C GLU E 198 -10.69 20.91 44.81
N GLN E 199 -11.93 21.39 44.73
CA GLN E 199 -13.05 20.64 45.28
C GLN E 199 -13.25 19.32 44.55
N TYR E 200 -13.09 19.32 43.22
CA TYR E 200 -13.25 18.08 42.45
C TYR E 200 -12.18 17.06 42.84
N LEU E 201 -10.95 17.51 43.03
CA LEU E 201 -9.90 16.61 43.50
C LEU E 201 -10.19 16.12 44.91
N LYS E 202 -10.81 16.97 45.74
CA LYS E 202 -11.18 16.53 47.08
C LYS E 202 -12.22 15.42 47.03
N THR E 203 -13.21 15.54 46.14
CA THR E 203 -14.17 14.45 45.97
C THR E 203 -13.51 13.20 45.41
N LYS E 204 -12.60 13.35 44.45
CA LYS E 204 -11.88 12.21 43.91
C LYS E 204 -10.99 11.53 44.95
N ASN E 205 -10.58 12.28 45.98
CA ASN E 205 -9.81 11.70 47.08
C ASN E 205 -10.58 10.57 47.75
N ASN E 206 -11.90 10.67 47.82
CA ASN E 206 -12.73 9.66 48.46
C ASN E 206 -13.23 8.61 47.47
N SER E 207 -12.46 8.33 46.43
CA SER E 207 -12.82 7.34 45.42
C SER E 207 -11.72 6.30 45.31
N TYR E 208 -12.11 5.11 44.82
CA TYR E 208 -11.16 4.01 44.67
C TYR E 208 -11.35 3.20 43.40
N GLY E 209 -12.27 3.57 42.51
CA GLY E 209 -12.52 2.75 41.34
C GLY E 209 -11.34 2.67 40.40
N LEU E 210 -10.73 3.83 40.09
CA LEU E 210 -9.64 3.85 39.13
C LEU E 210 -8.42 3.11 39.67
N ILE E 211 -8.06 3.33 40.93
CA ILE E 211 -6.91 2.64 41.50
C ILE E 211 -7.18 1.15 41.61
N ILE E 212 -8.43 0.76 41.89
CA ILE E 212 -8.78 -0.66 41.96
C ILE E 212 -8.61 -1.31 40.58
N LYS E 213 -9.10 -0.64 39.54
CA LYS E 213 -8.96 -1.20 38.20
C LYS E 213 -7.50 -1.30 37.79
N TYR E 214 -6.70 -0.27 38.13
CA TYR E 214 -5.27 -0.31 37.87
C TYR E 214 -4.62 -1.49 38.59
N LEU E 215 -5.00 -1.72 39.85
CA LEU E 215 -4.42 -2.82 40.62
C LEU E 215 -4.79 -4.17 40.04
N ILE E 216 -6.05 -4.36 39.62
CA ILE E 216 -6.42 -5.64 39.04
C ILE E 216 -5.73 -5.85 37.70
N CYS E 217 -5.52 -4.78 36.92
CA CYS E 217 -4.77 -4.92 35.67
C CYS E 217 -3.33 -5.36 35.94
N ARG E 218 -2.68 -4.70 36.90
CA ARG E 218 -1.30 -5.07 37.24
C ARG E 218 -1.23 -6.49 37.78
N VAL E 219 -2.21 -6.88 38.61
CA VAL E 219 -2.20 -8.22 39.19
C VAL E 219 -2.41 -9.27 38.11
N VAL E 220 -3.31 -9.02 37.16
CA VAL E 220 -3.54 -9.96 36.07
C VAL E 220 -2.27 -10.11 35.24
N THR E 221 -1.62 -8.99 34.91
CA THR E 221 -0.39 -9.06 34.14
C THR E 221 0.68 -9.84 34.88
N LEU E 222 0.85 -9.58 36.18
CA LEU E 222 1.86 -10.26 36.97
C LEU E 222 1.56 -11.76 37.06
N ILE E 223 0.30 -12.12 37.26
CA ILE E 223 -0.07 -13.53 37.37
C ILE E 223 0.20 -14.26 36.06
N ILE E 224 -0.16 -13.64 34.94
CA ILE E 224 0.06 -14.28 33.64
C ILE E 224 1.56 -14.43 33.37
N VAL E 225 2.36 -13.41 33.71
CA VAL E 225 3.79 -13.50 33.52
C VAL E 225 4.39 -14.60 34.39
N PHE E 226 3.92 -14.71 35.63
CA PHE E 226 4.41 -15.77 36.51
C PHE E 226 4.05 -17.15 35.99
N THR E 227 2.81 -17.31 35.50
CA THR E 227 2.40 -18.59 34.93
C THR E 227 3.24 -18.93 33.70
N ALA E 228 3.53 -17.94 32.86
CA ALA E 228 4.38 -18.18 31.70
C ALA E 228 5.78 -18.58 32.13
N CYS E 229 6.31 -17.94 33.18
CA CYS E 229 7.63 -18.32 33.68
C CYS E 229 7.65 -19.76 34.18
N ILE E 230 6.61 -20.15 34.92
CA ILE E 230 6.54 -21.53 35.42
C ILE E 230 6.46 -22.51 34.26
N TYR E 231 5.63 -22.21 33.26
CA TYR E 231 5.50 -23.11 32.12
C TYR E 231 6.81 -23.23 31.36
N LEU E 232 7.51 -22.11 31.16
CA LEU E 232 8.78 -22.15 30.45
C LEU E 232 9.83 -22.93 31.21
N GLY E 233 9.90 -22.74 32.53
CA GLY E 233 10.81 -23.55 33.32
C GLY E 233 10.50 -25.03 33.24
N TYR E 234 9.21 -25.37 33.29
CA TYR E 234 8.81 -26.78 33.17
C TYR E 234 9.19 -27.34 31.81
N TYR E 235 8.97 -26.57 30.74
CA TYR E 235 9.32 -27.04 29.41
C TYR E 235 10.82 -27.22 29.25
N ILE E 236 11.62 -26.30 29.81
CA ILE E 236 13.06 -26.45 29.76
C ILE E 236 13.50 -27.69 30.52
N SER E 237 12.90 -27.93 31.69
CA SER E 237 13.26 -29.11 32.47
C SER E 237 12.91 -30.41 31.76
N LEU E 238 11.75 -30.45 31.11
CA LEU E 238 11.26 -31.69 30.52
C LEU E 238 11.80 -31.97 29.13
N PHE E 239 12.51 -31.03 28.50
CA PHE E 239 13.04 -31.26 27.17
C PHE E 239 14.57 -31.17 27.12
N SER E 240 15.23 -31.36 28.26
CA SER E 240 16.68 -31.48 28.29
C SER E 240 17.15 -32.92 28.25
N LEU E 241 16.22 -33.89 28.21
CA LEU E 241 16.58 -35.29 28.24
C LEU E 241 16.95 -35.81 26.84
N THR E 242 16.00 -35.78 25.92
CA THR E 242 16.25 -36.17 24.52
C THR E 242 15.07 -35.71 23.68
N ASP E 243 15.20 -35.86 22.37
CA ASP E 243 14.17 -35.46 21.42
C ASP E 243 13.98 -36.53 20.35
N GLU E 244 13.96 -37.80 20.77
CA GLU E 244 13.73 -38.92 19.88
C GLU E 244 12.60 -39.77 20.44
N PHE E 245 11.64 -40.13 19.59
CA PHE E 245 10.50 -40.91 20.01
C PHE E 245 10.15 -41.95 18.96
N THR E 246 9.60 -43.06 19.41
CA THR E 246 9.20 -44.14 18.52
C THR E 246 7.70 -44.11 18.30
N CYS E 247 7.30 -44.02 17.04
CA CYS E 247 5.91 -44.09 16.63
C CYS E 247 5.61 -45.50 16.13
N ASN E 248 4.41 -46.00 16.43
CA ASN E 248 4.00 -47.33 16.03
C ASN E 248 2.96 -47.21 14.91
N ILE E 249 3.30 -47.73 13.73
CA ILE E 249 2.46 -47.57 12.56
C ILE E 249 1.69 -48.84 12.21
N ARG E 250 1.75 -49.86 13.06
CA ARG E 250 1.00 -51.10 12.86
C ARG E 250 -0.38 -51.01 13.51
N THR E 251 -1.18 -50.06 13.03
CA THR E 251 -2.53 -49.84 13.52
C THR E 251 -3.51 -49.94 12.36
N GLY E 252 -4.66 -50.59 12.62
CA GLY E 252 -5.70 -50.70 11.62
C GLY E 252 -5.65 -52.00 10.83
N ILE E 253 -5.92 -51.92 9.52
CA ILE E 253 -5.94 -53.11 8.69
C ILE E 253 -4.54 -53.65 8.44
N LEU E 254 -3.51 -52.84 8.65
CA LEU E 254 -2.13 -53.27 8.49
C LEU E 254 -1.48 -53.62 9.82
N ARG E 255 -2.27 -53.76 10.88
CA ARG E 255 -1.73 -54.11 12.19
C ARG E 255 -1.13 -55.51 12.18
N ASN E 256 -1.78 -56.45 11.50
CA ASN E 256 -1.33 -57.83 11.45
C ASN E 256 -0.30 -58.08 10.35
N ASP E 257 -0.01 -57.08 9.53
CA ASP E 257 0.97 -57.25 8.46
C ASP E 257 2.36 -57.33 9.07
N THR E 258 3.18 -58.24 8.53
CA THR E 258 4.52 -58.48 9.07
C THR E 258 5.61 -57.70 8.34
N ALA E 259 5.31 -57.16 7.15
CA ALA E 259 6.33 -56.43 6.41
C ALA E 259 6.71 -55.12 7.10
N LEU E 260 5.74 -54.44 7.71
CA LEU E 260 6.02 -53.17 8.36
C LEU E 260 6.85 -53.38 9.63
N PRO E 261 7.75 -52.44 9.95
CA PRO E 261 8.52 -52.56 11.18
C PRO E 261 7.65 -52.40 12.40
N PRO E 262 7.96 -53.09 13.50
CA PRO E 262 7.16 -52.91 14.72
C PRO E 262 7.19 -51.49 15.26
N LEU E 263 8.33 -50.79 15.15
CA LEU E 263 8.45 -49.43 15.62
C LEU E 263 9.25 -48.62 14.60
N VAL E 264 8.97 -47.31 14.55
CA VAL E 264 9.66 -46.39 13.67
C VAL E 264 10.21 -45.25 14.51
N GLN E 265 11.52 -45.05 14.46
CA GLN E 265 12.16 -43.98 15.21
C GLN E 265 12.01 -42.64 14.48
N CYS E 266 11.73 -41.59 15.25
CA CYS E 266 11.56 -40.26 14.70
C CYS E 266 12.25 -39.25 15.60
N LYS E 267 12.72 -38.17 14.99
CA LYS E 267 13.49 -37.13 15.65
C LYS E 267 12.76 -35.80 15.52
N LEU E 268 12.65 -35.09 16.65
CA LEU E 268 12.15 -33.72 16.66
C LEU E 268 13.30 -32.80 16.25
N ILE E 269 13.03 -31.87 15.32
CA ILE E 269 14.11 -31.10 14.73
C ILE E 269 14.34 -29.80 15.50
N ALA E 270 13.26 -29.10 15.87
CA ALA E 270 13.37 -27.77 16.46
C ALA E 270 13.35 -27.76 17.99
N VAL E 271 13.75 -28.87 18.63
CA VAL E 271 13.73 -28.91 20.09
C VAL E 271 14.78 -27.97 20.68
N GLY E 272 15.97 -27.95 20.09
CA GLY E 272 17.03 -27.08 20.61
C GLY E 272 16.71 -25.61 20.46
N VAL E 273 16.19 -25.23 19.29
CA VAL E 273 15.81 -23.84 19.06
C VAL E 273 14.69 -23.44 20.02
N PHE E 274 13.70 -24.33 20.20
CA PHE E 274 12.62 -24.06 21.13
C PHE E 274 13.13 -23.87 22.55
N ARG E 275 14.08 -24.72 22.96
CA ARG E 275 14.64 -24.61 24.31
C ARG E 275 15.39 -23.31 24.50
N LEU E 276 16.20 -22.92 23.50
CA LEU E 276 16.94 -21.67 23.59
C LEU E 276 16.00 -20.47 23.66
N LEU E 277 14.97 -20.46 22.81
CA LEU E 277 14.03 -19.35 22.80
C LEU E 277 13.23 -19.30 24.10
N SER E 278 12.85 -20.45 24.64
CA SER E 278 12.15 -20.49 25.92
C SER E 278 13.03 -19.96 27.04
N TYR E 279 14.32 -20.30 27.01
CA TYR E 279 15.25 -19.76 27.99
C TYR E 279 15.35 -18.25 27.89
N ILE E 280 15.43 -17.73 26.66
CA ILE E 280 15.48 -16.28 26.47
C ILE E 280 14.22 -15.62 26.99
N ASN E 281 13.06 -16.21 26.69
CA ASN E 281 11.79 -15.67 27.13
C ASN E 281 11.70 -15.65 28.65
N LEU E 282 12.14 -16.74 29.29
CA LEU E 282 12.14 -16.82 30.75
C LEU E 282 13.05 -15.77 31.35
N ILE E 283 14.23 -15.57 30.75
CA ILE E 283 15.16 -14.56 31.24
C ILE E 283 14.54 -13.17 31.16
N ILE E 284 13.91 -12.86 30.02
CA ILE E 284 13.32 -11.54 29.84
C ILE E 284 12.17 -11.33 30.82
N TYR E 285 11.33 -12.35 31.01
CA TYR E 285 10.22 -12.23 31.93
C TYR E 285 10.70 -12.06 33.37
N VAL E 286 11.75 -12.79 33.75
CA VAL E 286 12.33 -12.63 35.08
C VAL E 286 12.88 -11.21 35.25
N LEU E 287 13.52 -10.68 34.21
CA LEU E 287 14.04 -9.32 34.25
C LEU E 287 12.94 -8.28 34.40
N ILE E 288 11.80 -8.46 33.72
CA ILE E 288 10.71 -7.51 33.78
C ILE E 288 9.77 -7.77 34.97
N MET E 289 10.01 -8.85 35.72
CA MET E 289 9.20 -9.11 36.90
C MET E 289 9.19 -7.96 37.91
N PRO E 290 10.33 -7.40 38.34
CA PRO E 290 10.26 -6.33 39.34
C PRO E 290 9.64 -5.04 38.81
N PHE E 291 9.59 -4.87 37.49
CA PHE E 291 9.04 -3.63 36.93
C PHE E 291 7.53 -3.54 37.19
N ILE E 292 6.82 -4.67 37.14
CA ILE E 292 5.40 -4.66 37.47
C ILE E 292 5.19 -4.32 38.94
N ILE E 293 6.04 -4.87 39.81
CA ILE E 293 5.95 -4.58 41.24
C ILE E 293 6.16 -3.09 41.49
N TYR E 294 7.17 -2.51 40.83
CA TYR E 294 7.38 -1.08 40.91
C TYR E 294 6.21 -0.29 40.30
N ALA E 295 5.54 -0.87 39.30
CA ALA E 295 4.45 -0.17 38.64
C ALA E 295 3.23 -0.04 39.54
N MET E 296 2.82 -1.14 40.20
CA MET E 296 1.65 -1.08 41.06
C MET E 296 1.99 -0.56 42.46
N LEU E 297 3.27 -0.28 42.73
CA LEU E 297 3.69 0.34 43.99
C LEU E 297 3.41 1.84 43.89
N VAL E 298 2.16 2.20 44.13
CA VAL E 298 1.69 3.59 44.04
C VAL E 298 2.03 4.38 45.29
N PRO E 299 1.73 3.90 46.52
CA PRO E 299 1.99 4.74 47.70
C PRO E 299 3.45 5.12 47.88
N PHE E 300 4.38 4.25 47.53
CA PHE E 300 5.81 4.50 47.74
C PHE E 300 6.49 5.08 46.51
N ARG E 301 5.74 5.38 45.45
CA ARG E 301 6.33 5.94 44.25
C ARG E 301 6.84 7.36 44.50
N LYS E 302 7.93 7.72 43.82
CA LYS E 302 8.50 9.05 43.90
C LYS E 302 7.65 9.98 43.04
N THR E 303 6.61 10.55 43.63
CA THR E 303 5.66 11.40 42.93
C THR E 303 5.77 12.83 43.44
N ALA E 304 5.86 13.78 42.52
CA ALA E 304 5.88 15.20 42.84
C ALA E 304 4.55 15.80 42.42
N ASN E 305 3.90 16.50 43.34
CA ASN E 305 2.58 17.06 43.08
C ASN E 305 2.69 18.23 42.11
N VAL E 306 1.86 18.20 41.06
CA VAL E 306 1.86 19.28 40.08
C VAL E 306 1.31 20.57 40.69
N LEU E 307 0.31 20.44 41.57
CA LEU E 307 -0.37 21.62 42.10
C LEU E 307 0.52 22.48 42.98
N LYS E 308 1.71 21.99 43.37
CA LYS E 308 2.59 22.78 44.22
C LYS E 308 3.03 24.06 43.50
N VAL E 309 3.36 23.96 42.22
CA VAL E 309 3.77 25.15 41.47
C VAL E 309 2.56 26.06 41.26
N TYR E 310 1.36 25.50 41.13
CA TYR E 310 0.17 26.30 40.98
C TYR E 310 -0.25 26.99 42.27
N GLU E 311 0.22 26.51 43.42
CA GLU E 311 -0.08 27.18 44.69
C GLU E 311 0.49 28.58 44.76
N VAL E 312 1.47 28.90 43.90
CA VAL E 312 2.00 30.27 43.85
C VAL E 312 0.91 31.24 43.44
N LEU E 313 0.04 30.83 42.54
CA LEU E 313 -1.06 31.68 42.11
C LEU E 313 -1.99 31.95 43.28
N PRO E 314 -2.33 33.22 43.55
CA PRO E 314 -3.22 33.52 44.68
C PRO E 314 -4.60 32.89 44.56
N THR E 315 -5.11 32.72 43.34
CA THR E 315 -6.42 32.11 43.17
C THR E 315 -6.45 30.67 43.66
N PHE E 316 -5.39 29.92 43.37
CA PHE E 316 -5.30 28.53 43.83
C PHE E 316 -5.07 28.49 45.33
N SER E 317 -5.68 27.51 45.99
CA SER E 317 -5.53 27.34 47.42
C SER E 317 -5.44 25.87 47.80
N THR E 325 -1.31 7.56 48.06
CA THR E 325 -1.13 6.40 48.91
C THR E 325 -2.38 5.51 48.87
N TYR E 326 -2.43 4.63 47.87
CA TYR E 326 -3.56 3.73 47.66
C TYR E 326 -4.87 4.52 47.56
N ASP E 327 -4.94 5.37 46.54
CA ASP E 327 -6.06 6.29 46.39
C ASP E 327 -6.21 6.66 44.93
N ASP E 328 -7.43 7.08 44.57
CA ASP E 328 -7.68 7.59 43.23
C ASP E 328 -6.98 8.92 43.00
N HIS E 329 -6.88 9.76 44.05
CA HIS E 329 -6.24 11.06 43.90
C HIS E 329 -4.77 10.91 43.54
N SER E 330 -4.07 9.96 44.18
CA SER E 330 -2.65 9.76 43.88
C SER E 330 -2.45 9.27 42.44
N LEU E 331 -3.29 8.34 41.99
CA LEU E 331 -3.18 7.86 40.61
C LEU E 331 -3.49 8.97 39.62
N PHE E 332 -4.49 9.80 39.91
CA PHE E 332 -4.82 10.91 39.02
C PHE E 332 -3.69 11.93 38.98
N LEU E 333 -3.05 12.18 40.13
CA LEU E 333 -1.90 13.08 40.14
C LEU E 333 -0.73 12.50 39.34
N LEU E 334 -0.52 11.19 39.44
CA LEU E 334 0.53 10.55 38.64
C LEU E 334 0.24 10.68 37.15
N PHE E 335 -1.01 10.47 36.75
CA PHE E 335 -1.36 10.62 35.33
C PHE E 335 -1.24 12.06 34.87
N LEU E 336 -1.58 13.02 35.74
CA LEU E 336 -1.40 14.43 35.42
C LEU E 336 0.08 14.73 35.20
N GLU E 337 0.94 14.26 36.09
CA GLU E 337 2.37 14.51 35.97
C GLU E 337 2.93 13.86 34.70
N GLU E 338 2.47 12.65 34.39
CA GLU E 338 2.94 11.98 33.18
C GLU E 338 2.42 12.68 31.92
N ASN E 339 1.27 13.35 32.01
CA ASN E 339 0.67 14.03 30.87
C ASN E 339 0.76 15.55 30.99
N VAL E 340 1.65 16.07 31.83
CA VAL E 340 1.75 17.50 32.05
C VAL E 340 2.59 18.21 31.00
N SER E 341 3.27 17.46 30.12
CA SER E 341 4.14 18.08 29.13
C SER E 341 3.37 18.95 28.13
N GLU E 342 2.08 18.68 27.93
CA GLU E 342 1.30 19.46 26.98
C GLU E 342 0.96 20.84 27.51
N LEU E 343 0.79 20.98 28.82
CA LEU E 343 0.45 22.26 29.41
C LEU E 343 1.62 23.24 29.27
N LYS E 344 1.29 24.48 28.92
CA LYS E 344 2.31 25.52 28.76
C LYS E 344 2.39 26.47 29.94
N SER E 345 1.26 26.75 30.59
CA SER E 345 1.29 27.55 31.81
C SER E 345 2.05 26.81 32.92
N TYR E 346 1.86 25.49 33.00
CA TYR E 346 2.63 24.70 33.95
C TYR E 346 4.12 24.83 33.70
N LYS E 347 4.53 25.00 32.43
CA LYS E 347 5.94 25.21 32.14
C LYS E 347 6.44 26.50 32.79
N PHE E 348 5.67 27.58 32.68
CA PHE E 348 6.04 28.84 33.32
C PHE E 348 6.12 28.69 34.83
N LEU E 349 5.12 28.02 35.42
CA LEU E 349 5.11 27.85 36.87
C LEU E 349 6.28 26.99 37.33
N LYS E 350 6.61 25.94 36.58
CA LYS E 350 7.74 25.09 36.95
C LYS E 350 9.06 25.81 36.78
N VAL E 351 9.18 26.66 35.76
CA VAL E 351 10.39 27.46 35.59
C VAL E 351 10.55 28.41 36.78
N LEU E 352 9.45 29.06 37.19
CA LEU E 352 9.51 29.95 38.35
C LEU E 352 9.89 29.17 39.62
N GLU E 353 9.32 27.97 39.79
CA GLU E 353 9.66 27.15 40.95
C GLU E 353 11.12 26.75 40.95
N ASN E 354 11.66 26.38 39.78
CA ASN E 354 13.07 26.02 39.69
C ASN E 354 13.95 27.23 39.97
N ILE E 355 13.54 28.41 39.51
CA ILE E 355 14.31 29.63 39.78
C ILE E 355 14.34 29.91 41.27
N LYS E 356 13.19 29.80 41.94
CA LYS E 356 13.12 30.10 43.36
C LYS E 356 13.70 28.99 44.24
N ASN E 357 13.89 27.78 43.69
CA ASN E 357 14.45 26.70 44.48
C ASN E 357 15.91 26.96 44.84
N THR E 358 16.64 27.65 43.97
CA THR E 358 18.06 27.92 44.23
C THR E 358 18.21 28.80 45.47
N GLY E 359 17.36 29.80 45.63
CA GLY E 359 17.44 30.68 46.78
C GLY E 359 17.60 32.14 46.41
N GLU E 360 17.27 32.49 45.18
CA GLU E 360 17.38 33.87 44.74
C GLU E 360 16.35 34.74 45.46
N ASN E 361 16.78 35.92 45.88
CA ASN E 361 15.93 36.84 46.65
C ASN E 361 15.29 37.86 45.69
N PHE E 362 14.35 37.36 44.90
CA PHE E 362 13.60 38.19 43.97
C PHE E 362 12.11 37.97 44.18
N ASP E 363 11.35 39.07 44.18
CA ASP E 363 9.91 38.97 44.36
C ASP E 363 9.25 38.32 43.16
N THR E 364 8.27 37.45 43.43
CA THR E 364 7.59 36.73 42.36
C THR E 364 6.48 37.55 41.71
N ILE E 365 6.06 38.65 42.34
CA ILE E 365 4.95 39.44 41.80
C ILE E 365 5.34 40.05 40.46
N GLN E 366 6.55 40.59 40.36
CA GLN E 366 7.00 41.18 39.10
C GLN E 366 7.09 40.13 38.01
N TYR E 367 7.60 38.94 38.34
CA TYR E 367 7.70 37.87 37.35
C TYR E 367 6.32 37.43 36.89
N LEU E 368 5.35 37.32 37.81
CA LEU E 368 4.00 36.94 37.43
C LEU E 368 3.36 38.01 36.56
N THR E 369 3.58 39.28 36.87
CA THR E 369 3.01 40.35 36.05
C THR E 369 3.68 40.44 34.69
N SER E 370 4.94 40.01 34.58
CA SER E 370 5.64 40.05 33.30
C SER E 370 4.97 39.12 32.29
N LEU E 371 4.57 37.93 32.72
CA LEU E 371 3.94 36.98 31.82
C LEU E 371 2.53 37.43 31.48
N GLY E 372 2.05 36.97 30.32
CA GLY E 372 0.72 37.29 29.86
C GLY E 372 -0.12 36.07 29.58
N THR E 373 -1.16 36.22 28.75
CA THR E 373 -2.00 35.09 28.39
C THR E 373 -1.21 34.09 27.55
N VAL E 374 -1.39 32.81 27.86
CA VAL E 374 -0.67 31.75 27.15
C VAL E 374 -1.47 31.31 25.93
N LYS E 375 -2.74 30.96 26.13
CA LYS E 375 -3.62 30.54 25.04
C LYS E 375 -5.06 30.43 25.53
N ALA F 1 14.41 -12.57 6.18
CA ALA F 1 13.28 -12.99 6.99
C ALA F 1 13.48 -12.60 8.45
N ILE F 2 14.67 -12.90 8.97
CA ILE F 2 14.98 -12.54 10.35
C ILE F 2 14.96 -11.02 10.53
N ALA F 3 15.60 -10.31 9.60
CA ALA F 3 15.64 -8.86 9.68
C ALA F 3 14.27 -8.24 9.47
N HIS F 4 13.45 -8.83 8.61
CA HIS F 4 12.08 -8.34 8.44
C HIS F 4 11.29 -8.48 9.73
N ILE F 5 11.43 -9.63 10.40
CA ILE F 5 10.77 -9.83 11.69
C ILE F 5 11.25 -8.81 12.71
N ALA F 6 12.56 -8.54 12.73
CA ALA F 6 13.10 -7.55 13.65
C ALA F 6 12.51 -6.16 13.37
N THR F 7 12.45 -5.78 12.10
CA THR F 7 11.93 -4.46 11.75
C THR F 7 10.45 -4.35 12.13
N GLU F 8 9.67 -5.40 11.88
CA GLU F 8 8.23 -5.31 12.08
C GLU F 8 7.79 -5.58 13.51
N TYR F 9 8.68 -6.11 14.36
CA TYR F 9 8.29 -6.41 15.74
C TYR F 9 9.10 -5.66 16.79
N VAL F 10 10.23 -5.05 16.44
CA VAL F 10 11.07 -4.34 17.39
C VAL F 10 11.20 -2.87 17.02
N PHE F 11 11.73 -2.58 15.83
CA PHE F 11 12.01 -1.19 15.45
C PHE F 11 10.74 -0.43 15.07
N SER F 12 9.77 -1.10 14.46
CA SER F 12 8.48 -0.48 14.20
C SER F 12 7.62 -0.49 15.45
N ASP F 13 6.85 0.58 15.64
CA ASP F 13 6.00 0.68 16.82
C ASP F 13 4.89 -0.37 16.76
N PHE F 14 4.75 -1.13 17.84
CA PHE F 14 3.79 -2.23 17.92
C PHE F 14 2.66 -1.91 18.89
N LEU F 15 2.98 -1.60 20.14
CA LEU F 15 1.97 -1.18 21.12
C LEU F 15 2.37 0.11 21.83
N LEU F 16 3.37 0.83 21.32
CA LEU F 16 3.87 2.02 21.98
C LEU F 16 3.21 3.30 21.48
N LYS F 17 3.33 3.57 20.18
CA LYS F 17 2.89 4.84 19.62
C LYS F 17 1.86 4.67 18.51
N ASP F 18 0.99 3.66 18.60
CA ASP F 18 -0.09 3.50 17.66
C ASP F 18 -1.38 4.01 18.29
N PRO F 19 -1.92 5.13 17.83
CA PRO F 19 -3.11 5.70 18.47
C PRO F 19 -4.38 5.02 17.98
N PRO F 20 -5.12 4.35 18.87
CA PRO F 20 -6.35 3.67 18.45
C PRO F 20 -7.46 4.65 18.06
N GLU F 21 -7.74 5.61 18.94
CA GLU F 21 -8.84 6.56 18.76
C GLU F 21 -8.38 7.97 19.05
N SER F 22 -7.25 8.36 18.45
CA SER F 22 -6.78 9.73 18.57
C SER F 22 -7.75 10.69 17.91
N LYS F 23 -8.42 11.52 18.72
CA LYS F 23 -9.45 12.45 18.24
C LYS F 23 -10.56 11.68 17.53
N TYR F 24 -11.22 10.80 18.28
CA TYR F 24 -12.27 9.97 17.71
C TYR F 24 -13.43 10.82 17.22
N LYS F 25 -13.89 10.53 16.00
CA LYS F 25 -14.96 11.28 15.36
C LYS F 25 -16.24 10.44 15.33
N GLY F 26 -17.30 11.04 14.83
CA GLY F 26 -18.58 10.35 14.75
C GLY F 26 -19.20 10.13 16.12
N LEU F 27 -20.09 9.15 16.18
CA LEU F 27 -20.80 8.79 17.40
C LEU F 27 -20.64 7.30 17.66
N ARG F 28 -20.73 6.92 18.93
CA ARG F 28 -20.61 5.53 19.35
C ARG F 28 -22.02 4.92 19.35
N LEU F 29 -22.35 4.24 18.26
CA LEU F 29 -23.68 3.65 18.09
C LEU F 29 -23.79 2.25 18.68
N GLU F 30 -22.71 1.72 19.25
CA GLU F 30 -22.73 0.40 19.88
C GLU F 30 -22.13 0.50 21.27
N LEU F 31 -22.70 -0.28 22.20
CA LEU F 31 -22.19 -0.31 23.56
C LEU F 31 -20.83 -1.02 23.60
N ALA F 32 -20.04 -0.67 24.62
CA ALA F 32 -18.70 -1.24 24.74
C ALA F 32 -18.75 -2.74 24.97
N VAL F 33 -19.62 -3.19 25.88
CA VAL F 33 -19.72 -4.61 26.16
C VAL F 33 -20.23 -5.36 24.94
N ASP F 34 -21.25 -4.82 24.26
CA ASP F 34 -21.77 -5.46 23.07
C ASP F 34 -20.72 -5.51 21.96
N LYS F 35 -19.98 -4.42 21.78
CA LYS F 35 -18.94 -4.39 20.76
C LYS F 35 -17.86 -5.42 21.06
N LEU F 36 -17.43 -5.51 22.32
CA LEU F 36 -16.41 -6.49 22.69
C LEU F 36 -16.91 -7.91 22.48
N VAL F 37 -18.15 -8.20 22.88
CA VAL F 37 -18.69 -9.54 22.73
C VAL F 37 -18.80 -9.92 21.26
N SER F 38 -19.32 -9.00 20.44
CA SER F 38 -19.43 -9.28 19.01
C SER F 38 -18.07 -9.48 18.37
N CYS F 39 -17.09 -8.64 18.73
CA CYS F 39 -15.75 -8.78 18.17
C CYS F 39 -15.14 -10.12 18.54
N ILE F 40 -15.29 -10.54 19.80
CA ILE F 40 -14.74 -11.83 20.22
C ILE F 40 -15.43 -12.96 19.46
N ALA F 41 -16.76 -12.94 19.43
CA ALA F 41 -17.51 -14.04 18.81
C ALA F 41 -17.26 -14.12 17.32
N VAL F 42 -16.92 -12.99 16.68
CA VAL F 42 -16.66 -13.02 15.24
C VAL F 42 -15.21 -13.42 14.95
N GLY F 43 -14.26 -12.79 15.63
CA GLY F 43 -12.86 -13.02 15.35
C GLY F 43 -12.23 -14.24 16.01
N LEU F 44 -12.95 -14.95 16.87
CA LEU F 44 -12.37 -16.16 17.44
C LEU F 44 -12.35 -17.31 16.43
N PRO F 45 -13.46 -17.66 15.77
CA PRO F 45 -13.40 -18.75 14.78
C PRO F 45 -12.47 -18.44 13.61
N LEU F 46 -12.37 -17.19 13.19
CA LEU F 46 -11.45 -16.84 12.10
C LEU F 46 -10.00 -17.06 12.52
N LEU F 47 -9.65 -16.62 13.74
CA LEU F 47 -8.30 -16.86 14.25
C LEU F 47 -8.04 -18.35 14.38
N LEU F 48 -9.05 -19.11 14.81
CA LEU F 48 -8.86 -20.55 15.00
C LEU F 48 -8.65 -21.27 13.66
N ILE F 49 -9.43 -20.90 12.63
CA ILE F 49 -9.23 -21.55 11.34
C ILE F 49 -7.92 -21.11 10.71
N SER F 50 -7.49 -19.88 10.98
CA SER F 50 -6.16 -19.46 10.50
C SER F 50 -5.06 -20.25 11.19
N LEU F 51 -5.21 -20.53 12.48
CA LEU F 51 -4.20 -21.28 13.21
C LEU F 51 -4.21 -22.75 12.81
N ALA F 52 -5.38 -23.30 12.47
CA ALA F 52 -5.49 -24.73 12.20
C ALA F 52 -4.66 -25.16 11.00
N PHE F 53 -4.49 -24.27 10.02
CA PHE F 53 -3.79 -24.60 8.78
C PHE F 53 -2.50 -23.81 8.62
N ALA F 54 -1.94 -23.30 9.72
CA ALA F 54 -0.66 -22.62 9.65
C ALA F 54 0.45 -23.61 9.30
N GLN F 55 1.43 -23.13 8.53
CA GLN F 55 2.53 -23.99 8.11
C GLN F 55 3.38 -24.45 9.29
N GLU F 56 3.27 -23.81 10.44
CA GLU F 56 4.04 -24.20 11.61
C GLU F 56 3.53 -25.48 12.26
N ILE F 57 2.31 -25.92 11.94
CA ILE F 57 1.72 -27.10 12.55
C ILE F 57 1.27 -28.14 11.54
N THR F 58 1.16 -27.80 10.27
CA THR F 58 0.77 -28.75 9.23
C THR F 58 2.02 -29.33 8.58
N LEU F 59 2.11 -30.65 8.56
CA LEU F 59 3.29 -31.32 8.00
C LEU F 59 3.11 -31.62 6.52
N GLY F 60 2.09 -32.42 6.17
CA GLY F 60 1.88 -32.80 4.79
C GLY F 60 0.49 -32.49 4.28
N SER F 61 -0.21 -33.53 3.83
CA SER F 61 -1.52 -33.37 3.24
C SER F 61 -2.60 -33.45 4.32
N GLN F 62 -3.86 -33.23 3.91
CA GLN F 62 -4.97 -33.37 4.85
C GLN F 62 -5.13 -34.81 5.30
N ILE F 63 -4.97 -35.76 4.39
CA ILE F 63 -5.05 -37.18 4.70
C ILE F 63 -3.80 -37.87 4.18
N SER F 64 -3.48 -39.01 4.79
CA SER F 64 -2.34 -39.81 4.36
C SER F 64 -2.77 -41.26 4.22
N CYS F 65 -2.59 -41.83 3.03
CA CYS F 65 -3.00 -43.20 2.75
C CYS F 65 -1.78 -44.06 2.47
N PHE F 66 -1.86 -45.32 2.92
CA PHE F 66 -0.77 -46.28 2.76
C PHE F 66 -1.04 -47.12 1.51
N ALA F 67 -0.55 -46.63 0.38
CA ALA F 67 -0.71 -47.36 -0.87
C ALA F 67 0.28 -48.53 -0.91
N PRO F 68 -0.03 -49.57 -1.68
CA PRO F 68 0.91 -50.70 -1.80
C PRO F 68 2.20 -50.28 -2.48
N THR F 69 3.26 -51.03 -2.19
CA THR F 69 4.58 -50.71 -2.73
C THR F 69 4.62 -50.80 -4.25
N SER F 70 3.82 -51.69 -4.84
CA SER F 70 3.81 -51.84 -6.29
C SER F 70 3.24 -50.61 -7.00
N PHE F 71 2.46 -49.79 -6.30
CA PHE F 71 1.89 -48.60 -6.90
C PHE F 71 2.99 -47.56 -7.18
N SER F 72 2.85 -46.86 -8.30
CA SER F 72 3.77 -45.79 -8.63
C SER F 72 3.33 -44.50 -7.92
N TRP F 73 4.04 -43.41 -8.21
CA TRP F 73 3.70 -42.12 -7.60
C TRP F 73 2.30 -41.67 -8.01
N ARG F 74 1.98 -41.77 -9.30
CA ARG F 74 0.70 -41.28 -9.79
C ARG F 74 -0.45 -42.13 -9.28
N GLN F 75 -0.26 -43.45 -9.20
CA GLN F 75 -1.30 -44.32 -8.67
C GLN F 75 -1.56 -44.02 -7.19
N ALA F 76 -0.49 -43.79 -6.42
CA ALA F 76 -0.67 -43.45 -5.01
C ALA F 76 -1.33 -42.09 -4.84
N ALA F 77 -0.98 -41.13 -5.70
CA ALA F 77 -1.65 -39.83 -5.66
C ALA F 77 -3.14 -39.96 -6.01
N TYR F 78 -3.45 -40.80 -6.99
CA TYR F 78 -4.85 -41.09 -7.31
C TYR F 78 -5.55 -41.72 -6.13
N VAL F 79 -4.88 -42.62 -5.42
CA VAL F 79 -5.48 -43.24 -4.25
C VAL F 79 -5.78 -42.19 -3.20
N ASP F 80 -4.82 -41.31 -2.93
CA ASP F 80 -5.02 -40.24 -1.94
C ASP F 80 -6.21 -39.37 -2.32
N SER F 81 -6.25 -38.92 -3.59
CA SER F 81 -7.33 -38.05 -4.03
C SER F 81 -8.68 -38.76 -4.01
N PHE F 82 -8.70 -40.05 -4.36
CA PHE F 82 -9.95 -40.80 -4.34
C PHE F 82 -10.48 -40.96 -2.93
N CYS F 83 -9.60 -41.28 -1.96
CA CYS F 83 -10.07 -41.45 -0.60
C CYS F 83 -10.50 -40.12 -0.02
N TRP F 84 -9.79 -39.03 -0.37
CA TRP F 84 -10.22 -37.69 0.03
C TRP F 84 -11.55 -37.29 -0.60
N ALA F 85 -11.85 -37.75 -1.81
CA ALA F 85 -13.13 -37.44 -2.42
C ALA F 85 -14.26 -38.27 -1.81
N ALA F 86 -13.96 -39.52 -1.44
CA ALA F 86 -14.95 -40.37 -0.80
C ALA F 86 -15.12 -40.08 0.69
N VAL F 87 -14.23 -39.29 1.29
CA VAL F 87 -14.36 -38.94 2.70
C VAL F 87 -15.64 -38.13 2.92
N GLN F 88 -16.20 -37.55 1.85
CA GLN F 88 -17.43 -36.79 1.96
C GLN F 88 -18.65 -37.71 1.90
N GLN F 89 -18.80 -38.44 0.78
CA GLN F 89 -19.99 -39.27 0.59
C GLN F 89 -19.94 -40.53 1.45
N LYS F 90 -18.75 -40.95 1.87
CA LYS F 90 -18.56 -42.13 2.71
C LYS F 90 -19.22 -43.37 2.10
N VAL F 100 -20.61 -39.84 9.34
CA VAL F 100 -20.71 -38.44 9.72
C VAL F 100 -19.38 -37.77 10.16
N PRO F 101 -18.49 -38.46 10.90
CA PRO F 101 -17.25 -37.79 11.31
C PRO F 101 -16.37 -37.36 10.15
N LEU F 102 -16.37 -38.11 9.05
CA LEU F 102 -15.43 -37.86 7.97
C LEU F 102 -15.70 -36.53 7.27
N TRP F 103 -16.95 -36.31 6.85
CA TRP F 103 -17.29 -35.05 6.20
C TRP F 103 -17.20 -33.89 7.18
N LEU F 104 -17.47 -34.13 8.46
CA LEU F 104 -17.30 -33.09 9.46
C LEU F 104 -15.83 -32.66 9.57
N HIS F 105 -14.91 -33.62 9.56
CA HIS F 105 -13.49 -33.28 9.56
C HIS F 105 -13.11 -32.55 8.29
N LYS F 106 -13.67 -32.96 7.15
CA LYS F 106 -13.36 -32.29 5.90
C LYS F 106 -13.82 -30.83 5.90
N PHE F 107 -15.01 -30.56 6.45
CA PHE F 107 -15.63 -29.25 6.34
C PHE F 107 -15.61 -28.46 7.65
N PHE F 108 -14.80 -28.87 8.63
CA PHE F 108 -14.66 -28.09 9.86
C PHE F 108 -14.35 -26.60 9.63
N PRO F 109 -13.37 -26.22 8.78
CA PRO F 109 -13.19 -24.79 8.53
C PRO F 109 -14.40 -24.14 7.90
N TYR F 110 -15.12 -24.85 7.03
CA TYR F 110 -16.34 -24.30 6.44
C TYR F 110 -17.40 -24.05 7.49
N ILE F 111 -17.56 -24.99 8.43
CA ILE F 111 -18.56 -24.82 9.48
C ILE F 111 -18.19 -23.66 10.39
N LEU F 112 -16.91 -23.53 10.74
CA LEU F 112 -16.49 -22.42 11.58
C LEU F 112 -16.68 -21.08 10.86
N LEU F 113 -16.41 -21.05 9.55
CA LEU F 113 -16.65 -19.84 8.77
C LEU F 113 -18.14 -19.50 8.74
N LEU F 114 -18.99 -20.51 8.58
CA LEU F 114 -20.44 -20.28 8.60
C LEU F 114 -20.88 -19.72 9.95
N VAL F 115 -20.33 -20.25 11.03
CA VAL F 115 -20.64 -19.75 12.36
C VAL F 115 -20.22 -18.28 12.49
N ALA F 116 -19.01 -17.95 12.01
CA ALA F 116 -18.54 -16.58 12.09
C ALA F 116 -19.42 -15.64 11.29
N VAL F 117 -19.82 -16.04 10.08
CA VAL F 117 -20.67 -15.20 9.25
C VAL F 117 -22.03 -15.00 9.89
N LEU F 118 -22.61 -16.08 10.44
CA LEU F 118 -23.90 -15.98 11.10
C LEU F 118 -23.82 -15.07 12.32
N LEU F 119 -22.71 -15.11 13.05
CA LEU F 119 -22.55 -14.23 14.20
C LEU F 119 -22.35 -12.78 13.78
N TYR F 120 -21.70 -12.56 12.64
CA TYR F 120 -21.51 -11.21 12.13
C TYR F 120 -22.78 -10.60 11.54
N LEU F 121 -23.71 -11.44 11.09
CA LEU F 121 -24.92 -10.95 10.44
C LEU F 121 -25.76 -10.01 11.31
N PRO F 122 -26.13 -10.36 12.56
CA PRO F 122 -27.03 -9.48 13.31
C PRO F 122 -26.47 -8.09 13.58
N ASN F 123 -25.17 -7.99 13.83
CA ASN F 123 -24.58 -6.66 14.05
C ASN F 123 -24.64 -5.82 12.78
N LEU F 124 -24.43 -6.44 11.60
CA LEU F 124 -24.59 -5.72 10.35
C LEU F 124 -26.04 -5.28 10.15
N PHE F 125 -26.99 -6.14 10.51
CA PHE F 125 -28.40 -5.77 10.40
C PHE F 125 -28.72 -4.59 11.30
N TRP F 126 -28.23 -4.60 12.54
CA TRP F 126 -28.45 -3.48 13.45
C TRP F 126 -27.81 -2.21 12.92
N ARG F 127 -26.60 -2.33 12.36
CA ARG F 127 -25.89 -1.16 11.85
C ARG F 127 -26.57 -0.58 10.61
N PHE F 128 -27.24 -1.42 9.82
CA PHE F 128 -27.86 -0.93 8.59
C PHE F 128 -29.32 -0.51 8.76
N THR F 129 -30.02 -1.01 9.78
CA THR F 129 -31.42 -0.66 9.97
C THR F 129 -31.71 0.05 11.28
N ALA F 130 -30.71 0.32 12.12
CA ALA F 130 -30.93 1.05 13.36
C ALA F 130 -29.90 2.14 13.64
N ALA F 131 -28.71 2.09 13.05
CA ALA F 131 -27.69 3.07 13.38
C ALA F 131 -28.05 4.50 12.96
N PRO F 132 -28.55 4.77 11.75
CA PRO F 132 -28.74 6.18 11.36
C PRO F 132 -29.77 6.92 12.20
N HIS F 133 -30.92 6.29 12.47
CA HIS F 133 -31.96 6.96 13.27
C HIS F 133 -31.46 7.26 14.67
N LEU F 134 -30.81 6.28 15.31
CA LEU F 134 -30.29 6.49 16.65
C LEU F 134 -29.20 7.57 16.66
N SER F 135 -28.33 7.57 15.65
CA SER F 135 -27.29 8.58 15.57
C SER F 135 -27.87 9.98 15.42
N SER F 136 -28.88 10.13 14.55
CA SER F 136 -29.52 11.42 14.38
C SER F 136 -30.21 11.87 15.66
N ASP F 137 -30.90 10.95 16.34
CA ASP F 137 -31.58 11.29 17.59
C ASP F 137 -30.57 11.72 18.64
N LEU F 138 -29.45 11.00 18.76
CA LEU F 138 -28.43 11.35 19.73
C LEU F 138 -27.81 12.71 19.42
N LYS F 139 -27.53 12.98 18.14
CA LYS F 139 -26.97 14.28 17.77
C LYS F 139 -27.94 15.41 18.09
N PHE F 140 -29.22 15.21 17.77
CA PHE F 140 -30.22 16.23 18.08
C PHE F 140 -30.32 16.47 19.58
N VAL F 141 -30.34 15.40 20.38
CA VAL F 141 -30.47 15.55 21.82
C VAL F 141 -29.26 16.27 22.40
N MET F 142 -28.06 15.89 21.94
CA MET F 142 -26.85 16.54 22.46
C MET F 142 -26.80 18.01 22.09
N GLU F 143 -27.14 18.34 20.84
CA GLU F 143 -27.08 19.74 20.42
C GLU F 143 -28.14 20.56 21.15
N GLU F 144 -29.32 19.99 21.39
CA GLU F 144 -30.35 20.73 22.12
C GLU F 144 -29.95 20.91 23.58
N LEU F 145 -29.32 19.90 24.19
CA LEU F 145 -28.84 20.06 25.56
C LEU F 145 -27.77 21.14 25.64
N ASP F 146 -26.85 21.16 24.68
CA ASP F 146 -25.81 22.20 24.68
C ASP F 146 -26.43 23.59 24.51
N LYS F 147 -27.40 23.73 23.59
CA LYS F 147 -28.05 25.02 23.39
C LYS F 147 -28.80 25.46 24.63
N CYS F 148 -29.49 24.52 25.29
CA CYS F 148 -30.22 24.86 26.52
C CYS F 148 -29.26 25.29 27.62
N TYR F 149 -28.13 24.59 27.76
CA TYR F 149 -27.15 25.00 28.76
C TYR F 149 -26.61 26.39 28.44
N ASN F 150 -26.34 26.67 27.17
CA ASN F 150 -25.80 27.97 26.79
C ASN F 150 -26.79 29.09 27.11
N ARG F 151 -28.06 28.91 26.72
CA ARG F 151 -29.05 29.96 26.95
C ARG F 151 -29.33 30.13 28.44
N ASP F 152 -29.32 29.04 29.20
CA ASP F 152 -29.53 29.16 30.64
C ASP F 152 -28.37 29.89 31.31
N ILE F 153 -27.14 29.60 30.88
CA ILE F 153 -25.98 30.30 31.42
C ILE F 153 -26.05 31.79 31.08
N LYS F 154 -26.46 32.11 29.85
CA LYS F 154 -26.61 33.51 29.46
C LYS F 154 -27.68 34.20 30.30
N ASP F 155 -28.80 33.50 30.57
CA ASP F 155 -29.87 34.11 31.35
C ASP F 155 -29.47 34.34 32.80
N ILE F 156 -28.84 33.34 33.43
CA ILE F 156 -28.40 33.48 34.82
C ILE F 156 -27.18 34.39 34.95
N LYS F 157 -26.45 34.62 33.86
CA LYS F 157 -25.26 35.46 33.85
C LYS F 157 -24.19 34.92 34.80
N PRO F 195 -37.56 22.49 27.17
CA PRO F 195 -38.90 21.90 27.16
C PRO F 195 -39.09 20.88 26.03
N ILE F 196 -38.35 21.05 24.94
CA ILE F 196 -38.52 20.16 23.79
C ILE F 196 -37.96 18.77 24.09
N VAL F 197 -36.79 18.70 24.74
CA VAL F 197 -36.14 17.42 24.96
C VAL F 197 -36.92 16.58 25.97
N GLU F 198 -37.46 17.21 27.02
CA GLU F 198 -38.24 16.48 28.01
C GLU F 198 -39.49 15.87 27.38
N GLN F 199 -40.20 16.68 26.58
CA GLN F 199 -41.40 16.17 25.92
C GLN F 199 -41.06 15.08 24.91
N TYR F 200 -39.96 15.24 24.17
CA TYR F 200 -39.55 14.23 23.21
C TYR F 200 -39.21 12.91 23.89
N LEU F 201 -38.52 12.98 25.03
CA LEU F 201 -38.24 11.77 25.80
C LEU F 201 -39.53 11.17 26.35
N LYS F 202 -40.50 12.02 26.70
CA LYS F 202 -41.79 11.49 27.17
C LYS F 202 -42.50 10.72 26.06
N THR F 203 -42.47 11.23 24.82
CA THR F 203 -43.04 10.47 23.71
C THR F 203 -42.26 9.19 23.45
N LYS F 204 -40.92 9.24 23.53
CA LYS F 204 -40.12 8.05 23.35
C LYS F 204 -40.36 7.01 24.43
N ASN F 205 -40.82 7.45 25.61
CA ASN F 205 -41.17 6.53 26.68
C ASN F 205 -42.26 5.55 26.24
N ASN F 206 -43.18 5.98 25.38
CA ASN F 206 -44.26 5.14 24.89
C ASN F 206 -43.90 4.43 23.59
N SER F 207 -42.63 4.12 23.39
CA SER F 207 -42.17 3.43 22.19
C SER F 207 -41.43 2.16 22.59
N TYR F 208 -41.38 1.20 21.65
CA TYR F 208 -40.72 -0.06 21.90
C TYR F 208 -39.93 -0.60 20.70
N GLY F 209 -39.84 0.14 19.59
CA GLY F 209 -39.18 -0.40 18.42
C GLY F 209 -37.70 -0.64 18.63
N LEU F 210 -37.01 0.34 19.20
CA LEU F 210 -35.56 0.23 19.38
C LEU F 210 -35.21 -0.89 20.35
N ILE F 211 -35.92 -0.96 21.48
CA ILE F 211 -35.63 -2.01 22.45
C ILE F 211 -35.99 -3.38 21.89
N ILE F 212 -37.04 -3.46 21.07
CA ILE F 212 -37.40 -4.72 20.44
C ILE F 212 -36.30 -5.18 19.49
N LYS F 213 -35.79 -4.26 18.67
CA LYS F 213 -34.72 -4.62 17.74
C LYS F 213 -33.46 -5.04 18.50
N TYR F 214 -33.13 -4.32 19.58
CA TYR F 214 -32.00 -4.70 20.42
C TYR F 214 -32.19 -6.11 20.98
N LEU F 215 -33.40 -6.41 21.44
CA LEU F 215 -33.67 -7.73 22.02
C LEU F 215 -33.55 -8.83 20.98
N ILE F 216 -34.07 -8.61 19.76
CA ILE F 216 -33.97 -9.65 18.74
C ILE F 216 -32.51 -9.83 18.32
N CYS F 217 -31.73 -8.75 18.29
CA CYS F 217 -30.31 -8.89 17.97
C CYS F 217 -29.59 -9.73 19.03
N ARG F 218 -29.84 -9.41 20.31
CA ARG F 218 -29.22 -10.18 21.39
C ARG F 218 -29.67 -11.64 21.36
N VAL F 219 -30.96 -11.88 21.08
CA VAL F 219 -31.47 -13.25 21.05
C VAL F 219 -30.86 -14.03 19.90
N VAL F 220 -30.72 -13.39 18.73
CA VAL F 220 -30.10 -14.07 17.59
C VAL F 220 -28.65 -14.42 17.91
N THR F 221 -27.91 -13.48 18.50
CA THR F 221 -26.52 -13.75 18.85
C THR F 221 -26.43 -14.89 19.86
N LEU F 222 -27.29 -14.87 20.88
CA LEU F 222 -27.26 -15.93 21.90
C LEU F 222 -27.61 -17.28 21.30
N ILE F 223 -28.62 -17.32 20.42
CA ILE F 223 -29.02 -18.59 19.81
C ILE F 223 -27.91 -19.15 18.94
N ILE F 224 -27.26 -18.29 18.15
CA ILE F 224 -26.18 -18.75 17.29
C ILE F 224 -25.01 -19.26 18.14
N VAL F 225 -24.68 -18.55 19.22
CA VAL F 225 -23.58 -18.99 20.09
C VAL F 225 -23.92 -20.33 20.74
N PHE F 226 -25.17 -20.50 21.17
CA PHE F 226 -25.58 -21.77 21.77
C PHE F 226 -25.51 -22.91 20.76
N THR F 227 -25.96 -22.66 19.53
CA THR F 227 -25.87 -23.69 18.49
C THR F 227 -24.43 -24.05 18.19
N ALA F 228 -23.54 -23.05 18.15
CA ALA F 228 -22.13 -23.31 17.94
C ALA F 228 -21.56 -24.14 19.09
N CYS F 229 -21.95 -23.83 20.32
CA CYS F 229 -21.50 -24.62 21.47
C CYS F 229 -21.95 -26.08 21.36
N ILE F 230 -23.21 -26.29 20.99
CA ILE F 230 -23.72 -27.65 20.84
C ILE F 230 -22.96 -28.40 19.75
N TYR F 231 -22.73 -27.73 18.61
CA TYR F 231 -22.01 -28.37 17.52
C TYR F 231 -20.58 -28.72 17.93
N LEU F 232 -19.92 -27.80 18.64
CA LEU F 232 -18.54 -28.06 19.06
C LEU F 232 -18.48 -29.22 20.06
N GLY F 233 -19.42 -29.26 21.01
CA GLY F 233 -19.46 -30.39 21.92
C GLY F 233 -19.70 -31.70 21.20
N TYR F 234 -20.61 -31.70 20.22
CA TYR F 234 -20.86 -32.91 19.44
C TYR F 234 -19.61 -33.34 18.67
N TYR F 235 -18.91 -32.39 18.06
CA TYR F 235 -17.71 -32.71 17.31
C TYR F 235 -16.61 -33.26 18.22
N ILE F 236 -16.46 -32.68 19.42
CA ILE F 236 -15.48 -33.19 20.37
C ILE F 236 -15.84 -34.61 20.79
N SER F 237 -17.12 -34.86 21.04
CA SER F 237 -17.55 -36.20 21.45
C SER F 237 -17.33 -37.22 20.35
N LEU F 238 -17.60 -36.87 19.10
CA LEU F 238 -17.56 -37.83 18.01
C LEU F 238 -16.17 -38.03 17.42
N PHE F 239 -15.18 -37.23 17.80
CA PHE F 239 -13.84 -37.37 17.25
C PHE F 239 -12.80 -37.69 18.33
N SER F 240 -13.23 -38.22 19.47
CA SER F 240 -12.31 -38.71 20.48
C SER F 240 -12.07 -40.22 20.36
N LEU F 241 -12.70 -40.87 19.39
CA LEU F 241 -12.57 -42.32 19.23
C LEU F 241 -11.32 -42.69 18.44
N THR F 242 -11.23 -42.27 17.19
CA THR F 242 -10.04 -42.50 16.36
C THR F 242 -10.16 -41.61 15.13
N ASP F 243 -9.09 -41.60 14.33
CA ASP F 243 -9.01 -40.79 13.12
C ASP F 243 -8.42 -41.60 11.98
N GLU F 244 -8.82 -42.86 11.85
CA GLU F 244 -8.36 -43.74 10.78
C GLU F 244 -9.58 -44.33 10.09
N PHE F 245 -9.59 -44.28 8.76
CA PHE F 245 -10.71 -44.80 7.98
C PHE F 245 -10.20 -45.53 6.75
N THR F 246 -10.96 -46.52 6.32
CA THR F 246 -10.62 -47.30 5.14
C THR F 246 -11.45 -46.84 3.95
N CYS F 247 -10.75 -46.45 2.89
CA CYS F 247 -11.35 -46.09 1.61
C CYS F 247 -11.26 -47.28 0.66
N ASN F 248 -12.30 -47.48 -0.14
CA ASN F 248 -12.35 -48.58 -1.09
C ASN F 248 -12.18 -48.02 -2.50
N ILE F 249 -11.10 -48.42 -3.17
CA ILE F 249 -10.76 -47.87 -4.47
C ILE F 249 -11.08 -48.82 -5.62
N ARG F 250 -11.75 -49.94 -5.34
CA ARG F 250 -12.15 -50.88 -6.37
C ARG F 250 -13.55 -50.54 -6.90
N THR F 251 -13.65 -49.35 -7.49
CA THR F 251 -14.89 -48.86 -8.07
C THR F 251 -14.67 -48.53 -9.54
N GLY F 252 -15.65 -48.87 -10.37
CA GLY F 252 -15.59 -48.56 -11.78
C GLY F 252 -15.05 -49.68 -12.64
N ILE F 253 -14.24 -49.33 -13.64
CA ILE F 253 -13.70 -50.33 -14.55
C ILE F 253 -12.62 -51.17 -13.89
N LEU F 254 -12.05 -50.71 -12.78
CA LEU F 254 -11.05 -51.46 -12.03
C LEU F 254 -11.65 -52.17 -10.81
N ARG F 255 -12.98 -52.25 -10.74
CA ARG F 255 -13.63 -52.94 -9.63
C ARG F 255 -13.31 -54.42 -9.63
N ASN F 256 -13.29 -55.04 -10.81
CA ASN F 256 -13.03 -56.48 -10.93
C ASN F 256 -11.55 -56.81 -10.98
N ASP F 257 -10.67 -55.81 -11.00
CA ASP F 257 -9.24 -56.08 -11.06
C ASP F 257 -8.79 -56.61 -9.69
N THR F 258 -7.91 -57.61 -9.73
CA THR F 258 -7.44 -58.27 -8.51
C THR F 258 -6.14 -57.71 -7.98
N ALA F 259 -5.41 -56.93 -8.78
CA ALA F 259 -4.13 -56.39 -8.31
C ALA F 259 -4.32 -55.34 -7.22
N LEU F 260 -5.38 -54.54 -7.30
CA LEU F 260 -5.60 -53.50 -6.31
C LEU F 260 -6.02 -54.11 -4.97
N PRO F 261 -5.63 -53.50 -3.86
CA PRO F 261 -6.05 -54.02 -2.56
C PRO F 261 -7.54 -53.82 -2.36
N PRO F 262 -8.20 -54.72 -1.63
CA PRO F 262 -9.64 -54.53 -1.36
C PRO F 262 -9.94 -53.27 -0.56
N LEU F 263 -9.07 -52.89 0.37
CA LEU F 263 -9.25 -51.69 1.17
C LEU F 263 -7.92 -50.97 1.33
N VAL F 264 -7.99 -49.65 1.48
CA VAL F 264 -6.80 -48.82 1.70
C VAL F 264 -7.02 -48.00 2.96
N GLN F 265 -6.10 -48.16 3.92
CA GLN F 265 -6.18 -47.42 5.17
C GLN F 265 -5.66 -46.00 5.00
N CYS F 266 -6.35 -45.03 5.61
CA CYS F 266 -5.96 -43.64 5.53
C CYS F 266 -6.13 -43.01 6.90
N LYS F 267 -5.30 -42.01 7.16
CA LYS F 267 -5.23 -41.32 8.44
C LYS F 267 -5.53 -39.84 8.24
N LEU F 268 -6.41 -39.31 9.09
CA LEU F 268 -6.66 -37.87 9.16
C LEU F 268 -5.54 -37.23 9.99
N ILE F 269 -4.96 -36.14 9.48
CA ILE F 269 -3.77 -35.59 10.11
C ILE F 269 -4.12 -34.54 11.14
N ALA F 270 -5.06 -33.65 10.83
CA ALA F 270 -5.34 -32.50 11.67
C ALA F 270 -6.51 -32.73 12.64
N VAL F 271 -6.79 -33.98 13.01
CA VAL F 271 -7.91 -34.24 13.92
C VAL F 271 -7.61 -33.70 15.31
N GLY F 272 -6.39 -33.92 15.80
CA GLY F 272 -6.04 -33.45 17.13
C GLY F 272 -6.04 -31.94 17.25
N VAL F 273 -5.48 -31.26 16.25
CA VAL F 273 -5.47 -29.79 16.24
C VAL F 273 -6.89 -29.27 16.18
N PHE F 274 -7.73 -29.89 15.34
CA PHE F 274 -9.13 -29.48 15.24
C PHE F 274 -9.85 -29.66 16.58
N ARG F 275 -9.59 -30.77 17.26
CA ARG F 275 -10.23 -31.03 18.55
C ARG F 275 -9.80 -30.01 19.59
N LEU F 276 -8.50 -29.71 19.64
CA LEU F 276 -8.01 -28.73 20.61
C LEU F 276 -8.59 -27.35 20.34
N LEU F 277 -8.64 -26.94 19.07
CA LEU F 277 -9.17 -25.63 18.73
C LEU F 277 -10.67 -25.57 19.00
N SER F 278 -11.39 -26.65 18.74
CA SER F 278 -12.82 -26.69 19.05
C SER F 278 -13.05 -26.59 20.55
N TYR F 279 -12.21 -27.25 21.34
CA TYR F 279 -12.31 -27.14 22.78
C TYR F 279 -12.08 -25.71 23.25
N ILE F 280 -11.08 -25.04 22.67
CA ILE F 280 -10.80 -23.65 23.02
C ILE F 280 -11.98 -22.76 22.65
N ASN F 281 -12.55 -22.98 21.47
CA ASN F 281 -13.68 -22.18 21.01
C ASN F 281 -14.88 -22.38 21.92
N LEU F 282 -15.14 -23.63 22.33
CA LEU F 282 -16.24 -23.93 23.23
C LEU F 282 -16.03 -23.27 24.58
N ILE F 283 -14.79 -23.30 25.08
CA ILE F 283 -14.50 -22.66 26.37
C ILE F 283 -14.76 -21.17 26.29
N ILE F 284 -14.29 -20.52 25.20
CA ILE F 284 -14.47 -19.08 25.07
C ILE F 284 -15.94 -18.73 24.94
N TYR F 285 -16.70 -19.51 24.16
CA TYR F 285 -18.12 -19.23 24.00
C TYR F 285 -18.87 -19.42 25.31
N VAL F 286 -18.52 -20.46 26.08
CA VAL F 286 -19.13 -20.65 27.40
C VAL F 286 -18.81 -19.48 28.30
N LEU F 287 -17.57 -18.99 28.26
CA LEU F 287 -17.18 -17.84 29.06
C LEU F 287 -17.95 -16.58 28.68
N ILE F 288 -18.20 -16.35 27.39
CA ILE F 288 -18.91 -15.15 26.94
C ILE F 288 -20.41 -15.34 26.96
N MET F 289 -20.90 -16.54 27.30
CA MET F 289 -22.34 -16.75 27.40
C MET F 289 -23.03 -15.82 28.38
N PRO F 290 -22.57 -15.65 29.63
CA PRO F 290 -23.30 -14.76 30.54
C PRO F 290 -23.23 -13.30 30.15
N PHE F 291 -22.26 -12.91 29.31
CA PHE F 291 -22.13 -11.51 28.94
C PHE F 291 -23.31 -11.06 28.07
N ILE F 292 -23.80 -11.94 27.20
CA ILE F 292 -24.97 -11.60 26.40
C ILE F 292 -26.20 -11.45 27.29
N ILE F 293 -26.33 -12.34 28.29
CA ILE F 293 -27.46 -12.25 29.23
C ILE F 293 -27.41 -10.93 29.98
N TYR F 294 -26.22 -10.55 30.45
CA TYR F 294 -26.06 -9.23 31.08
C TYR F 294 -26.31 -8.10 30.10
N ALA F 295 -26.03 -8.31 28.81
CA ALA F 295 -26.21 -7.26 27.82
C ALA F 295 -27.68 -6.95 27.58
N MET F 296 -28.51 -7.99 27.37
CA MET F 296 -29.92 -7.75 27.13
C MET F 296 -30.72 -7.57 28.41
N LEU F 297 -30.07 -7.67 29.57
CA LEU F 297 -30.71 -7.39 30.86
C LEU F 297 -30.72 -5.88 31.05
N VAL F 298 -31.70 -5.24 30.43
CA VAL F 298 -31.84 -3.78 30.45
C VAL F 298 -32.52 -3.30 31.74
N PRO F 299 -33.66 -3.87 32.16
CA PRO F 299 -34.34 -3.31 33.35
C PRO F 299 -33.50 -3.36 34.62
N PHE F 300 -32.68 -4.40 34.80
CA PHE F 300 -31.89 -4.56 36.00
C PHE F 300 -30.47 -4.00 35.87
N ARG F 301 -30.15 -3.35 34.75
CA ARG F 301 -28.82 -2.80 34.58
C ARG F 301 -28.60 -1.61 35.51
N LYS F 302 -27.35 -1.46 35.96
CA LYS F 302 -26.96 -0.34 36.82
C LYS F 302 -26.80 0.89 35.94
N THR F 303 -27.89 1.61 35.77
CA THR F 303 -27.94 2.78 34.89
C THR F 303 -28.17 4.04 35.73
N ALA F 304 -27.35 5.06 35.48
CA ALA F 304 -27.49 6.36 36.13
C ALA F 304 -28.01 7.35 35.10
N ASN F 305 -29.10 8.04 35.44
CA ASN F 305 -29.71 8.96 34.50
C ASN F 305 -28.84 10.20 34.30
N VAL F 306 -28.61 10.55 33.04
CA VAL F 306 -27.79 11.73 32.74
C VAL F 306 -28.54 13.01 33.12
N LEU F 307 -29.86 13.01 32.94
CA LEU F 307 -30.65 14.23 33.16
C LEU F 307 -30.66 14.68 34.61
N LYS F 308 -30.22 13.84 35.55
CA LYS F 308 -30.22 14.23 36.95
C LYS F 308 -29.33 15.44 37.19
N VAL F 309 -28.13 15.46 36.58
CA VAL F 309 -27.24 16.61 36.74
C VAL F 309 -27.82 17.83 36.03
N TYR F 310 -28.54 17.61 34.93
CA TYR F 310 -29.17 18.72 34.21
C TYR F 310 -30.37 19.29 34.95
N GLU F 311 -30.96 18.54 35.88
CA GLU F 311 -32.07 19.05 36.67
C GLU F 311 -31.65 20.23 37.54
N VAL F 312 -30.35 20.41 37.79
CA VAL F 312 -29.88 21.57 38.55
C VAL F 312 -30.23 22.85 37.80
N LEU F 313 -30.14 22.83 36.48
CA LEU F 313 -30.49 23.99 35.68
C LEU F 313 -31.96 24.33 35.86
N PRO F 314 -32.31 25.58 36.16
CA PRO F 314 -33.72 25.92 36.35
C PRO F 314 -34.58 25.71 35.11
N THR F 315 -34.00 25.87 33.91
CA THR F 315 -34.77 25.66 32.70
C THR F 315 -35.24 24.22 32.56
N PHE F 316 -34.38 23.27 32.90
CA PHE F 316 -34.75 21.87 32.85
C PHE F 316 -35.73 21.52 33.95
N SER F 317 -36.69 20.65 33.64
CA SER F 317 -37.69 20.24 34.62
C SER F 317 -38.00 18.75 34.49
N THR F 325 -36.60 0.19 32.09
CA THR F 325 -37.20 -1.10 32.41
C THR F 325 -38.03 -1.61 31.23
N TYR F 326 -37.38 -2.28 30.30
CA TYR F 326 -38.01 -2.80 29.08
C TYR F 326 -38.76 -1.68 28.35
N ASP F 327 -37.97 -0.71 27.89
CA ASP F 327 -38.54 0.49 27.28
C ASP F 327 -37.52 1.11 26.35
N ASP F 328 -38.02 1.88 25.38
CA ASP F 328 -37.14 2.64 24.50
C ASP F 328 -36.43 3.76 25.25
N HIS F 329 -37.09 4.37 26.23
CA HIS F 329 -36.49 5.46 26.99
C HIS F 329 -35.26 4.98 27.76
N SER F 330 -35.34 3.80 28.38
CA SER F 330 -34.21 3.27 29.12
C SER F 330 -33.02 2.98 28.21
N LEU F 331 -33.28 2.38 27.04
CA LEU F 331 -32.20 2.10 26.09
C LEU F 331 -31.59 3.39 25.57
N PHE F 332 -32.41 4.41 25.30
CA PHE F 332 -31.88 5.69 24.82
C PHE F 332 -31.05 6.37 25.90
N LEU F 333 -31.48 6.26 27.16
CA LEU F 333 -30.68 6.81 28.26
C LEU F 333 -29.36 6.08 28.39
N LEU F 334 -29.37 4.75 28.22
CA LEU F 334 -28.13 3.99 28.26
C LEU F 334 -27.18 4.42 27.15
N PHE F 335 -27.71 4.61 25.94
CA PHE F 335 -26.87 5.05 24.83
C PHE F 335 -26.35 6.47 25.05
N LEU F 336 -27.17 7.34 25.65
CA LEU F 336 -26.71 8.69 25.99
C LEU F 336 -25.56 8.63 26.99
N GLU F 337 -25.71 7.80 28.03
CA GLU F 337 -24.66 7.68 29.03
C GLU F 337 -23.38 7.12 28.43
N GLU F 338 -23.51 6.12 27.54
CA GLU F 338 -22.35 5.56 26.90
C GLU F 338 -21.69 6.54 25.94
N ASN F 339 -22.47 7.47 25.39
CA ASN F 339 -21.96 8.45 24.43
C ASN F 339 -21.91 9.86 25.02
N VAL F 340 -21.92 9.98 26.36
CA VAL F 340 -21.93 11.30 26.99
C VAL F 340 -20.55 11.91 27.13
N SER F 341 -19.50 11.16 26.82
CA SER F 341 -18.13 11.66 26.98
C SER F 341 -17.84 12.84 26.06
N GLU F 342 -18.54 12.95 24.94
CA GLU F 342 -18.29 14.05 24.02
C GLU F 342 -18.83 15.37 24.53
N LEU F 343 -19.93 15.35 25.29
CA LEU F 343 -20.50 16.58 25.81
C LEU F 343 -19.58 17.22 26.84
N LYS F 344 -19.44 18.54 26.75
CA LYS F 344 -18.60 19.28 27.67
C LYS F 344 -19.38 19.99 28.78
N SER F 345 -20.59 20.45 28.48
CA SER F 345 -21.45 21.01 29.53
C SER F 345 -21.82 19.94 30.55
N TYR F 346 -22.09 18.73 30.07
CA TYR F 346 -22.35 17.62 30.98
C TYR F 346 -21.17 17.39 31.91
N LYS F 347 -19.95 17.64 31.44
CA LYS F 347 -18.79 17.51 32.33
C LYS F 347 -18.86 18.51 33.48
N PHE F 348 -19.22 19.76 33.18
CA PHE F 348 -19.38 20.76 34.23
C PHE F 348 -20.48 20.36 35.21
N LEU F 349 -21.62 19.90 34.68
CA LEU F 349 -22.73 19.52 35.55
C LEU F 349 -22.37 18.33 36.42
N LYS F 350 -21.65 17.35 35.86
CA LYS F 350 -21.24 16.18 36.63
C LYS F 350 -20.20 16.54 37.68
N VAL F 351 -19.30 17.48 37.36
CA VAL F 351 -18.35 17.95 38.36
C VAL F 351 -19.07 18.64 39.50
N LEU F 352 -20.06 19.47 39.19
CA LEU F 352 -20.83 20.12 40.24
C LEU F 352 -21.59 19.09 41.08
N GLU F 353 -22.16 18.07 40.44
CA GLU F 353 -22.87 17.02 41.17
C GLU F 353 -21.93 16.26 42.09
N ASN F 354 -20.73 15.94 41.61
CA ASN F 354 -19.75 15.24 42.44
C ASN F 354 -19.31 16.11 43.62
N ILE F 355 -19.16 17.41 43.38
CA ILE F 355 -18.78 18.33 44.46
C ILE F 355 -19.87 18.36 45.53
N LYS F 356 -21.13 18.45 45.10
CA LYS F 356 -22.24 18.54 46.04
C LYS F 356 -22.57 17.20 46.69
N ASN F 357 -22.12 16.09 46.11
CA ASN F 357 -22.41 14.78 46.68
C ASN F 357 -21.72 14.59 48.03
N THR F 358 -20.53 15.19 48.20
CA THR F 358 -19.79 15.04 49.45
C THR F 358 -20.57 15.63 50.62
N GLY F 359 -21.18 16.80 50.41
CA GLY F 359 -21.95 17.43 51.46
C GLY F 359 -21.47 18.84 51.78
N GLU F 360 -20.74 19.45 50.86
CA GLU F 360 -20.26 20.81 51.07
C GLU F 360 -21.41 21.79 51.06
N ASN F 361 -21.38 22.74 52.00
CA ASN F 361 -22.46 23.72 52.16
C ASN F 361 -22.10 25.00 51.40
N PHE F 362 -22.15 24.91 50.08
CA PHE F 362 -21.88 26.04 49.20
C PHE F 362 -23.04 26.19 48.22
N ASP F 363 -23.46 27.43 48.00
CA ASP F 363 -24.55 27.70 47.08
C ASP F 363 -24.11 27.43 45.64
N THR F 364 -25.01 26.82 44.86
CA THR F 364 -24.71 26.48 43.48
C THR F 364 -24.89 27.66 42.53
N ILE F 365 -25.58 28.72 42.96
CA ILE F 365 -25.84 29.84 42.06
C ILE F 365 -24.54 30.53 41.66
N GLN F 366 -23.64 30.73 42.63
CA GLN F 366 -22.36 31.37 42.31
C GLN F 366 -21.54 30.51 41.36
N TYR F 367 -21.53 29.19 41.58
CA TYR F 367 -20.79 28.30 40.69
C TYR F 367 -21.37 28.31 39.29
N LEU F 368 -22.70 28.33 39.17
CA LEU F 368 -23.32 28.38 37.85
C LEU F 368 -23.02 29.70 37.15
N THR F 369 -23.04 30.82 37.89
CA THR F 369 -22.73 32.11 37.29
C THR F 369 -21.25 32.22 36.91
N SER F 370 -20.38 31.50 37.61
CA SER F 370 -18.95 31.54 37.29
C SER F 370 -18.68 30.98 35.91
N LEU F 371 -19.34 29.90 35.54
CA LEU F 371 -19.14 29.29 34.23
C LEU F 371 -19.78 30.15 33.13
N GLY F 372 -19.24 30.02 31.93
CA GLY F 372 -19.75 30.75 30.79
C GLY F 372 -20.17 29.84 29.64
N THR F 373 -20.20 30.39 28.44
CA THR F 373 -20.56 29.60 27.27
C THR F 373 -19.47 28.56 26.99
N VAL F 374 -19.90 27.34 26.67
CA VAL F 374 -18.96 26.25 26.41
C VAL F 374 -18.59 26.22 24.93
N LYS F 375 -19.60 26.20 24.05
CA LYS F 375 -19.37 26.20 22.61
C LYS F 375 -20.70 26.40 21.87
N ALA G 1 4.02 -16.71 10.38
CA ALA G 1 2.65 -16.95 9.97
C ALA G 1 1.70 -16.86 11.17
N ILE G 2 2.06 -17.54 12.26
CA ILE G 2 1.24 -17.49 13.47
C ILE G 2 1.19 -16.07 14.02
N ALA G 3 2.35 -15.41 14.10
CA ALA G 3 2.42 -14.06 14.62
C ALA G 3 1.71 -13.07 13.70
N HIS G 4 1.79 -13.28 12.38
CA HIS G 4 1.05 -12.42 11.45
C HIS G 4 -0.45 -12.55 11.67
N ILE G 5 -0.94 -13.79 11.87
CA ILE G 5 -2.35 -14.00 12.16
C ILE G 5 -2.74 -13.31 13.45
N ALA G 6 -1.88 -13.41 14.48
CA ALA G 6 -2.16 -12.74 15.74
C ALA G 6 -2.25 -11.23 15.56
N THR G 7 -1.31 -10.65 14.82
CA THR G 7 -1.31 -9.21 14.62
C THR G 7 -2.55 -8.76 13.86
N GLU G 8 -2.95 -9.52 12.83
CA GLU G 8 -4.02 -9.08 11.96
C GLU G 8 -5.41 -9.44 12.49
N TYR G 9 -5.51 -10.30 13.51
CA TYR G 9 -6.81 -10.70 14.02
C TYR G 9 -7.03 -10.37 15.48
N VAL G 10 -5.99 -10.04 16.24
CA VAL G 10 -6.11 -9.72 17.66
C VAL G 10 -5.66 -8.29 17.96
N PHE G 11 -4.40 -7.97 17.66
CA PHE G 11 -3.85 -6.68 18.03
C PHE G 11 -4.34 -5.56 17.11
N SER G 12 -4.57 -5.85 15.83
CA SER G 12 -5.17 -4.87 14.94
C SER G 12 -6.68 -4.85 15.13
N ASP G 13 -7.26 -3.66 15.02
CA ASP G 13 -8.69 -3.51 15.21
C ASP G 13 -9.44 -4.22 14.08
N PHE G 14 -10.39 -5.07 14.44
CA PHE G 14 -11.15 -5.86 13.48
C PHE G 14 -12.61 -5.41 13.39
N LEU G 15 -13.32 -5.39 14.51
CA LEU G 15 -14.69 -4.88 14.55
C LEU G 15 -14.88 -3.86 15.67
N LEU G 16 -13.81 -3.36 16.27
CA LEU G 16 -13.89 -2.47 17.42
C LEU G 16 -13.87 -1.00 17.00
N LYS G 17 -12.80 -0.57 16.33
CA LYS G 17 -12.59 0.84 16.05
C LYS G 17 -12.43 1.12 14.55
N ASP G 18 -13.14 0.37 13.70
CA ASP G 18 -13.14 0.65 12.28
C ASP G 18 -14.43 1.39 11.93
N PRO G 19 -14.38 2.67 11.58
CA PRO G 19 -15.60 3.42 11.32
C PRO G 19 -16.10 3.19 9.90
N PRO G 20 -17.29 2.61 9.75
CA PRO G 20 -17.83 2.36 8.41
C PRO G 20 -18.21 3.63 7.67
N GLU G 21 -18.99 4.49 8.32
CA GLU G 21 -19.53 5.71 7.71
C GLU G 21 -19.34 6.90 8.65
N SER G 22 -18.13 7.06 9.18
CA SER G 22 -17.83 8.22 10.00
C SER G 22 -17.92 9.49 9.17
N LYS G 23 -18.91 10.34 9.47
CA LYS G 23 -19.18 11.56 8.71
C LYS G 23 -19.40 11.24 7.24
N TYR G 24 -20.46 10.45 6.99
CA TYR G 24 -20.77 10.03 5.64
C TYR G 24 -21.10 11.21 4.75
N LYS G 25 -20.51 11.25 3.56
CA LYS G 25 -20.68 12.35 2.62
C LYS G 25 -21.54 11.89 1.45
N GLY G 26 -21.83 12.82 0.55
CA GLY G 26 -22.64 12.52 -0.61
C GLY G 26 -24.10 12.26 -0.23
N LEU G 27 -24.78 11.56 -1.13
CA LEU G 27 -26.19 11.21 -0.95
C LEU G 27 -26.37 9.71 -1.12
N ARG G 28 -27.42 9.18 -0.48
CA ARG G 28 -27.73 7.76 -0.55
C ARG G 28 -28.69 7.56 -1.73
N LEU G 29 -28.13 7.16 -2.87
CA LEU G 29 -28.90 6.98 -4.09
C LEU G 29 -29.51 5.58 -4.20
N GLU G 30 -29.28 4.70 -3.24
CA GLU G 30 -29.82 3.36 -3.24
C GLU G 30 -30.49 3.08 -1.90
N LEU G 31 -31.60 2.34 -1.94
CA LEU G 31 -32.30 1.98 -0.72
C LEU G 31 -31.48 0.93 0.05
N ALA G 32 -31.71 0.90 1.37
CA ALA G 32 -30.96 -0.01 2.22
C ALA G 32 -31.26 -1.46 1.89
N VAL G 33 -32.54 -1.80 1.72
CA VAL G 33 -32.90 -3.18 1.40
C VAL G 33 -32.37 -3.57 0.03
N ASP G 34 -32.49 -2.68 -0.96
CA ASP G 34 -31.97 -2.97 -2.29
C ASP G 34 -30.45 -3.13 -2.27
N LYS G 35 -29.76 -2.25 -1.53
CA LYS G 35 -28.31 -2.35 -1.43
C LYS G 35 -27.88 -3.65 -0.78
N LEU G 36 -28.57 -4.05 0.30
CA LEU G 36 -28.23 -5.31 0.96
C LEU G 36 -28.49 -6.50 0.05
N VAL G 37 -29.62 -6.50 -0.66
CA VAL G 37 -29.95 -7.62 -1.54
C VAL G 37 -28.93 -7.72 -2.68
N SER G 38 -28.58 -6.59 -3.29
CA SER G 38 -27.61 -6.60 -4.37
C SER G 38 -26.25 -7.05 -3.87
N CYS G 39 -25.82 -6.57 -2.71
CA CYS G 39 -24.54 -6.97 -2.15
C CYS G 39 -24.50 -8.46 -1.88
N ILE G 40 -25.56 -9.02 -1.31
CA ILE G 40 -25.61 -10.45 -1.04
C ILE G 40 -25.55 -11.23 -2.35
N ALA G 41 -26.41 -10.87 -3.31
CA ALA G 41 -26.49 -11.61 -4.55
C ALA G 41 -25.21 -11.52 -5.36
N VAL G 42 -24.43 -10.45 -5.19
CA VAL G 42 -23.19 -10.32 -5.94
C VAL G 42 -22.05 -11.04 -5.22
N GLY G 43 -21.90 -10.80 -3.92
CA GLY G 43 -20.78 -11.35 -3.18
C GLY G 43 -20.94 -12.77 -2.68
N LEU G 44 -22.10 -13.39 -2.85
CA LEU G 44 -22.22 -14.78 -2.43
C LEU G 44 -21.52 -15.73 -3.42
N PRO G 45 -21.78 -15.67 -4.72
CA PRO G 45 -21.05 -16.56 -5.63
C PRO G 45 -19.54 -16.34 -5.64
N LEU G 46 -19.08 -15.10 -5.46
CA LEU G 46 -17.64 -14.85 -5.40
C LEU G 46 -17.03 -15.52 -4.17
N LEU G 47 -17.68 -15.36 -3.02
CA LEU G 47 -17.20 -16.03 -1.81
C LEU G 47 -17.22 -17.54 -1.98
N LEU G 48 -18.24 -18.07 -2.65
CA LEU G 48 -18.35 -19.51 -2.82
C LEU G 48 -17.26 -20.05 -3.75
N ILE G 49 -16.96 -19.35 -4.85
CA ILE G 49 -15.90 -19.81 -5.74
C ILE G 49 -14.54 -19.64 -5.08
N SER G 50 -14.38 -18.62 -4.23
CA SER G 50 -13.13 -18.50 -3.47
C SER G 50 -12.97 -19.65 -2.49
N LEU G 51 -14.06 -20.07 -1.85
CA LEU G 51 -14.00 -21.17 -0.90
C LEU G 51 -13.80 -22.51 -1.59
N ALA G 52 -14.34 -22.67 -2.81
CA ALA G 52 -14.30 -23.96 -3.49
C ALA G 52 -12.87 -24.40 -3.80
N PHE G 53 -11.97 -23.45 -4.04
CA PHE G 53 -10.60 -23.76 -4.44
C PHE G 53 -9.58 -23.34 -3.39
N ALA G 54 -10.02 -23.16 -2.14
CA ALA G 54 -9.08 -22.84 -1.06
C ALA G 54 -8.15 -24.02 -0.80
N GLN G 55 -6.90 -23.71 -0.45
CA GLN G 55 -5.92 -24.76 -0.20
C GLN G 55 -6.26 -25.59 1.01
N GLU G 56 -7.18 -25.14 1.86
CA GLU G 56 -7.58 -25.89 3.04
C GLU G 56 -8.48 -27.08 2.71
N ILE G 57 -9.05 -27.11 1.52
CA ILE G 57 -9.98 -28.18 1.14
C ILE G 57 -9.58 -28.90 -0.14
N THR G 58 -8.67 -28.34 -0.94
CA THR G 58 -8.20 -28.99 -2.16
C THR G 58 -6.92 -29.77 -1.86
N LEU G 59 -6.93 -31.05 -2.20
CA LEU G 59 -5.78 -31.92 -1.94
C LEU G 59 -4.80 -31.93 -3.10
N GLY G 60 -5.26 -32.37 -4.27
CA GLY G 60 -4.38 -32.46 -5.43
C GLY G 60 -4.88 -31.72 -6.64
N SER G 61 -5.07 -32.45 -7.74
CA SER G 61 -5.48 -31.86 -9.00
C SER G 61 -7.00 -31.82 -9.10
N GLN G 62 -7.50 -31.22 -10.17
CA GLN G 62 -8.94 -31.20 -10.41
C GLN G 62 -9.48 -32.59 -10.66
N ILE G 63 -8.74 -33.41 -11.42
CA ILE G 63 -9.12 -34.78 -11.70
C ILE G 63 -7.95 -35.69 -11.36
N SER G 64 -8.27 -36.95 -11.08
CA SER G 64 -7.25 -37.95 -10.79
C SER G 64 -7.51 -39.20 -11.62
N CYS G 65 -6.53 -39.60 -12.43
CA CYS G 65 -6.67 -40.76 -13.30
C CYS G 65 -5.72 -41.86 -12.87
N PHE G 66 -6.17 -43.10 -13.03
CA PHE G 66 -5.41 -44.29 -12.64
C PHE G 66 -4.69 -44.82 -13.88
N ALA G 67 -3.49 -44.31 -14.12
CA ALA G 67 -2.70 -44.78 -15.24
C ALA G 67 -2.09 -46.15 -14.92
N PRO G 68 -1.78 -46.94 -15.94
CA PRO G 68 -1.14 -48.24 -15.70
C PRO G 68 0.25 -48.07 -15.09
N THR G 69 0.68 -49.12 -14.37
CA THR G 69 1.97 -49.08 -13.69
C THR G 69 3.13 -48.94 -14.67
N SER G 70 2.99 -49.49 -15.87
CA SER G 70 4.07 -49.40 -16.86
C SER G 70 4.30 -47.97 -17.34
N PHE G 71 3.32 -47.10 -17.20
CA PHE G 71 3.48 -45.71 -17.63
C PHE G 71 4.46 -44.99 -16.73
N SER G 72 5.26 -44.10 -17.32
CA SER G 72 6.17 -43.27 -16.57
C SER G 72 5.43 -42.05 -16.04
N TRP G 73 6.18 -41.14 -15.39
CA TRP G 73 5.57 -39.92 -14.86
C TRP G 73 5.00 -39.06 -15.98
N ARG G 74 5.75 -38.88 -17.06
CA ARG G 74 5.31 -37.99 -18.12
C ARG G 74 4.12 -38.58 -18.88
N GLN G 75 4.12 -39.90 -19.08
CA GLN G 75 2.97 -40.53 -19.74
C GLN G 75 1.71 -40.40 -18.88
N ALA G 76 1.84 -40.58 -17.57
CA ALA G 76 0.69 -40.43 -16.68
C ALA G 76 0.20 -38.98 -16.64
N ALA G 77 1.14 -38.03 -16.66
CA ALA G 77 0.74 -36.62 -16.72
C ALA G 77 0.04 -36.30 -18.03
N TYR G 78 0.52 -36.87 -19.13
CA TYR G 78 -0.17 -36.72 -20.41
C TYR G 78 -1.57 -37.31 -20.34
N VAL G 79 -1.72 -38.46 -19.69
CA VAL G 79 -3.03 -39.08 -19.55
C VAL G 79 -3.96 -38.15 -18.78
N ASP G 80 -3.47 -37.60 -17.66
CA ASP G 80 -4.28 -36.70 -16.86
C ASP G 80 -4.72 -35.48 -17.68
N SER G 81 -3.78 -34.85 -18.38
CA SER G 81 -4.09 -33.67 -19.16
C SER G 81 -5.04 -34.00 -20.31
N PHE G 82 -4.85 -35.16 -20.94
CA PHE G 82 -5.73 -35.56 -22.04
C PHE G 82 -7.16 -35.78 -21.55
N CYS G 83 -7.33 -36.46 -20.42
CA CYS G 83 -8.67 -36.72 -19.92
C CYS G 83 -9.32 -35.42 -19.46
N TRP G 84 -8.53 -34.52 -18.85
CA TRP G 84 -9.02 -33.18 -18.50
C TRP G 84 -9.39 -32.35 -19.73
N ALA G 85 -8.70 -32.54 -20.85
CA ALA G 85 -9.06 -31.80 -22.06
C ALA G 85 -10.31 -32.39 -22.71
N ALA G 86 -10.47 -33.71 -22.64
CA ALA G 86 -11.66 -34.37 -23.19
C ALA G 86 -12.87 -34.28 -22.26
N VAL G 87 -12.68 -33.84 -21.01
CA VAL G 87 -13.82 -33.68 -20.10
C VAL G 87 -14.77 -32.62 -20.62
N GLN G 88 -14.29 -31.75 -21.52
CA GLN G 88 -15.15 -30.72 -22.10
C GLN G 88 -15.95 -31.27 -23.27
N GLN G 89 -15.25 -31.74 -24.31
CA GLN G 89 -15.94 -32.19 -25.52
C GLN G 89 -16.63 -33.53 -25.32
N LYS G 90 -16.18 -34.32 -24.34
CA LYS G 90 -16.76 -35.61 -24.03
C LYS G 90 -16.82 -36.54 -25.25
N VAL G 100 -22.96 -33.91 -20.55
CA VAL G 100 -23.23 -32.60 -19.95
C VAL G 100 -22.65 -32.39 -18.53
N PRO G 101 -22.67 -33.40 -17.64
CA PRO G 101 -22.13 -33.15 -16.29
C PRO G 101 -20.64 -32.79 -16.29
N LEU G 102 -19.87 -33.33 -17.22
CA LEU G 102 -18.42 -33.18 -17.16
C LEU G 102 -17.99 -31.75 -17.41
N TRP G 103 -18.48 -31.14 -18.49
CA TRP G 103 -18.14 -29.74 -18.77
C TRP G 103 -18.74 -28.81 -17.73
N LEU G 104 -19.89 -29.17 -17.16
CA LEU G 104 -20.48 -28.38 -16.09
C LEU G 104 -19.57 -28.37 -14.86
N HIS G 105 -19.02 -29.53 -14.51
CA HIS G 105 -18.07 -29.58 -13.40
C HIS G 105 -16.81 -28.79 -13.73
N LYS G 106 -16.35 -28.86 -14.97
CA LYS G 106 -15.15 -28.11 -15.35
C LYS G 106 -15.38 -26.60 -15.24
N PHE G 107 -16.55 -26.12 -15.65
CA PHE G 107 -16.80 -24.69 -15.76
C PHE G 107 -17.72 -24.14 -14.68
N PHE G 108 -17.96 -24.89 -13.60
CA PHE G 108 -18.74 -24.38 -12.47
C PHE G 108 -18.27 -23.01 -11.97
N PRO G 109 -16.97 -22.78 -11.70
CA PRO G 109 -16.57 -21.41 -11.30
C PRO G 109 -16.86 -20.38 -12.37
N TYR G 110 -16.72 -20.75 -13.65
CA TYR G 110 -17.03 -19.80 -14.72
C TYR G 110 -18.51 -19.45 -14.72
N ILE G 111 -19.38 -20.44 -14.52
CA ILE G 111 -20.81 -20.17 -14.51
C ILE G 111 -21.19 -19.31 -13.32
N LEU G 112 -20.60 -19.57 -12.15
CA LEU G 112 -20.89 -18.75 -10.98
C LEU G 112 -20.39 -17.32 -11.18
N LEU G 113 -19.22 -17.16 -11.81
CA LEU G 113 -18.73 -15.82 -12.12
C LEU G 113 -19.65 -15.10 -13.09
N LEU G 114 -20.15 -15.82 -14.10
CA LEU G 114 -21.09 -15.22 -15.03
C LEU G 114 -22.36 -14.78 -14.32
N VAL G 115 -22.86 -15.60 -13.39
CA VAL G 115 -24.04 -15.23 -12.61
C VAL G 115 -23.77 -13.97 -11.79
N ALA G 116 -22.60 -13.91 -11.15
CA ALA G 116 -22.26 -12.73 -10.35
C ALA G 116 -22.18 -11.48 -11.21
N VAL G 117 -21.55 -11.58 -12.38
CA VAL G 117 -21.43 -10.41 -13.26
C VAL G 117 -22.80 -9.97 -13.76
N LEU G 118 -23.65 -10.92 -14.14
CA LEU G 118 -25.00 -10.59 -14.60
C LEU G 118 -25.80 -9.93 -13.49
N LEU G 119 -25.63 -10.38 -12.25
CA LEU G 119 -26.34 -9.75 -11.13
C LEU G 119 -25.79 -8.37 -10.83
N TYR G 120 -24.50 -8.14 -11.03
CA TYR G 120 -23.91 -6.83 -10.81
C TYR G 120 -24.27 -5.83 -11.91
N LEU G 121 -24.58 -6.33 -13.11
CA LEU G 121 -24.85 -5.42 -14.24
C LEU G 121 -26.00 -4.45 -13.99
N PRO G 122 -27.20 -4.88 -13.55
CA PRO G 122 -28.31 -3.90 -13.46
C PRO G 122 -28.06 -2.79 -12.47
N ASN G 123 -27.39 -3.06 -11.35
CA ASN G 123 -27.09 -1.99 -10.41
C ASN G 123 -26.11 -0.98 -11.01
N LEU G 124 -25.14 -1.44 -11.79
CA LEU G 124 -24.25 -0.52 -12.49
C LEU G 124 -25.02 0.31 -13.52
N PHE G 125 -25.97 -0.31 -14.22
CA PHE G 125 -26.79 0.43 -15.17
C PHE G 125 -27.61 1.51 -14.48
N TRP G 126 -28.22 1.17 -13.33
CA TRP G 126 -28.98 2.16 -12.57
C TRP G 126 -28.08 3.28 -12.07
N ARG G 127 -26.87 2.94 -11.61
CA ARG G 127 -25.96 3.94 -11.09
C ARG G 127 -25.43 4.85 -12.19
N PHE G 128 -25.32 4.36 -13.42
CA PHE G 128 -24.78 5.16 -14.50
C PHE G 128 -25.83 5.92 -15.29
N THR G 129 -27.09 5.49 -15.29
CA THR G 129 -28.13 6.15 -16.06
C THR G 129 -29.27 6.71 -15.21
N ALA G 130 -29.22 6.58 -13.88
CA ALA G 130 -30.26 7.14 -13.02
C ALA G 130 -29.73 7.86 -11.79
N ALA G 131 -28.50 7.58 -11.34
CA ALA G 131 -28.02 8.21 -10.11
C ALA G 131 -27.87 9.72 -10.21
N PRO G 132 -27.26 10.30 -11.26
CA PRO G 132 -27.00 11.76 -11.22
C PRO G 132 -28.27 12.59 -11.19
N HIS G 133 -29.26 12.27 -12.03
CA HIS G 133 -30.50 13.05 -12.04
C HIS G 133 -31.21 12.99 -10.70
N LEU G 134 -31.33 11.79 -10.13
CA LEU G 134 -31.99 11.65 -8.83
C LEU G 134 -31.21 12.39 -7.74
N SER G 135 -29.88 12.32 -7.78
CA SER G 135 -29.08 13.01 -6.78
C SER G 135 -29.27 14.52 -6.87
N SER G 136 -29.25 15.05 -8.10
CA SER G 136 -29.48 16.49 -8.27
C SER G 136 -30.86 16.90 -7.81
N ASP G 137 -31.88 16.10 -8.14
CA ASP G 137 -33.24 16.41 -7.71
C ASP G 137 -33.35 16.40 -6.20
N LEU G 138 -32.75 15.40 -5.54
CA LEU G 138 -32.78 15.31 -4.09
C LEU G 138 -32.07 16.49 -3.45
N LYS G 139 -30.90 16.87 -3.98
CA LYS G 139 -30.17 18.01 -3.44
C LYS G 139 -30.98 19.29 -3.58
N PHE G 140 -31.60 19.50 -4.75
CA PHE G 140 -32.43 20.68 -4.96
C PHE G 140 -33.60 20.71 -3.99
N VAL G 141 -34.28 19.58 -3.83
CA VAL G 141 -35.44 19.53 -2.94
C VAL G 141 -35.04 19.81 -1.50
N MET G 142 -33.94 19.20 -1.06
CA MET G 142 -33.49 19.41 0.32
C MET G 142 -33.09 20.86 0.56
N GLU G 143 -32.34 21.46 -0.37
CA GLU G 143 -31.91 22.84 -0.19
C GLU G 143 -33.11 23.79 -0.22
N GLU G 144 -34.09 23.53 -1.07
CA GLU G 144 -35.28 24.39 -1.11
C GLU G 144 -36.10 24.24 0.15
N LEU G 145 -36.20 23.01 0.69
CA LEU G 145 -36.92 22.82 1.95
C LEU G 145 -36.22 23.56 3.08
N ASP G 146 -34.89 23.48 3.13
CA ASP G 146 -34.14 24.19 4.17
C ASP G 146 -34.33 25.70 4.04
N LYS G 147 -34.27 26.22 2.81
CA LYS G 147 -34.46 27.67 2.61
C LYS G 147 -35.87 28.09 3.01
N CYS G 148 -36.87 27.28 2.66
CA CYS G 148 -38.25 27.61 3.02
C CYS G 148 -38.42 27.60 4.54
N TYR G 149 -37.84 26.61 5.22
CA TYR G 149 -37.91 26.59 6.67
C TYR G 149 -37.24 27.82 7.28
N ASN G 150 -36.08 28.21 6.74
CA ASN G 150 -35.37 29.36 7.26
C ASN G 150 -36.18 30.65 7.10
N ARG G 151 -36.74 30.86 5.90
CA ARG G 151 -37.50 32.08 5.66
C ARG G 151 -38.78 32.10 6.46
N ASP G 152 -39.43 30.94 6.63
CA ASP G 152 -40.64 30.89 7.44
C ASP G 152 -40.34 31.18 8.91
N ILE G 153 -39.22 30.64 9.42
CA ILE G 153 -38.83 30.92 10.80
C ILE G 153 -38.53 32.40 10.98
N LYS G 154 -37.85 33.01 9.98
CA LYS G 154 -37.57 34.44 10.06
C LYS G 154 -38.87 35.25 10.04
N ASP G 155 -39.84 34.84 9.22
CA ASP G 155 -41.09 35.59 9.14
C ASP G 155 -41.91 35.48 10.41
N ILE G 156 -42.04 34.26 10.97
CA ILE G 156 -42.78 34.07 12.21
C ILE G 156 -42.03 34.59 13.42
N LYS G 157 -40.72 34.78 13.31
CA LYS G 157 -39.88 35.27 14.40
C LYS G 157 -39.92 34.32 15.60
N PRO G 195 -43.69 27.20 -2.46
CA PRO G 195 -44.60 26.98 -3.59
C PRO G 195 -43.94 26.24 -4.76
N ILE G 196 -42.63 26.38 -4.88
CA ILE G 196 -41.92 25.74 -6.00
C ILE G 196 -41.87 24.23 -5.82
N VAL G 197 -41.60 23.75 -4.60
CA VAL G 197 -41.41 22.32 -4.39
C VAL G 197 -42.73 21.58 -4.55
N GLU G 198 -43.83 22.17 -4.06
CA GLU G 198 -45.13 21.52 -4.21
C GLU G 198 -45.51 21.38 -5.67
N GLN G 199 -45.33 22.45 -6.46
CA GLN G 199 -45.65 22.39 -7.87
C GLN G 199 -44.74 21.40 -8.61
N TYR G 200 -43.45 21.39 -8.25
CA TYR G 200 -42.52 20.46 -8.89
C TYR G 200 -42.90 19.02 -8.59
N LEU G 201 -43.29 18.73 -7.35
CA LEU G 201 -43.76 17.38 -7.03
C LEU G 201 -45.06 17.06 -7.77
N LYS G 202 -45.91 18.08 -7.98
CA LYS G 202 -47.13 17.84 -8.76
C LYS G 202 -46.81 17.46 -10.20
N THR G 203 -45.83 18.13 -10.81
CA THR G 203 -45.41 17.73 -12.15
C THR G 203 -44.78 16.34 -12.15
N LYS G 204 -43.96 16.03 -11.14
CA LYS G 204 -43.37 14.71 -11.05
C LYS G 204 -44.42 13.62 -10.83
N ASN G 205 -45.58 13.98 -10.27
CA ASN G 205 -46.67 13.02 -10.11
C ASN G 205 -47.10 12.44 -11.46
N ASN G 206 -47.02 13.24 -12.52
CA ASN G 206 -47.42 12.81 -13.86
C ASN G 206 -46.26 12.23 -14.66
N SER G 207 -45.29 11.63 -13.97
CA SER G 207 -44.12 11.03 -14.61
C SER G 207 -44.02 9.56 -14.22
N TYR G 208 -43.33 8.79 -15.08
CA TYR G 208 -43.16 7.36 -14.83
C TYR G 208 -41.78 6.83 -15.20
N GLY G 209 -40.85 7.68 -15.63
CA GLY G 209 -39.55 7.17 -16.07
C GLY G 209 -38.76 6.52 -14.95
N LEU G 210 -38.68 7.19 -13.80
CA LEU G 210 -37.87 6.66 -12.70
C LEU G 210 -38.44 5.35 -12.17
N ILE G 211 -39.76 5.31 -11.97
CA ILE G 211 -40.38 4.08 -11.45
C ILE G 211 -40.26 2.95 -12.47
N ILE G 212 -40.34 3.29 -13.77
CA ILE G 212 -40.18 2.27 -14.80
C ILE G 212 -38.77 1.69 -14.77
N LYS G 213 -37.76 2.56 -14.66
CA LYS G 213 -36.39 2.08 -14.61
C LYS G 213 -36.15 1.22 -13.36
N TYR G 214 -36.70 1.66 -12.22
CA TYR G 214 -36.63 0.87 -11.00
C TYR G 214 -37.26 -0.50 -11.19
N LEU G 215 -38.42 -0.56 -11.85
CA LEU G 215 -39.11 -1.81 -12.06
C LEU G 215 -38.32 -2.75 -12.98
N ILE G 216 -37.74 -2.21 -14.05
CA ILE G 216 -36.95 -3.06 -14.94
C ILE G 216 -35.69 -3.56 -14.24
N CYS G 217 -35.09 -2.73 -13.37
CA CYS G 217 -33.93 -3.19 -12.61
C CYS G 217 -34.31 -4.34 -11.68
N ARG G 218 -35.42 -4.17 -10.94
CA ARG G 218 -35.87 -5.23 -10.04
C ARG G 218 -36.23 -6.50 -10.82
N VAL G 219 -36.88 -6.35 -11.97
CA VAL G 219 -37.28 -7.50 -12.77
C VAL G 219 -36.06 -8.23 -13.31
N VAL G 220 -35.05 -7.50 -13.77
CA VAL G 220 -33.82 -8.12 -14.26
C VAL G 220 -33.14 -8.89 -13.14
N THR G 221 -33.04 -8.27 -11.96
CA THR G 221 -32.42 -8.95 -10.82
C THR G 221 -33.18 -10.22 -10.46
N LEU G 222 -34.51 -10.14 -10.41
CA LEU G 222 -35.32 -11.30 -10.05
C LEU G 222 -35.18 -12.41 -11.09
N ILE G 223 -35.18 -12.04 -12.38
CA ILE G 223 -35.07 -13.05 -13.44
C ILE G 223 -33.71 -13.74 -13.37
N ILE G 224 -32.64 -12.98 -13.16
CA ILE G 224 -31.32 -13.58 -13.08
C ILE G 224 -31.21 -14.49 -11.86
N VAL G 225 -31.77 -14.07 -10.73
CA VAL G 225 -31.74 -14.91 -9.53
C VAL G 225 -32.53 -16.19 -9.76
N PHE G 226 -33.68 -16.10 -10.41
CA PHE G 226 -34.48 -17.30 -10.70
C PHE G 226 -33.74 -18.24 -11.63
N THR G 227 -33.09 -17.69 -12.66
CA THR G 227 -32.32 -18.53 -13.58
C THR G 227 -31.17 -19.22 -12.86
N ALA G 228 -30.49 -18.49 -11.96
CA ALA G 228 -29.43 -19.10 -11.16
C ALA G 228 -29.97 -20.20 -10.27
N CYS G 229 -31.15 -19.99 -9.67
CA CYS G 229 -31.76 -21.04 -8.86
C CYS G 229 -32.05 -22.29 -9.67
N ILE G 230 -32.61 -22.10 -10.87
CA ILE G 230 -32.92 -23.24 -11.73
C ILE G 230 -31.64 -23.98 -12.11
N TYR G 231 -30.60 -23.23 -12.48
CA TYR G 231 -29.34 -23.87 -12.86
C TYR G 231 -28.74 -24.64 -11.70
N LEU G 232 -28.78 -24.06 -10.50
CA LEU G 232 -28.21 -24.74 -9.33
C LEU G 232 -28.99 -26.00 -8.99
N GLY G 233 -30.32 -25.93 -9.07
CA GLY G 233 -31.11 -27.13 -8.85
C GLY G 233 -30.80 -28.21 -9.87
N TYR G 234 -30.66 -27.82 -11.14
CA TYR G 234 -30.32 -28.79 -12.18
C TYR G 234 -28.96 -29.41 -11.92
N TYR G 235 -27.97 -28.59 -11.53
CA TYR G 235 -26.63 -29.12 -11.25
C TYR G 235 -26.64 -30.06 -10.06
N ILE G 236 -27.40 -29.74 -9.02
CA ILE G 236 -27.51 -30.62 -7.87
C ILE G 236 -28.15 -31.94 -8.27
N SER G 237 -29.19 -31.88 -9.10
CA SER G 237 -29.86 -33.10 -9.54
C SER G 237 -28.95 -33.98 -10.39
N LEU G 238 -28.17 -33.36 -11.28
CA LEU G 238 -27.38 -34.13 -12.23
C LEU G 238 -26.03 -34.59 -11.69
N PHE G 239 -25.62 -34.15 -10.51
CA PHE G 239 -24.34 -34.56 -9.94
C PHE G 239 -24.49 -35.30 -8.61
N SER G 240 -25.67 -35.87 -8.35
CA SER G 240 -25.86 -36.74 -7.21
C SER G 240 -25.69 -38.21 -7.56
N LEU G 241 -25.42 -38.52 -8.83
CA LEU G 241 -25.31 -39.91 -9.25
C LEU G 241 -23.91 -40.48 -8.99
N THR G 242 -22.88 -39.90 -9.61
CA THR G 242 -21.49 -40.31 -9.37
C THR G 242 -20.59 -39.25 -9.97
N ASP G 243 -19.28 -39.39 -9.72
CA ASP G 243 -18.28 -38.46 -10.21
C ASP G 243 -17.07 -39.22 -10.75
N GLU G 244 -17.32 -40.29 -11.49
CA GLU G 244 -16.27 -41.08 -12.12
C GLU G 244 -16.58 -41.22 -13.61
N PHE G 245 -15.57 -40.97 -14.45
CA PHE G 245 -15.76 -41.04 -15.88
C PHE G 245 -14.55 -41.68 -16.53
N THR G 246 -14.78 -42.35 -17.65
CA THR G 246 -13.72 -43.01 -18.39
C THR G 246 -13.33 -42.17 -19.60
N CYS G 247 -12.05 -41.83 -19.67
CA CYS G 247 -11.46 -41.13 -20.81
C CYS G 247 -10.76 -42.14 -21.70
N ASN G 248 -10.85 -41.93 -23.01
CA ASN G 248 -10.24 -42.83 -23.99
C ASN G 248 -9.03 -42.12 -24.61
N ILE G 249 -7.85 -42.68 -24.40
CA ILE G 249 -6.60 -42.05 -24.81
C ILE G 249 -6.01 -42.69 -26.06
N ARG G 250 -6.72 -43.62 -26.68
CA ARG G 250 -6.28 -44.26 -27.92
C ARG G 250 -6.76 -43.48 -29.14
N THR G 251 -6.31 -42.24 -29.24
CA THR G 251 -6.66 -41.35 -30.34
C THR G 251 -5.39 -40.86 -31.02
N GLY G 252 -5.42 -40.80 -32.35
CA GLY G 252 -4.30 -40.30 -33.11
C GLY G 252 -3.36 -41.38 -33.62
N ILE G 253 -2.06 -41.11 -33.58
CA ILE G 253 -1.08 -42.07 -34.08
C ILE G 253 -0.93 -43.26 -33.14
N LEU G 254 -1.36 -43.14 -31.89
CA LEU G 254 -1.32 -44.24 -30.93
C LEU G 254 -2.67 -44.94 -30.79
N ARG G 255 -3.60 -44.67 -31.71
CA ARG G 255 -4.90 -45.32 -31.66
C ARG G 255 -4.79 -46.83 -31.89
N ASN G 256 -3.92 -47.24 -32.81
CA ASN G 256 -3.75 -48.65 -33.13
C ASN G 256 -2.76 -49.35 -32.21
N ASP G 257 -2.11 -48.63 -31.30
CA ASP G 257 -1.15 -49.25 -30.40
C ASP G 257 -1.91 -50.09 -29.38
N THR G 258 -1.37 -51.28 -29.08
CA THR G 258 -2.02 -52.20 -28.17
C THR G 258 -1.53 -52.10 -26.73
N ALA G 259 -0.41 -51.43 -26.49
CA ALA G 259 0.11 -51.32 -25.13
C ALA G 259 -0.78 -50.45 -24.25
N LEU G 260 -1.36 -49.39 -24.81
CA LEU G 260 -2.18 -48.49 -24.03
C LEU G 260 -3.50 -49.17 -23.66
N PRO G 261 -4.05 -48.86 -22.47
CA PRO G 261 -5.33 -49.45 -22.10
C PRO G 261 -6.45 -48.89 -22.95
N PRO G 262 -7.49 -49.68 -23.24
CA PRO G 262 -8.62 -49.16 -24.02
C PRO G 262 -9.33 -48.00 -23.35
N LEU G 263 -9.45 -48.01 -22.02
CA LEU G 263 -10.10 -46.94 -21.28
C LEU G 263 -9.30 -46.65 -20.02
N VAL G 264 -9.39 -45.39 -19.57
CA VAL G 264 -8.72 -44.94 -18.35
C VAL G 264 -9.75 -44.31 -17.44
N GLN G 265 -9.88 -44.83 -16.23
CA GLN G 265 -10.84 -44.30 -15.28
C GLN G 265 -10.27 -43.06 -14.58
N CYS G 266 -11.12 -42.06 -14.39
CA CYS G 266 -10.73 -40.82 -13.75
C CYS G 266 -11.84 -40.38 -12.81
N LYS G 267 -11.43 -39.69 -11.74
CA LYS G 267 -12.30 -39.25 -10.67
C LYS G 267 -12.26 -37.73 -10.58
N LEU G 268 -13.44 -37.12 -10.49
CA LEU G 268 -13.57 -35.70 -10.19
C LEU G 268 -13.42 -35.52 -8.68
N ILE G 269 -12.60 -34.55 -8.27
CA ILE G 269 -12.25 -34.44 -6.86
C ILE G 269 -13.19 -33.50 -6.13
N ALA G 270 -13.52 -32.36 -6.73
CA ALA G 270 -14.28 -31.32 -6.05
C ALA G 270 -15.78 -31.37 -6.32
N VAL G 271 -16.32 -32.54 -6.66
CA VAL G 271 -17.76 -32.64 -6.95
C VAL G 271 -18.58 -32.41 -5.69
N GLY G 272 -18.14 -33.02 -4.57
CA GLY G 272 -18.90 -32.87 -3.33
C GLY G 272 -18.89 -31.45 -2.81
N VAL G 273 -17.73 -30.80 -2.84
CA VAL G 273 -17.64 -29.41 -2.40
C VAL G 273 -18.50 -28.52 -3.29
N PHE G 274 -18.44 -28.76 -4.60
CA PHE G 274 -19.26 -27.99 -5.54
C PHE G 274 -20.74 -28.17 -5.24
N ARG G 275 -21.16 -29.41 -4.97
CA ARG G 275 -22.56 -29.68 -4.67
C ARG G 275 -23.01 -28.98 -3.39
N LEU G 276 -22.18 -29.05 -2.35
CA LEU G 276 -22.52 -28.39 -1.08
C LEU G 276 -22.62 -26.88 -1.26
N LEU G 277 -21.66 -26.28 -1.98
CA LEU G 277 -21.68 -24.84 -2.18
C LEU G 277 -22.86 -24.42 -3.06
N SER G 278 -23.20 -25.23 -4.06
CA SER G 278 -24.37 -24.93 -4.88
C SER G 278 -25.64 -25.01 -4.06
N TYR G 279 -25.73 -25.98 -3.15
CA TYR G 279 -26.88 -26.07 -2.26
C TYR G 279 -26.99 -24.84 -1.37
N ILE G 280 -25.85 -24.39 -0.84
CA ILE G 280 -25.85 -23.18 0.00
C ILE G 280 -26.30 -21.97 -0.80
N ASN G 281 -25.79 -21.85 -2.03
CA ASN G 281 -26.14 -20.71 -2.88
C ASN G 281 -27.64 -20.73 -3.21
N LEU G 282 -28.17 -21.91 -3.51
CA LEU G 282 -29.59 -22.04 -3.80
C LEU G 282 -30.43 -21.67 -2.59
N ILE G 283 -30.01 -22.10 -1.40
CA ILE G 283 -30.74 -21.77 -0.17
C ILE G 283 -30.76 -20.27 0.04
N ILE G 284 -29.60 -19.62 -0.13
CA ILE G 284 -29.52 -18.18 0.09
C ILE G 284 -30.37 -17.43 -0.93
N TYR G 285 -30.33 -17.85 -2.19
CA TYR G 285 -31.12 -17.18 -3.23
C TYR G 285 -32.61 -17.38 -2.97
N VAL G 286 -33.02 -18.57 -2.54
CA VAL G 286 -34.42 -18.79 -2.19
C VAL G 286 -34.83 -17.90 -1.03
N LEU G 287 -33.95 -17.75 -0.04
CA LEU G 287 -34.23 -16.88 1.10
C LEU G 287 -34.38 -15.42 0.68
N ILE G 288 -33.56 -14.94 -0.25
CA ILE G 288 -33.60 -13.55 -0.68
C ILE G 288 -34.62 -13.33 -1.80
N MET G 289 -35.25 -14.39 -2.28
CA MET G 289 -36.29 -14.24 -3.30
C MET G 289 -37.42 -13.30 -2.88
N PRO G 290 -38.05 -13.46 -1.71
CA PRO G 290 -39.17 -12.56 -1.37
C PRO G 290 -38.73 -11.12 -1.13
N PHE G 291 -37.45 -10.88 -0.87
CA PHE G 291 -37.00 -9.53 -0.59
C PHE G 291 -37.08 -8.65 -1.85
N ILE G 292 -36.80 -9.23 -3.02
CA ILE G 292 -36.96 -8.47 -4.26
C ILE G 292 -38.41 -8.14 -4.51
N ILE G 293 -39.31 -9.10 -4.23
CA ILE G 293 -40.74 -8.87 -4.40
C ILE G 293 -41.20 -7.74 -3.48
N TYR G 294 -40.75 -7.76 -2.23
CA TYR G 294 -41.04 -6.66 -1.32
C TYR G 294 -40.40 -5.35 -1.79
N ALA G 295 -39.26 -5.43 -2.48
CA ALA G 295 -38.56 -4.23 -2.92
C ALA G 295 -39.32 -3.51 -4.03
N MET G 296 -39.77 -4.25 -5.05
CA MET G 296 -40.50 -3.62 -6.15
C MET G 296 -41.98 -3.42 -5.83
N LEU G 297 -42.44 -3.87 -4.67
CA LEU G 297 -43.81 -3.63 -4.20
C LEU G 297 -43.86 -2.21 -3.63
N VAL G 298 -44.00 -1.25 -4.54
CA VAL G 298 -44.03 0.17 -4.18
C VAL G 298 -45.41 0.61 -3.70
N PRO G 299 -46.51 0.31 -4.41
CA PRO G 299 -47.82 0.83 -3.95
C PRO G 299 -48.21 0.37 -2.57
N PHE G 300 -47.88 -0.86 -2.18
CA PHE G 300 -48.28 -1.41 -0.90
C PHE G 300 -47.22 -1.24 0.19
N ARG G 301 -46.13 -0.53 -0.11
CA ARG G 301 -45.09 -0.32 0.89
C ARG G 301 -45.57 0.59 2.00
N LYS G 302 -45.09 0.35 3.21
CA LYS G 302 -45.40 1.18 4.38
C LYS G 302 -44.57 2.44 4.29
N THR G 303 -45.11 3.45 3.62
CA THR G 303 -44.41 4.70 3.38
C THR G 303 -45.11 5.83 4.14
N ALA G 304 -44.34 6.62 4.86
CA ALA G 304 -44.82 7.80 5.57
C ALA G 304 -44.34 9.04 4.84
N ASN G 305 -45.26 9.93 4.49
CA ASN G 305 -44.90 11.12 3.73
C ASN G 305 -44.11 12.09 4.59
N VAL G 306 -42.98 12.56 4.06
CA VAL G 306 -42.14 13.52 4.78
C VAL G 306 -42.85 14.87 4.89
N LEU G 307 -43.58 15.25 3.84
CA LEU G 307 -44.18 16.59 3.78
C LEU G 307 -45.25 16.80 4.84
N LYS G 308 -45.71 15.74 5.50
CA LYS G 308 -46.76 15.90 6.52
C LYS G 308 -46.27 16.77 7.67
N VAL G 309 -45.03 16.57 8.12
CA VAL G 309 -44.50 17.40 9.19
C VAL G 309 -44.26 18.82 8.71
N TYR G 310 -43.92 18.98 7.42
CA TYR G 310 -43.72 20.31 6.86
C TYR G 310 -45.04 21.06 6.65
N GLU G 311 -46.17 20.35 6.60
CA GLU G 311 -47.47 21.02 6.48
C GLU G 311 -47.77 21.89 7.68
N VAL G 312 -47.10 21.68 8.81
CA VAL G 312 -47.29 22.55 9.97
C VAL G 312 -46.87 23.97 9.63
N LEU G 313 -45.82 24.13 8.84
CA LEU G 313 -45.38 25.45 8.43
C LEU G 313 -46.46 26.14 7.60
N PRO G 314 -46.83 27.37 7.94
CA PRO G 314 -47.89 28.05 7.15
C PRO G 314 -47.52 28.26 5.70
N THR G 315 -46.24 28.44 5.39
CA THR G 315 -45.84 28.64 3.99
C THR G 315 -46.13 27.41 3.15
N PHE G 316 -45.87 26.22 3.69
CA PHE G 316 -46.16 24.99 2.96
C PHE G 316 -47.67 24.75 2.88
N SER G 317 -48.11 24.23 1.75
CA SER G 317 -49.52 23.94 1.53
C SER G 317 -49.71 22.64 0.79
N THR G 325 -48.12 4.95 -5.31
CA THR G 325 -48.84 3.84 -5.92
C THR G 325 -48.54 3.75 -7.41
N TYR G 326 -47.44 3.09 -7.75
CA TYR G 326 -46.98 2.94 -9.13
C TYR G 326 -46.84 4.31 -9.79
N ASP G 327 -45.93 5.11 -9.24
CA ASP G 327 -45.76 6.49 -9.67
C ASP G 327 -44.35 6.95 -9.36
N ASP G 328 -43.90 7.98 -10.11
CA ASP G 328 -42.61 8.60 -9.82
C ASP G 328 -42.65 9.36 -8.50
N HIS G 329 -43.79 9.96 -8.16
CA HIS G 329 -43.89 10.72 -6.92
C HIS G 329 -43.70 9.83 -5.70
N SER G 330 -44.28 8.62 -5.72
CA SER G 330 -44.13 7.71 -4.60
C SER G 330 -42.68 7.26 -4.43
N LEU G 331 -42.01 6.94 -5.54
CA LEU G 331 -40.61 6.54 -5.47
C LEU G 331 -39.74 7.68 -4.98
N PHE G 332 -40.01 8.91 -5.44
CA PHE G 332 -39.24 10.05 -4.98
C PHE G 332 -39.46 10.32 -3.50
N LEU G 333 -40.70 10.14 -3.02
CA LEU G 333 -40.97 10.28 -1.60
C LEU G 333 -40.24 9.21 -0.79
N LEU G 334 -40.20 7.98 -1.31
CA LEU G 334 -39.46 6.92 -0.63
C LEU G 334 -37.98 7.25 -0.54
N PHE G 335 -37.40 7.76 -1.63
CA PHE G 335 -35.99 8.13 -1.62
C PHE G 335 -35.74 9.30 -0.68
N LEU G 336 -36.67 10.25 -0.63
CA LEU G 336 -36.55 11.36 0.32
C LEU G 336 -36.55 10.85 1.75
N GLU G 337 -37.48 9.94 2.07
CA GLU G 337 -37.56 9.40 3.42
C GLU G 337 -36.29 8.61 3.77
N GLU G 338 -35.77 7.84 2.81
CA GLU G 338 -34.55 7.08 3.06
C GLU G 338 -33.34 8.00 3.20
N ASN G 339 -33.38 9.18 2.57
CA ASN G 339 -32.27 10.12 2.62
C ASN G 339 -32.59 11.36 3.46
N VAL G 340 -33.60 11.28 4.33
CA VAL G 340 -34.01 12.43 5.13
C VAL G 340 -33.17 12.62 6.39
N SER G 341 -32.29 11.68 6.70
CA SER G 341 -31.49 11.77 7.93
C SER G 341 -30.54 12.96 7.90
N GLU G 342 -30.13 13.42 6.71
CA GLU G 342 -29.21 14.54 6.63
C GLU G 342 -29.87 15.87 6.97
N LEU G 343 -31.16 16.02 6.67
CA LEU G 343 -31.86 17.25 6.97
C LEU G 343 -31.99 17.47 8.47
N LYS G 344 -31.75 18.70 8.91
CA LYS G 344 -31.85 19.05 10.32
C LYS G 344 -33.14 19.77 10.68
N SER G 345 -33.70 20.57 9.77
CA SER G 345 -35.00 21.17 10.01
C SER G 345 -36.08 20.09 10.07
N TYR G 346 -35.97 19.08 9.21
CA TYR G 346 -36.90 17.95 9.28
C TYR G 346 -36.85 17.28 10.64
N LYS G 347 -35.68 17.26 11.29
CA LYS G 347 -35.59 16.70 12.62
C LYS G 347 -36.44 17.49 13.61
N PHE G 348 -36.38 18.82 13.53
CA PHE G 348 -37.21 19.66 14.40
C PHE G 348 -38.69 19.42 14.13
N LEU G 349 -39.07 19.36 12.84
CA LEU G 349 -40.47 19.16 12.51
C LEU G 349 -40.96 17.79 12.97
N LYS G 350 -40.13 16.76 12.82
CA LYS G 350 -40.51 15.42 13.25
C LYS G 350 -40.60 15.33 14.77
N VAL G 351 -39.71 16.04 15.48
CA VAL G 351 -39.80 16.08 16.94
C VAL G 351 -41.11 16.75 17.37
N LEU G 352 -41.47 17.85 16.72
CA LEU G 352 -42.73 18.51 17.03
C LEU G 352 -43.92 17.60 16.73
N GLU G 353 -43.87 16.89 15.60
CA GLU G 353 -44.94 15.96 15.26
C GLU G 353 -45.07 14.85 16.28
N ASN G 354 -43.94 14.30 16.72
CA ASN G 354 -43.98 13.25 17.74
C ASN G 354 -44.52 13.78 19.06
N ILE G 355 -44.16 15.01 19.41
CA ILE G 355 -44.67 15.62 20.64
C ILE G 355 -46.18 15.78 20.56
N LYS G 356 -46.68 16.26 19.43
CA LYS G 356 -48.12 16.49 19.27
C LYS G 356 -48.90 15.21 19.05
N ASN G 357 -48.24 14.12 18.67
CA ASN G 357 -48.94 12.86 18.43
C ASN G 357 -49.50 12.29 19.73
N THR G 358 -48.82 12.52 20.85
CA THR G 358 -49.29 11.99 22.13
C THR G 358 -50.64 12.58 22.51
N GLY G 359 -50.82 13.89 22.30
CA GLY G 359 -52.07 14.53 22.61
C GLY G 359 -51.92 15.70 23.57
N GLU G 360 -50.70 16.23 23.69
CA GLU G 360 -50.46 17.36 24.57
C GLU G 360 -51.15 18.60 24.04
N ASN G 361 -51.79 19.35 24.94
CA ASN G 361 -52.54 20.54 24.58
C ASN G 361 -51.67 21.78 24.74
N PHE G 362 -50.70 21.91 23.83
CA PHE G 362 -49.80 23.06 23.79
C PHE G 362 -49.81 23.66 22.39
N ASP G 363 -49.85 24.97 22.33
CA ASP G 363 -49.85 25.67 21.04
C ASP G 363 -48.50 25.51 20.35
N THR G 364 -48.54 25.29 19.04
CA THR G 364 -47.31 25.10 18.27
C THR G 364 -46.64 26.41 17.88
N ILE G 365 -47.36 27.54 17.99
CA ILE G 365 -46.79 28.81 17.56
C ILE G 365 -45.59 29.19 18.43
N GLN G 366 -45.70 29.00 19.74
CA GLN G 366 -44.60 29.31 20.64
C GLN G 366 -43.40 28.42 20.36
N TYR G 367 -43.64 27.13 20.10
CA TYR G 367 -42.54 26.22 19.80
C TYR G 367 -41.86 26.60 18.49
N LEU G 368 -42.64 26.98 17.48
CA LEU G 368 -42.05 27.41 16.21
C LEU G 368 -41.24 28.69 16.38
N THR G 369 -41.74 29.64 17.18
CA THR G 369 -41.01 30.88 17.38
C THR G 369 -39.76 30.65 18.23
N SER G 370 -39.76 29.63 19.07
CA SER G 370 -38.58 29.34 19.89
C SER G 370 -37.38 28.95 19.03
N LEU G 371 -37.62 28.15 18.00
CA LEU G 371 -36.53 27.71 17.13
C LEU G 371 -36.08 28.87 16.23
N GLY G 372 -34.81 28.79 15.80
CA GLY G 372 -34.25 29.80 14.93
C GLY G 372 -33.72 29.21 13.64
N THR G 373 -32.80 29.93 13.00
CA THR G 373 -32.20 29.45 11.76
C THR G 373 -31.34 28.22 12.04
N VAL G 374 -31.45 27.21 11.17
CA VAL G 374 -30.71 25.97 11.34
C VAL G 374 -29.35 26.07 10.65
N LYS G 375 -29.36 26.45 9.37
CA LYS G 375 -28.12 26.61 8.60
C LYS G 375 -28.42 27.27 7.25
#